data_7A3G
#
_entry.id   7A3G
#
_cell.length_a   153.598
_cell.length_b   153.598
_cell.length_c   270.222
_cell.angle_alpha   90.000
_cell.angle_beta   90.000
_cell.angle_gamma   120.000
#
_symmetry.space_group_name_H-M   'P 61'
#
loop_
_entity.id
_entity.type
_entity.pdbx_description
1 polymer 'Dipeptidyl peptidase 8'
2 non-polymer 'trimethylamine oxide'
3 non-polymer ~{N}-[3-(7,8-dihydro-5~{H}-[1,3]dioxolo[4,5-g]isoquinolin-6-ylmethyl)phenyl]-2-ethyl-2-methanoyl-butanamide
4 non-polymer GLYCEROL
5 non-polymer 'PHOSPHATE ION'
6 non-polymer 1-[3-(7,8-dihydro-5~{H}-[1,3]dioxolo[4,5-g]isoquinolin-6-ylmethyl)phenyl]-3,3-diethyl-azetidine-2,4-dione
7 non-polymer 'CHLORIDE ION'
8 water water
#
_entity_poly.entity_id   1
_entity_poly.type   'polypeptide(L)'
_entity_poly.pdbx_seq_one_letter_code
;MWKRSEQMKIKSGKCNMAAAMETEQLGVEIFETADCEENIESQDRPKLEPFYVERYSWSQLKKLLADTRKYHGYMMAKAP
HDFMFVKRNDPDGPHSDRIYYLAMSGENRENTLFYSEIPKTINRAAVLMLSWKPLLDLFQATLDYGMYSREEELLRERKR
IGTVGIASYDYHQGSGTFLFQAGSGIYHVKDGGPQGFTQQPLRPNLVETSCPNIRMDPKLCPADPDWIAFIHSNDIWISN
IVTREERRLTYVHNELANMEEDARSAGVATFVLQEEFDRYSGYWWCPKAETTPSGGKILRILYEENDESEVEIIHVTSPM
LETRRADSFRYPKTGTANPKVTFKMSEIMIDAEGRIIDVIDKELIQPFEILFEGVEYIARAGWTPEGKYAWSILLDRSQT
RLQIVLISPELFIPVEDDVMERQRLIESVPDSVTPLIIYEETTDIWINIHDIFHVFPQSHEEEIEFIFASECKTGFRHLY
KITSILKESKYKRSSGGLPAPSDFKCPIKEEIAITSGEWEVLGRHGSNIQVDEVRRLVYFEGTKDSPLEHHLYVVSYVNP
GEVTRLTDRGYSHSCCISQHCDFFISKYSNQKNPHCVSLYKLSSPEDDPTCKTKEFWATILDSAGPLPDYTPPEIFSFES
TTGFTLYGMLYKPHDLQPGKKYPTVLFIYGGPQVQLVNNRFKGVKYFRLNTLASLGYVVVVIDNRGSCHRGLKFEGAFKY
KMGQIEIDDQVEGLQYLASRYDFIDLDRVGIHGWSYGGYLSLMALMQRSDIFRVAIAGAPVTLWIFYDTGYTERYMGHPD
QNEQGYYLGSVAMQAEKFPSEPNRLLLLHGFLDENVHFAHTSILLSFLVRAGKPYDLQIYPQERHSIRVPESGEHYELHL
LHYLQENLGSRIAALKVI
;
_entity_poly.pdbx_strand_id   B,A
#
loop_
_chem_comp.id
_chem_comp.type
_chem_comp.name
_chem_comp.formula
CL non-polymer 'CHLORIDE ION' 'Cl -1'
GOL non-polymer GLYCEROL 'C3 H8 O3'
PO4 non-polymer 'PHOSPHATE ION' 'O4 P -3'
QXQ non-polymer ~{N}-[3-(7,8-dihydro-5~{H}-[1,3]dioxolo[4,5-g]isoquinolin-6-ylmethyl)phenyl]-2-ethyl-2-methanoyl-butanamide 'C24 H28 N2 O4'
QXT non-polymer 1-[3-(7,8-dihydro-5~{H}-[1,3]dioxolo[4,5-g]isoquinolin-6-ylmethyl)phenyl]-3,3-diethyl-azetidine-2,4-dione 'C24 H26 N2 O4'
TMO non-polymer 'trimethylamine oxide' 'C3 H9 N O'
#
# COMPACT_ATOMS: atom_id res chain seq x y z
N PRO A 46 -36.31 39.36 0.48
CA PRO A 46 -35.36 39.19 -0.62
C PRO A 46 -34.78 37.77 -0.69
N LYS A 47 -34.69 37.20 -1.90
CA LYS A 47 -34.07 35.87 -2.12
C LYS A 47 -32.93 35.83 -3.15
N LEU A 48 -32.99 36.66 -4.20
CA LEU A 48 -31.97 36.75 -5.27
C LEU A 48 -31.88 35.49 -6.14
N GLU A 49 -31.36 35.64 -7.36
CA GLU A 49 -31.23 34.53 -8.29
C GLU A 49 -29.85 33.86 -8.18
N PRO A 50 -29.80 32.52 -8.31
CA PRO A 50 -28.53 31.83 -8.23
C PRO A 50 -27.73 31.93 -9.54
N PHE A 51 -26.48 32.35 -9.44
CA PHE A 51 -25.55 32.27 -10.58
C PHE A 51 -25.03 30.84 -10.68
N TYR A 52 -25.02 30.31 -11.90
CA TYR A 52 -24.41 29.01 -12.19
C TYR A 52 -23.15 29.24 -13.01
N VAL A 53 -22.06 28.54 -12.66
CA VAL A 53 -20.79 28.69 -13.37
C VAL A 53 -20.89 28.07 -14.76
N GLU A 54 -19.98 28.47 -15.64
CA GLU A 54 -19.92 27.94 -16.99
C GLU A 54 -19.57 26.46 -16.90
N ARG A 55 -20.46 25.61 -17.42
CA ARG A 55 -20.25 24.17 -17.40
C ARG A 55 -19.41 23.71 -18.59
N TYR A 56 -18.08 23.86 -18.45
CA TYR A 56 -17.12 23.40 -19.45
C TYR A 56 -16.91 21.88 -19.36
N SER A 57 -16.38 21.28 -20.42
CA SER A 57 -16.00 19.88 -20.42
C SER A 57 -14.61 19.71 -19.79
N TRP A 58 -14.25 18.44 -19.55
CA TRP A 58 -12.93 18.08 -19.01
C TRP A 58 -11.82 18.67 -19.88
N SER A 59 -11.88 18.40 -21.19
CA SER A 59 -10.90 18.93 -22.14
C SER A 59 -10.80 20.45 -22.17
N GLN A 60 -11.94 21.12 -22.03
CA GLN A 60 -11.99 22.59 -22.03
C GLN A 60 -11.36 23.20 -20.78
N LEU A 61 -11.67 22.64 -19.60
CA LEU A 61 -11.03 23.06 -18.35
C LEU A 61 -9.52 22.83 -18.36
N LYS A 62 -9.08 21.71 -18.94
CA LYS A 62 -7.64 21.45 -19.09
C LYS A 62 -6.98 22.56 -19.90
N LYS A 63 -7.64 22.96 -21.00
CA LYS A 63 -7.16 24.07 -21.84
C LYS A 63 -7.18 25.39 -21.08
N LEU A 64 -8.29 25.68 -20.39
CA LEU A 64 -8.42 26.88 -19.57
C LEU A 64 -7.30 27.01 -18.53
N LEU A 65 -7.04 25.92 -17.81
CA LEU A 65 -5.98 25.89 -16.79
C LEU A 65 -4.60 26.04 -17.42
N ALA A 66 -4.34 25.28 -18.49
CA ALA A 66 -3.06 25.33 -19.21
C ALA A 66 -2.75 26.72 -19.77
N ASP A 67 -3.78 27.40 -20.28
CA ASP A 67 -3.63 28.76 -20.84
C ASP A 67 -3.34 29.81 -19.77
N THR A 68 -4.02 29.73 -18.62
CA THR A 68 -3.87 30.71 -17.53
C THR A 68 -2.51 30.64 -16.81
N ARG A 69 -1.88 29.47 -16.75
CA ARG A 69 -0.52 29.32 -16.17
C ARG A 69 0.62 29.46 -17.19
N LYS A 70 0.37 29.08 -18.46
CA LYS A 70 1.33 29.29 -19.57
C LYS A 70 1.64 30.78 -19.78
N TYR A 71 0.67 31.66 -19.49
CA TYR A 71 0.86 33.11 -19.58
C TYR A 71 1.99 33.57 -18.63
N HIS A 72 1.90 33.15 -17.36
CA HIS A 72 2.99 33.39 -16.38
C HIS A 72 3.97 32.19 -16.34
N GLY A 73 4.78 32.05 -15.29
CA GLY A 73 5.91 31.11 -15.26
C GLY A 73 7.18 31.83 -14.83
N TYR A 74 7.23 33.13 -15.11
CA TYR A 74 8.26 34.04 -14.56
C TYR A 74 8.22 34.05 -13.03
N MET A 75 7.02 33.88 -12.47
CA MET A 75 6.79 33.92 -11.02
C MET A 75 7.42 32.74 -10.27
N MET A 76 7.61 31.60 -10.95
CA MET A 76 8.29 30.44 -10.36
C MET A 76 9.81 30.55 -10.55
N ALA A 77 10.41 31.47 -9.78
CA ALA A 77 11.86 31.73 -9.79
C ALA A 77 12.30 32.24 -8.43
N LYS A 78 13.28 31.57 -7.82
CA LYS A 78 13.73 31.86 -6.46
C LYS A 78 14.34 33.26 -6.36
N ALA A 79 13.73 34.13 -5.55
CA ALA A 79 14.20 35.50 -5.36
C ALA A 79 15.49 35.54 -4.52
N PRO A 80 16.34 36.55 -4.71
CA PRO A 80 17.60 36.65 -3.99
C PRO A 80 17.48 36.40 -2.48
N HIS A 81 18.41 35.62 -1.93
CA HIS A 81 18.38 35.23 -0.51
C HIS A 81 19.76 34.79 -0.02
N ASP A 82 19.88 34.49 1.27
CA ASP A 82 21.15 34.09 1.90
C ASP A 82 22.22 35.13 1.57
N PHE A 83 21.95 36.39 1.93
CA PHE A 83 22.87 37.48 1.62
C PHE A 83 24.07 37.50 2.55
N MET A 84 25.18 38.04 2.08
CA MET A 84 26.37 38.25 2.91
C MET A 84 27.16 39.45 2.42
N PHE A 85 27.45 40.38 3.34
CA PHE A 85 28.16 41.61 3.04
C PHE A 85 29.63 41.43 3.37
N VAL A 86 30.52 41.73 2.42
CA VAL A 86 31.98 41.72 2.66
C VAL A 86 32.56 43.07 2.24
N LYS A 87 33.41 43.63 3.11
CA LYS A 87 33.99 44.97 2.88
C LYS A 87 35.13 44.92 1.89
N ARG A 88 35.18 45.90 0.98
CA ARG A 88 36.26 46.03 0.01
C ARG A 88 37.56 46.50 0.67
N ASN A 89 37.45 47.54 1.50
CA ASN A 89 38.61 48.20 2.12
C ASN A 89 39.59 48.70 1.05
N ASP A 90 39.07 49.54 0.17
CA ASP A 90 39.86 50.18 -0.88
C ASP A 90 39.55 51.69 -0.85
N PRO A 91 40.44 52.50 -0.23
CA PRO A 91 40.25 53.95 -0.15
C PRO A 91 39.99 54.64 -1.49
N ASP A 92 40.75 54.26 -2.52
CA ASP A 92 40.63 54.84 -3.86
C ASP A 92 39.45 54.27 -4.66
N GLY A 93 39.05 53.02 -4.37
CA GLY A 93 38.00 52.34 -5.12
C GLY A 93 36.60 52.88 -4.85
N PRO A 94 35.69 52.78 -5.84
CA PRO A 94 34.37 53.42 -5.71
C PRO A 94 33.33 52.64 -4.90
N HIS A 95 33.64 51.40 -4.50
CA HIS A 95 32.68 50.53 -3.81
C HIS A 95 33.08 50.27 -2.36
N SER A 96 32.10 50.23 -1.47
CA SER A 96 32.32 50.05 -0.02
C SER A 96 32.24 48.57 0.37
N ASP A 97 31.17 47.92 -0.06
CA ASP A 97 30.91 46.49 0.18
C ASP A 97 30.72 45.73 -1.14
N ARG A 98 30.96 44.41 -1.09
CA ARG A 98 30.45 43.48 -2.10
C ARG A 98 29.49 42.54 -1.39
N ILE A 99 28.32 42.32 -1.99
CA ILE A 99 27.32 41.42 -1.43
C ILE A 99 27.18 40.14 -2.26
N TYR A 100 27.23 39.00 -1.57
CA TYR A 100 27.05 37.70 -2.19
C TYR A 100 25.68 37.17 -1.80
N TYR A 101 25.04 36.46 -2.73
CA TYR A 101 23.68 35.93 -2.51
C TYR A 101 23.32 34.83 -3.51
N LEU A 102 22.31 34.04 -3.14
CA LEU A 102 21.80 32.96 -3.99
C LEU A 102 20.54 33.44 -4.68
N ALA A 103 20.43 33.11 -5.97
CA ALA A 103 19.27 33.50 -6.76
C ALA A 103 19.15 32.63 -8.01
N MET A 104 17.95 32.61 -8.57
CA MET A 104 17.65 31.91 -9.81
C MET A 104 17.63 32.98 -10.89
N SER A 105 18.50 32.83 -11.89
CA SER A 105 18.75 33.89 -12.88
C SER A 105 17.49 34.25 -13.70
N GLY A 106 16.71 33.25 -14.09
CA GLY A 106 15.45 33.48 -14.81
C GLY A 106 14.69 32.20 -15.16
N GLU A 107 13.50 32.04 -14.58
CA GLU A 107 12.59 30.92 -14.87
C GLU A 107 13.22 29.53 -14.60
N ASN A 108 13.35 28.68 -15.61
CA ASN A 108 13.87 27.32 -15.43
C ASN A 108 15.40 27.32 -15.56
N ARG A 109 16.05 27.86 -14.54
CA ARG A 109 17.51 27.85 -14.42
C ARG A 109 17.89 27.45 -13.01
N GLU A 110 19.16 27.13 -12.84
CA GLU A 110 19.65 26.61 -11.56
C GLU A 110 19.88 27.75 -10.56
N ASN A 111 19.62 27.45 -9.29
CA ASN A 111 19.87 28.40 -8.20
C ASN A 111 21.38 28.43 -7.96
N THR A 112 21.99 29.60 -8.08
CA THR A 112 23.45 29.72 -7.98
C THR A 112 23.91 31.03 -7.33
N LEU A 113 25.19 31.09 -7.00
CA LEU A 113 25.80 32.25 -6.38
C LEU A 113 25.96 33.42 -7.36
N PHE A 114 25.58 34.60 -6.90
CA PHE A 114 25.78 35.85 -7.61
C PHE A 114 26.43 36.85 -6.68
N TYR A 115 26.90 37.97 -7.23
CA TYR A 115 27.33 39.11 -6.44
C TYR A 115 26.96 40.44 -7.10
N SER A 116 26.85 41.48 -6.26
CA SER A 116 26.65 42.86 -6.72
C SER A 116 27.61 43.78 -5.98
N GLU A 117 27.77 44.98 -6.53
CA GLU A 117 28.73 45.94 -6.03
C GLU A 117 28.00 47.09 -5.36
N ILE A 118 28.31 47.34 -4.08
CA ILE A 118 27.67 48.40 -3.30
C ILE A 118 28.54 49.66 -3.33
N PRO A 119 28.05 50.74 -3.98
CA PRO A 119 28.86 51.95 -4.08
C PRO A 119 28.90 52.80 -2.80
N LYS A 120 30.03 53.48 -2.60
CA LYS A 120 30.22 54.40 -1.45
C LYS A 120 29.24 55.57 -1.48
N THR A 121 28.90 56.03 -2.68
CA THR A 121 27.96 57.14 -2.89
C THR A 121 27.01 56.80 -4.04
N ILE A 122 25.88 57.50 -4.10
CA ILE A 122 24.90 57.33 -5.19
C ILE A 122 24.38 58.67 -5.71
N ASN A 123 23.77 58.63 -6.88
CA ASN A 123 23.04 59.76 -7.42
C ASN A 123 21.63 59.71 -6.83
N ARG A 124 21.36 60.58 -5.86
CA ARG A 124 20.06 60.60 -5.17
C ARG A 124 18.88 61.08 -6.02
N ALA A 125 19.16 61.62 -7.22
CA ALA A 125 18.12 61.94 -8.20
C ALA A 125 17.49 60.69 -8.81
N ALA A 126 18.33 59.71 -9.16
CA ALA A 126 17.89 58.48 -9.83
C ALA A 126 17.84 57.28 -8.89
N VAL A 127 17.29 56.17 -9.40
CA VAL A 127 17.20 54.90 -8.68
C VAL A 127 18.26 53.95 -9.25
N LEU A 128 19.20 53.50 -8.41
CA LEU A 128 20.23 52.55 -8.84
C LEU A 128 19.70 51.09 -8.85
N MET A 129 19.76 50.45 -10.01
CA MET A 129 19.49 49.00 -10.14
C MET A 129 20.83 48.28 -10.14
N LEU A 130 21.08 47.45 -9.13
CA LEU A 130 22.29 46.62 -9.09
C LEU A 130 22.19 45.53 -10.16
N SER A 131 23.33 45.25 -10.80
CA SER A 131 23.42 44.19 -11.78
C SER A 131 23.96 42.93 -11.09
N TRP A 132 23.51 41.77 -11.58
CA TRP A 132 23.84 40.48 -10.98
C TRP A 132 25.05 39.88 -11.70
N LYS A 133 26.20 39.87 -11.02
CA LYS A 133 27.43 39.25 -11.54
C LYS A 133 27.49 37.78 -11.13
N PRO A 134 27.63 36.84 -12.10
CA PRO A 134 27.75 35.44 -11.69
C PRO A 134 29.07 35.18 -10.99
N LEU A 135 29.01 34.62 -9.78
CA LEU A 135 30.22 34.23 -9.05
C LEU A 135 30.86 32.99 -9.67
N LEU A 136 30.04 32.09 -10.24
CA LEU A 136 30.51 30.79 -10.73
C LEU A 136 30.51 30.64 -12.26
N ASP A 137 31.42 29.79 -12.73
CA ASP A 137 31.59 29.50 -14.15
C ASP A 137 30.64 28.41 -14.67
N LEU A 138 29.94 27.72 -13.76
CA LEU A 138 29.15 26.51 -14.09
C LEU A 138 30.16 25.45 -14.58
N PHE A 139 29.87 24.73 -15.67
CA PHE A 139 30.89 23.95 -16.39
C PHE A 139 31.44 22.78 -15.57
N VAL A 164 22.04 19.85 -10.84
CA VAL A 164 22.86 20.90 -10.22
C VAL A 164 21.94 21.95 -9.56
N GLY A 165 22.53 22.83 -8.74
CA GLY A 165 21.77 23.85 -8.00
C GLY A 165 22.28 23.96 -6.57
N ILE A 166 22.38 25.18 -6.05
CA ILE A 166 22.94 25.42 -4.71
C ILE A 166 21.84 25.88 -3.75
N ALA A 167 21.58 25.07 -2.71
CA ALA A 167 20.58 25.40 -1.70
C ALA A 167 21.16 26.27 -0.57
N SER A 168 22.43 26.10 -0.25
CA SER A 168 23.12 26.93 0.74
C SER A 168 24.63 26.93 0.55
N TYR A 169 25.31 27.86 1.23
CA TYR A 169 26.77 27.95 1.20
C TYR A 169 27.35 28.31 2.57
N ASP A 170 28.64 28.01 2.74
CA ASP A 170 29.42 28.42 3.92
C ASP A 170 30.45 29.44 3.48
N TYR A 171 30.97 30.19 4.44
CA TYR A 171 32.01 31.18 4.18
C TYR A 171 32.96 31.27 5.36
N HIS A 172 34.22 31.59 5.07
CA HIS A 172 35.22 31.86 6.09
C HIS A 172 35.79 33.25 5.79
N GLN A 173 35.51 34.21 6.67
CA GLN A 173 35.92 35.62 6.50
C GLN A 173 37.41 35.78 6.24
N GLY A 174 38.22 35.18 7.12
CA GLY A 174 39.68 35.36 7.10
C GLY A 174 40.42 34.90 5.85
N SER A 175 39.84 33.97 5.11
CA SER A 175 40.45 33.37 3.91
C SER A 175 39.71 33.63 2.59
N GLY A 176 38.42 33.93 2.67
CA GLY A 176 37.58 34.13 1.48
C GLY A 176 36.95 32.86 0.90
N THR A 177 37.06 31.74 1.62
CA THR A 177 36.68 30.42 1.11
C THR A 177 35.17 30.19 1.15
N PHE A 178 34.56 30.02 -0.02
CA PHE A 178 33.19 29.52 -0.13
C PHE A 178 33.19 27.99 -0.12
N LEU A 179 32.13 27.39 0.40
CA LEU A 179 31.94 25.94 0.34
C LEU A 179 30.48 25.64 0.13
N PHE A 180 30.18 24.75 -0.81
CA PHE A 180 28.80 24.49 -1.18
C PHE A 180 28.63 23.19 -1.94
N GLN A 181 27.51 22.52 -1.69
CA GLN A 181 27.10 21.34 -2.45
C GLN A 181 26.33 21.79 -3.68
N ALA A 182 26.57 21.12 -4.81
CA ALA A 182 25.86 21.39 -6.06
C ALA A 182 25.60 20.06 -6.76
N GLY A 183 24.42 19.51 -6.51
CA GLY A 183 24.09 18.15 -6.94
C GLY A 183 24.89 17.16 -6.11
N SER A 184 25.55 16.22 -6.80
CA SER A 184 26.38 15.22 -6.12
C SER A 184 27.67 15.81 -5.55
N GLY A 185 28.25 16.78 -6.23
CA GLY A 185 29.54 17.34 -5.86
C GLY A 185 29.52 18.34 -4.71
N ILE A 186 30.67 18.46 -4.04
CA ILE A 186 30.95 19.50 -3.07
C ILE A 186 32.11 20.32 -3.65
N TYR A 187 31.89 21.62 -3.83
CA TYR A 187 32.90 22.51 -4.45
C TYR A 187 33.33 23.64 -3.52
N HIS A 188 34.36 24.37 -3.94
CA HIS A 188 34.87 25.54 -3.21
C HIS A 188 35.57 26.55 -4.12
N VAL A 189 35.36 27.84 -3.86
CA VAL A 189 36.08 28.94 -4.53
C VAL A 189 36.55 29.94 -3.48
N LYS A 190 37.35 30.92 -3.90
CA LYS A 190 37.80 32.01 -3.01
C LYS A 190 37.50 33.37 -3.61
N ASP A 191 36.88 34.23 -2.80
CA ASP A 191 36.65 35.63 -3.19
C ASP A 191 36.46 36.50 -1.96
N GLY A 192 37.12 37.65 -1.95
CA GLY A 192 36.97 38.64 -0.89
C GLY A 192 37.77 38.41 0.38
N GLY A 193 38.77 37.54 0.32
CA GLY A 193 39.74 37.40 1.41
C GLY A 193 41.02 38.16 1.07
N PRO A 194 42.14 37.78 1.69
CA PRO A 194 43.46 38.24 1.27
C PRO A 194 43.77 38.06 -0.24
N GLN A 195 43.13 37.06 -0.88
CA GLN A 195 43.16 36.92 -2.34
C GLN A 195 42.73 38.20 -3.09
N GLY A 196 41.66 38.83 -2.61
CA GLY A 196 41.06 40.00 -3.28
C GLY A 196 39.77 39.59 -3.98
N PHE A 197 39.37 40.41 -4.95
CA PHE A 197 38.03 40.32 -5.56
C PHE A 197 38.07 40.10 -7.07
N THR A 198 37.45 39.03 -7.53
CA THR A 198 37.35 38.71 -8.95
C THR A 198 36.42 39.66 -9.70
N GLN A 199 36.77 39.97 -10.94
CA GLN A 199 35.92 40.72 -11.87
C GLN A 199 35.30 39.79 -12.94
N GLN A 200 35.55 38.50 -12.82
CA GLN A 200 35.06 37.50 -13.75
C GLN A 200 34.58 36.27 -12.98
N PRO A 201 33.67 35.46 -13.58
CA PRO A 201 33.22 34.23 -12.90
C PRO A 201 34.36 33.28 -12.54
N LEU A 202 34.25 32.62 -11.38
CA LEU A 202 35.27 31.69 -10.88
C LEU A 202 34.92 30.24 -11.18
N ARG A 203 35.94 29.40 -11.29
CA ARG A 203 35.75 27.99 -11.56
C ARG A 203 35.58 27.24 -10.23
N PRO A 204 34.44 26.55 -10.04
CA PRO A 204 34.26 25.78 -8.81
C PRO A 204 35.18 24.58 -8.75
N ASN A 205 35.91 24.45 -7.64
CA ASN A 205 36.90 23.39 -7.45
C ASN A 205 36.33 22.20 -6.69
N LEU A 206 36.14 21.09 -7.39
CA LEU A 206 35.60 19.86 -6.80
C LEU A 206 36.47 19.36 -5.66
N VAL A 207 35.85 19.00 -4.53
CA VAL A 207 36.55 18.33 -3.44
C VAL A 207 36.53 16.85 -3.74
N GLU A 208 37.71 16.28 -4.02
CA GLU A 208 37.79 14.88 -4.47
C GLU A 208 37.54 13.95 -3.28
N THR A 209 37.03 12.76 -3.59
CA THR A 209 36.67 11.77 -2.56
C THR A 209 36.81 10.33 -3.06
N SER A 210 37.01 9.41 -2.11
CA SER A 210 36.95 7.97 -2.34
C SER A 210 35.62 7.34 -1.90
N CYS A 211 34.71 8.17 -1.37
CA CYS A 211 33.45 7.70 -0.82
C CYS A 211 32.47 7.35 -1.94
N PRO A 212 31.90 6.12 -1.92
CA PRO A 212 31.05 5.66 -3.05
C PRO A 212 29.71 6.39 -3.21
N ASN A 213 29.08 6.71 -2.09
CA ASN A 213 27.74 7.29 -2.04
C ASN A 213 27.75 8.81 -1.93
N ILE A 214 26.56 9.39 -2.04
CA ILE A 214 26.33 10.84 -1.91
C ILE A 214 26.80 11.44 -0.56
N ARG A 215 27.56 12.54 -0.64
CA ARG A 215 28.02 13.28 0.54
C ARG A 215 27.09 14.47 0.83
N MET A 216 26.53 14.49 2.03
CA MET A 216 25.57 15.52 2.44
C MET A 216 26.09 16.36 3.59
N ASP A 217 25.49 17.54 3.77
CA ASP A 217 25.72 18.44 4.91
C ASP A 217 27.20 18.85 5.04
N PRO A 218 27.76 19.42 3.95
CA PRO A 218 29.12 19.95 4.05
C PRO A 218 29.18 21.20 4.91
N LYS A 219 30.26 21.34 5.68
CA LYS A 219 30.53 22.53 6.48
C LYS A 219 32.02 22.82 6.57
N LEU A 220 32.41 24.08 6.35
CA LEU A 220 33.79 24.51 6.60
C LEU A 220 34.10 24.51 8.07
N CYS A 221 35.34 24.17 8.42
CA CYS A 221 35.83 24.31 9.79
C CYS A 221 36.17 25.78 10.00
N PRO A 222 35.45 26.49 10.92
CA PRO A 222 35.76 27.92 11.10
C PRO A 222 37.15 28.23 11.67
N ALA A 223 37.74 27.26 12.37
CA ALA A 223 39.10 27.37 12.89
C ALA A 223 40.20 27.14 11.84
N ASP A 224 39.88 26.45 10.75
CA ASP A 224 40.85 26.14 9.69
C ASP A 224 40.11 25.87 8.36
N PRO A 225 40.12 26.83 7.42
CA PRO A 225 39.35 26.68 6.18
C PRO A 225 39.92 25.69 5.15
N ASP A 226 41.03 25.02 5.46
CA ASP A 226 41.49 23.86 4.68
C ASP A 226 40.67 22.60 4.98
N TRP A 227 40.07 22.51 6.17
CA TRP A 227 39.26 21.35 6.56
C TRP A 227 37.77 21.57 6.34
N ILE A 228 37.10 20.56 5.81
CA ILE A 228 35.64 20.50 5.80
C ILE A 228 35.19 19.22 6.50
N ALA A 229 33.90 19.16 6.78
CA ALA A 229 33.27 17.95 7.28
C ALA A 229 32.03 17.66 6.45
N PHE A 230 31.62 16.40 6.41
CA PHE A 230 30.36 16.03 5.77
C PHE A 230 29.84 14.69 6.28
N ILE A 231 28.58 14.41 5.95
CA ILE A 231 27.96 13.15 6.29
C ILE A 231 28.00 12.24 5.06
N HIS A 232 28.41 11.00 5.30
CA HIS A 232 28.33 9.96 4.29
C HIS A 232 27.83 8.66 4.95
N SER A 233 26.84 8.02 4.35
CA SER A 233 26.14 6.87 4.93
C SER A 233 26.05 6.93 6.46
N ASN A 234 25.42 8.01 6.93
CA ASN A 234 25.11 8.23 8.35
C ASN A 234 26.31 8.20 9.32
N ASP A 235 27.47 8.58 8.81
CA ASP A 235 28.68 8.74 9.62
C ASP A 235 29.37 10.04 9.23
N ILE A 236 30.16 10.57 10.16
CA ILE A 236 30.84 11.84 9.94
C ILE A 236 32.23 11.59 9.36
N TRP A 237 32.52 12.31 8.29
CA TRP A 237 33.81 12.28 7.61
C TRP A 237 34.39 13.67 7.62
N ILE A 238 35.71 13.77 7.53
CA ILE A 238 36.39 15.03 7.25
C ILE A 238 37.34 14.89 6.07
N SER A 239 37.61 16.01 5.42
CA SER A 239 38.39 16.05 4.20
C SER A 239 39.13 17.38 4.09
N ASN A 240 40.38 17.33 3.66
CA ASN A 240 41.22 18.50 3.50
C ASN A 240 41.23 18.92 2.04
N ILE A 241 40.86 20.17 1.76
CA ILE A 241 40.76 20.68 0.38
C ILE A 241 42.08 21.13 -0.23
N VAL A 242 43.17 21.12 0.56
CA VAL A 242 44.52 21.44 0.10
C VAL A 242 45.38 20.17 0.04
N THR A 243 45.59 19.54 1.20
CA THR A 243 46.40 18.31 1.27
C THR A 243 45.71 17.09 0.66
N ARG A 244 44.40 17.18 0.43
CA ARG A 244 43.62 16.13 -0.25
C ARG A 244 43.41 14.88 0.60
N GLU A 245 43.74 14.95 1.90
CA GLU A 245 43.51 13.86 2.84
C GLU A 245 42.02 13.76 3.15
N GLU A 246 41.55 12.53 3.34
CA GLU A 246 40.14 12.25 3.62
C GLU A 246 40.07 11.18 4.69
N ARG A 247 39.16 11.34 5.64
CA ARG A 247 39.11 10.41 6.77
C ARG A 247 37.74 10.35 7.46
N ARG A 248 37.37 9.13 7.85
CA ARG A 248 36.12 8.84 8.54
C ARG A 248 36.33 8.97 10.05
N LEU A 249 35.37 9.62 10.73
CA LEU A 249 35.44 9.90 12.18
C LEU A 249 34.56 9.00 13.04
N THR A 250 33.40 8.62 12.53
CA THR A 250 32.47 7.73 13.24
C THR A 250 32.26 6.42 12.46
N TYR A 251 32.14 5.31 13.20
CA TYR A 251 31.95 3.99 12.61
C TYR A 251 30.68 3.37 13.19
N VAL A 252 29.60 4.12 13.09
CA VAL A 252 28.31 3.80 13.73
C VAL A 252 27.33 3.09 12.78
N HIS A 253 27.48 3.29 11.46
CA HIS A 253 26.56 2.72 10.47
C HIS A 253 27.26 1.81 9.47
N ASN A 254 26.50 0.85 8.95
CA ASN A 254 26.93 -0.07 7.91
C ASN A 254 25.91 -0.04 6.77
N GLU A 255 26.32 0.54 5.64
CA GLU A 255 25.48 0.61 4.42
C GLU A 255 25.05 -0.76 3.88
N LEU A 256 25.85 -1.80 4.14
CA LEU A 256 25.55 -3.16 3.68
C LEU A 256 24.46 -3.87 4.50
N ALA A 257 24.34 -3.53 5.78
CA ALA A 257 23.33 -4.16 6.67
C ALA A 257 21.92 -3.61 6.43
N ASN A 258 20.92 -4.33 6.95
CA ASN A 258 19.52 -3.91 6.88
C ASN A 258 19.25 -2.84 7.92
N MET A 259 18.29 -1.96 7.63
CA MET A 259 17.88 -0.93 8.59
C MET A 259 17.16 -1.51 9.81
N GLU A 260 16.60 -2.72 9.69
CA GLU A 260 16.06 -3.46 10.84
C GLU A 260 17.15 -3.77 11.88
N GLU A 261 18.34 -4.14 11.42
CA GLU A 261 19.48 -4.44 12.32
C GLU A 261 20.26 -3.18 12.67
N ASP A 262 20.72 -2.47 11.64
CA ASP A 262 21.57 -1.28 11.83
C ASP A 262 20.72 0.01 11.89
N ALA A 263 20.41 0.42 13.11
CA ALA A 263 19.52 1.56 13.38
C ALA A 263 20.22 2.74 14.05
N ARG A 264 21.52 2.91 13.80
CA ARG A 264 22.28 4.01 14.41
C ARG A 264 22.90 4.93 13.38
N SER A 265 23.14 6.18 13.79
CA SER A 265 23.63 7.24 12.92
C SER A 265 24.32 8.31 13.74
N ALA A 266 25.12 9.13 13.07
CA ALA A 266 25.89 10.20 13.74
C ALA A 266 25.98 11.44 12.85
N GLY A 267 25.71 12.60 13.45
CA GLY A 267 25.77 13.89 12.75
C GLY A 267 24.56 14.22 11.88
N VAL A 268 23.47 13.47 12.04
CA VAL A 268 22.26 13.62 11.24
C VAL A 268 21.05 13.67 12.14
N ALA A 269 20.18 14.64 11.91
CA ALA A 269 18.92 14.76 12.62
C ALA A 269 17.94 13.71 12.11
N THR A 270 17.22 13.06 13.02
CA THR A 270 16.27 12.01 12.67
C THR A 270 14.97 12.62 12.15
N PHE A 271 14.07 11.78 11.66
CA PHE A 271 12.81 12.21 11.04
C PHE A 271 12.10 13.35 11.78
N VAL A 272 11.76 13.11 13.04
CA VAL A 272 10.96 14.07 13.83
C VAL A 272 11.62 15.44 13.95
N LEU A 273 12.94 15.45 14.12
CA LEU A 273 13.68 16.71 14.29
C LEU A 273 13.78 17.52 13.00
N GLN A 274 13.76 16.86 11.85
CA GLN A 274 13.72 17.56 10.57
C GLN A 274 12.32 18.11 10.27
N GLU A 275 11.31 17.25 10.39
CA GLU A 275 9.95 17.63 10.04
C GLU A 275 9.27 18.53 11.08
N GLU A 276 9.52 18.30 12.37
CA GLU A 276 8.80 19.00 13.46
C GLU A 276 9.58 20.02 14.28
N PHE A 277 10.91 20.08 14.13
CA PHE A 277 11.75 21.06 14.84
C PHE A 277 12.72 21.85 13.94
N ASP A 278 12.66 21.66 12.63
CA ASP A 278 13.53 22.35 11.65
C ASP A 278 15.03 22.33 11.99
N ARG A 279 15.51 21.18 12.47
CA ARG A 279 16.95 20.95 12.60
C ARG A 279 17.31 19.85 11.61
N TYR A 280 18.29 20.15 10.75
CA TYR A 280 18.71 19.23 9.69
C TYR A 280 20.13 18.71 9.91
N SER A 281 21.03 19.59 10.35
CA SER A 281 22.37 19.19 10.76
C SER A 281 22.39 18.65 12.19
N GLY A 282 23.27 17.69 12.43
CA GLY A 282 23.47 17.09 13.76
C GLY A 282 24.91 17.11 14.27
N TYR A 283 25.77 17.93 13.64
CA TYR A 283 27.17 18.07 14.06
C TYR A 283 27.59 19.54 13.93
N TRP A 284 28.56 19.93 14.77
CA TRP A 284 28.94 21.33 14.90
C TRP A 284 30.44 21.47 15.16
N TRP A 285 31.14 22.10 14.22
CA TRP A 285 32.56 22.42 14.38
C TRP A 285 32.76 23.36 15.57
N CYS A 286 33.77 23.08 16.39
CA CYS A 286 34.23 24.02 17.40
C CYS A 286 34.94 25.17 16.68
N PRO A 287 34.53 26.43 16.95
CA PRO A 287 35.04 27.56 16.15
C PRO A 287 36.52 27.92 16.35
N LYS A 288 37.17 27.40 17.40
CA LYS A 288 38.59 27.67 17.64
C LYS A 288 39.37 26.36 17.79
N ALA A 289 40.65 26.43 17.43
CA ALA A 289 41.58 25.30 17.57
C ALA A 289 42.47 25.49 18.79
N GLU A 290 42.67 24.42 19.54
CA GLU A 290 43.60 24.39 20.68
C GLU A 290 44.99 24.05 20.16
N THR A 291 45.97 24.92 20.41
CA THR A 291 47.36 24.70 19.95
C THR A 291 48.05 23.62 20.78
N THR A 292 48.77 22.72 20.09
CA THR A 292 49.52 21.65 20.76
C THR A 292 50.96 22.09 21.03
N PRO A 293 51.59 21.55 22.10
CA PRO A 293 53.02 21.74 22.36
C PRO A 293 53.93 21.44 21.15
N SER A 294 53.58 20.40 20.38
CA SER A 294 54.32 20.01 19.17
C SER A 294 54.42 21.11 18.10
N GLY A 295 53.40 21.97 18.01
CA GLY A 295 53.33 23.02 16.98
C GLY A 295 52.13 22.89 16.04
N GLY A 296 51.35 21.82 16.20
CA GLY A 296 50.11 21.62 15.43
C GLY A 296 48.91 22.18 16.17
N LYS A 297 47.79 21.45 16.12
CA LYS A 297 46.52 21.88 16.75
C LYS A 297 45.49 20.75 16.93
N ILE A 298 44.43 21.05 17.67
CA ILE A 298 43.30 20.13 17.91
C ILE A 298 41.98 20.74 17.43
N LEU A 299 41.37 20.13 16.41
CA LEU A 299 40.05 20.51 15.92
C LEU A 299 39.02 19.59 16.56
N ARG A 300 37.89 20.16 16.98
CA ARG A 300 36.81 19.40 17.62
C ARG A 300 35.49 19.49 16.84
N ILE A 301 34.70 18.42 16.94
CA ILE A 301 33.35 18.38 16.35
C ILE A 301 32.39 17.77 17.38
N LEU A 302 31.50 18.60 17.91
CA LEU A 302 30.38 18.11 18.71
C LEU A 302 29.37 17.50 17.73
N TYR A 303 28.84 16.33 18.09
CA TYR A 303 27.78 15.70 17.29
C TYR A 303 26.79 14.94 18.14
N GLU A 304 25.56 14.80 17.65
CA GLU A 304 24.58 13.92 18.28
C GLU A 304 24.66 12.54 17.62
N GLU A 305 24.44 11.51 18.44
CA GLU A 305 24.40 10.14 17.99
C GLU A 305 23.06 9.56 18.37
N ASN A 306 22.34 9.07 17.37
CA ASN A 306 20.98 8.54 17.55
C ASN A 306 21.00 7.03 17.40
N ASP A 307 20.15 6.37 18.18
CA ASP A 307 19.92 4.94 18.08
C ASP A 307 18.42 4.76 17.95
N GLU A 308 17.97 4.42 16.75
CA GLU A 308 16.54 4.31 16.44
C GLU A 308 15.99 2.87 16.62
N SER A 309 16.71 2.02 17.36
CA SER A 309 16.36 0.60 17.49
C SER A 309 14.97 0.32 18.08
N GLU A 310 14.59 1.09 19.11
CA GLU A 310 13.29 0.94 19.77
C GLU A 310 12.16 1.74 19.11
N VAL A 311 12.48 2.50 18.06
CA VAL A 311 11.48 3.26 17.31
C VAL A 311 10.71 2.29 16.41
N GLU A 312 9.39 2.47 16.31
CA GLU A 312 8.56 1.58 15.53
C GLU A 312 8.91 1.69 14.05
N ILE A 313 8.83 0.57 13.36
CA ILE A 313 9.08 0.50 11.92
C ILE A 313 7.75 0.30 11.21
N ILE A 314 7.41 1.26 10.35
CA ILE A 314 6.27 1.15 9.44
C ILE A 314 6.78 0.99 8.02
N HIS A 315 5.87 0.61 7.12
CA HIS A 315 6.18 0.44 5.72
C HIS A 315 5.44 1.45 4.87
N VAL A 316 6.17 2.15 4.01
CA VAL A 316 5.58 3.09 3.04
C VAL A 316 5.86 2.56 1.62
N THR A 317 4.87 2.65 0.74
CA THR A 317 4.94 2.05 -0.60
C THR A 317 6.13 2.61 -1.39
N SER A 318 6.89 1.73 -2.01
CA SER A 318 8.07 2.13 -2.79
C SER A 318 7.63 2.80 -4.11
N PRO A 319 8.28 3.93 -4.49
CA PRO A 319 7.93 4.64 -5.75
C PRO A 319 7.97 3.77 -7.00
N MET A 320 8.93 2.87 -7.09
CA MET A 320 8.95 1.86 -8.13
C MET A 320 7.80 0.90 -7.89
N LEU A 321 6.62 1.24 -8.44
CA LEU A 321 5.39 0.47 -8.21
C LEU A 321 5.40 -0.92 -8.86
N GLU A 322 6.35 -1.16 -9.76
CA GLU A 322 6.47 -2.41 -10.51
C GLU A 322 7.02 -3.51 -9.62
N THR A 323 7.78 -3.10 -8.59
CA THR A 323 8.37 -4.03 -7.64
C THR A 323 7.34 -4.64 -6.67
N ARG A 324 6.21 -3.95 -6.47
CA ARG A 324 5.19 -4.36 -5.50
C ARG A 324 5.77 -4.49 -4.08
N ARG A 325 6.59 -3.51 -3.71
CA ARG A 325 7.36 -3.53 -2.47
C ARG A 325 7.18 -2.22 -1.70
N ALA A 326 7.75 -2.19 -0.50
CA ALA A 326 7.51 -1.15 0.48
C ALA A 326 8.80 -0.92 1.23
N ASP A 327 9.15 0.34 1.39
CA ASP A 327 10.37 0.71 2.08
C ASP A 327 10.06 0.74 3.57
N SER A 328 10.97 0.20 4.38
CA SER A 328 10.87 0.32 5.84
C SER A 328 11.37 1.72 6.25
N PHE A 329 10.70 2.34 7.22
CA PHE A 329 11.29 3.52 7.87
C PHE A 329 10.79 3.78 9.30
N ARG A 330 11.62 4.47 10.06
CA ARG A 330 11.42 4.69 11.50
C ARG A 330 10.47 5.86 11.74
N TYR A 331 9.24 5.54 12.14
CA TYR A 331 8.23 6.55 12.44
C TYR A 331 7.88 6.49 13.93
N PRO A 332 8.31 7.51 14.71
CA PRO A 332 7.84 7.60 16.10
C PRO A 332 6.37 8.01 16.19
N LYS A 333 5.50 7.02 16.03
CA LYS A 333 4.05 7.14 16.29
C LYS A 333 3.86 7.76 17.68
N THR A 334 2.87 8.63 17.81
CA THR A 334 2.62 9.32 19.10
C THR A 334 2.36 8.30 20.21
N GLY A 335 2.96 8.56 21.37
CA GLY A 335 2.91 7.64 22.50
C GLY A 335 4.10 6.68 22.60
N THR A 336 4.78 6.43 21.48
CA THR A 336 5.83 5.41 21.42
C THR A 336 7.21 6.03 21.50
N ALA A 337 8.25 5.21 21.37
CA ALA A 337 9.62 5.65 21.63
C ALA A 337 10.16 6.58 20.55
N ASN A 338 10.73 7.70 20.99
CA ASN A 338 11.59 8.54 20.16
C ASN A 338 12.98 7.88 20.15
N PRO A 339 13.86 8.30 19.22
CA PRO A 339 15.22 7.78 19.21
C PRO A 339 15.97 7.97 20.54
N LYS A 340 16.92 7.09 20.84
CA LYS A 340 17.77 7.25 22.01
C LYS A 340 18.96 8.11 21.61
N VAL A 341 19.10 9.26 22.26
CA VAL A 341 20.07 10.29 21.84
C VAL A 341 21.15 10.52 22.87
N THR A 342 22.28 11.05 22.41
CA THR A 342 23.37 11.48 23.28
C THR A 342 24.30 12.43 22.53
N PHE A 343 25.15 13.13 23.29
CA PHE A 343 26.20 13.96 22.70
C PHE A 343 27.50 13.19 22.66
N LYS A 344 28.33 13.52 21.67
CA LYS A 344 29.65 12.95 21.50
C LYS A 344 30.58 14.06 21.00
N MET A 345 31.89 13.84 21.15
CA MET A 345 32.91 14.77 20.69
C MET A 345 33.96 14.00 19.90
N SER A 346 34.30 14.50 18.72
CA SER A 346 35.42 13.98 17.94
C SER A 346 36.61 14.91 18.08
N GLU A 347 37.65 14.46 18.79
CA GLU A 347 38.87 15.22 19.01
C GLU A 347 39.89 14.83 17.94
N ILE A 348 40.37 15.80 17.17
CA ILE A 348 41.16 15.55 15.97
C ILE A 348 42.53 16.22 16.09
N MET A 349 43.57 15.44 16.38
CA MET A 349 44.96 15.94 16.50
C MET A 349 45.61 16.08 15.12
N ILE A 350 45.86 17.32 14.71
CA ILE A 350 46.55 17.64 13.46
C ILE A 350 47.96 18.15 13.82
N ASP A 351 48.95 17.77 13.02
CA ASP A 351 50.34 18.22 13.22
C ASP A 351 50.59 19.59 12.56
N ALA A 352 51.81 20.11 12.66
CA ALA A 352 52.18 21.39 12.06
C ALA A 352 52.06 21.41 10.52
N GLU A 353 52.21 20.24 9.91
CA GLU A 353 52.13 20.09 8.44
C GLU A 353 50.70 20.19 7.89
N GLY A 354 49.69 20.10 8.77
CA GLY A 354 48.27 20.09 8.36
C GLY A 354 47.78 18.70 8.02
N ARG A 355 48.26 17.72 8.79
CA ARG A 355 48.09 16.29 8.51
C ARG A 355 47.66 15.59 9.80
N ILE A 356 46.71 14.67 9.69
CA ILE A 356 46.10 14.06 10.87
C ILE A 356 47.10 13.14 11.56
N ILE A 357 47.29 13.35 12.86
CA ILE A 357 48.07 12.47 13.72
C ILE A 357 47.18 11.34 14.21
N ASP A 358 46.06 11.69 14.81
CA ASP A 358 45.16 10.73 15.46
C ASP A 358 43.75 11.33 15.55
N VAL A 359 42.76 10.47 15.81
CA VAL A 359 41.37 10.90 16.02
C VAL A 359 40.83 10.14 17.22
N ILE A 360 40.56 10.87 18.32
CA ILE A 360 39.99 10.29 19.53
C ILE A 360 38.49 10.60 19.59
N ASP A 361 37.67 9.56 19.51
CA ASP A 361 36.22 9.68 19.67
C ASP A 361 35.92 9.66 21.17
N LYS A 362 35.06 10.58 21.61
CA LYS A 362 34.83 10.80 23.04
C LYS A 362 33.34 10.82 23.39
N GLU A 363 33.00 10.32 24.58
CA GLU A 363 31.62 10.22 25.06
C GLU A 363 31.46 10.91 26.41
N LEU A 364 30.20 11.18 26.76
CA LEU A 364 29.90 11.88 28.01
C LEU A 364 30.28 11.03 29.20
N ILE A 365 31.03 11.64 30.12
CA ILE A 365 31.55 10.98 31.34
C ILE A 365 30.50 10.18 32.11
N GLN A 366 29.26 10.66 32.11
CA GLN A 366 28.10 9.91 32.60
C GLN A 366 27.04 9.89 31.49
N PRO A 367 26.03 8.99 31.59
CA PRO A 367 24.99 8.94 30.54
C PRO A 367 24.20 10.25 30.37
N PHE A 368 23.61 10.41 29.18
CA PHE A 368 22.76 11.55 28.83
C PHE A 368 21.56 11.69 29.78
N GLU A 369 20.97 10.55 30.14
CA GLU A 369 19.77 10.52 30.99
C GLU A 369 20.05 10.94 32.44
N ILE A 370 21.32 10.90 32.84
CA ILE A 370 21.76 11.36 34.17
C ILE A 370 22.12 12.85 34.12
N LEU A 371 22.99 13.24 33.19
CA LEU A 371 23.46 14.63 33.09
C LEU A 371 22.36 15.61 32.67
N PHE A 372 21.43 15.14 31.85
CA PHE A 372 20.34 15.98 31.31
C PHE A 372 19.00 15.35 31.63
N GLU A 373 18.75 15.18 32.93
CA GLU A 373 17.53 14.58 33.46
C GLU A 373 16.27 15.13 32.78
N GLY A 374 15.40 14.23 32.31
CA GLY A 374 14.10 14.61 31.75
C GLY A 374 14.08 15.06 30.29
N VAL A 375 15.25 15.16 29.65
CA VAL A 375 15.36 15.67 28.28
C VAL A 375 15.05 14.58 27.26
N GLU A 376 14.17 14.89 26.30
CA GLU A 376 13.86 14.01 25.17
C GLU A 376 14.51 14.48 23.90
N TYR A 377 14.31 15.75 23.55
CA TYR A 377 14.75 16.30 22.27
C TYR A 377 15.94 17.23 22.43
N ILE A 378 16.93 17.08 21.56
CA ILE A 378 17.97 18.09 21.36
C ILE A 378 17.45 19.01 20.24
N ALA A 379 16.88 20.15 20.63
CA ALA A 379 16.24 21.06 19.68
C ALA A 379 17.26 21.82 18.86
N ARG A 380 18.24 22.43 19.54
CA ARG A 380 19.29 23.23 18.91
C ARG A 380 20.62 22.99 19.64
N ALA A 381 21.72 23.18 18.93
CA ALA A 381 23.06 23.12 19.54
C ALA A 381 24.09 23.92 18.77
N GLY A 382 25.19 24.25 19.46
CA GLY A 382 26.27 25.00 18.86
C GLY A 382 27.42 25.18 19.83
N TRP A 383 28.26 26.19 19.57
CA TRP A 383 29.38 26.54 20.43
C TRP A 383 29.32 28.01 20.84
N THR A 384 29.96 28.35 21.95
CA THR A 384 30.19 29.75 22.31
C THR A 384 31.27 30.30 21.36
N PRO A 385 31.31 31.64 21.15
CA PRO A 385 32.21 32.21 20.13
C PRO A 385 33.72 31.94 20.30
N GLU A 386 34.19 31.68 21.52
CA GLU A 386 35.61 31.43 21.78
C GLU A 386 35.91 29.93 21.84
N GLY A 387 34.88 29.09 21.72
CA GLY A 387 35.04 27.65 21.73
C GLY A 387 35.35 27.04 23.09
N LYS A 388 35.01 27.74 24.17
CA LYS A 388 35.23 27.23 25.53
C LYS A 388 34.15 26.23 25.90
N TYR A 389 32.89 26.63 25.71
CA TYR A 389 31.73 25.80 25.99
C TYR A 389 30.97 25.48 24.70
N ALA A 390 30.38 24.29 24.66
CA ALA A 390 29.37 23.94 23.66
C ALA A 390 28.00 24.10 24.31
N TRP A 391 27.08 24.77 23.62
CA TRP A 391 25.73 24.99 24.14
C TRP A 391 24.70 24.09 23.48
N SER A 392 23.53 24.02 24.10
CA SER A 392 22.43 23.22 23.60
C SER A 392 21.10 23.66 24.20
N ILE A 393 20.03 23.55 23.40
CA ILE A 393 18.68 23.87 23.83
C ILE A 393 17.88 22.57 23.88
N LEU A 394 17.37 22.23 25.06
CA LEU A 394 16.85 20.90 25.36
C LEU A 394 15.41 20.97 25.82
N LEU A 395 14.57 20.13 25.23
CA LEU A 395 13.16 20.01 25.59
C LEU A 395 12.92 18.71 26.33
N ASP A 396 11.88 18.70 27.17
CA ASP A 396 11.32 17.47 27.73
C ASP A 396 10.26 16.91 26.77
N ARG A 397 9.73 15.72 27.06
CA ARG A 397 8.80 15.05 26.15
C ARG A 397 7.53 15.85 25.88
N SER A 398 6.99 16.46 26.93
CA SER A 398 5.74 17.24 26.82
C SER A 398 5.92 18.59 26.13
N GLN A 399 7.17 19.04 26.03
CA GLN A 399 7.53 20.31 25.36
C GLN A 399 6.92 21.50 26.09
N THR A 400 6.98 21.42 27.42
CA THR A 400 6.57 22.48 28.33
C THR A 400 7.72 22.94 29.23
N ARG A 401 8.95 22.44 28.98
CA ARG A 401 10.13 22.87 29.71
C ARG A 401 11.32 22.96 28.75
N LEU A 402 11.85 24.16 28.56
CA LEU A 402 13.05 24.41 27.76
C LEU A 402 14.20 24.68 28.70
N GLN A 403 15.39 24.21 28.33
CA GLN A 403 16.62 24.48 29.07
C GLN A 403 17.76 24.80 28.11
N ILE A 404 18.45 25.91 28.35
CA ILE A 404 19.70 26.20 27.66
C ILE A 404 20.82 25.71 28.58
N VAL A 405 21.68 24.83 28.08
CA VAL A 405 22.71 24.18 28.88
C VAL A 405 24.06 24.32 28.20
N LEU A 406 25.08 24.74 28.95
CA LEU A 406 26.47 24.72 28.49
C LEU A 406 27.10 23.38 28.86
N ILE A 407 27.92 22.88 27.95
CA ILE A 407 28.57 21.58 28.06
C ILE A 407 30.05 21.80 27.72
N SER A 408 30.92 21.66 28.71
CA SER A 408 32.37 21.78 28.49
C SER A 408 32.92 20.53 27.80
N PRO A 409 33.91 20.68 26.88
CA PRO A 409 34.63 19.53 26.32
C PRO A 409 35.30 18.62 27.35
N GLU A 410 35.58 19.15 28.54
CA GLU A 410 36.10 18.36 29.65
C GLU A 410 35.10 17.33 30.20
N LEU A 411 33.79 17.51 29.94
CA LEU A 411 32.79 16.48 30.23
C LEU A 411 32.93 15.21 29.38
N PHE A 412 33.64 15.31 28.26
CA PHE A 412 33.86 14.18 27.36
C PHE A 412 35.20 13.49 27.64
N ILE A 413 35.18 12.16 27.57
CA ILE A 413 36.35 11.30 27.80
C ILE A 413 36.48 10.30 26.65
N PRO A 414 37.69 9.77 26.40
CA PRO A 414 37.85 8.77 25.34
C PRO A 414 36.97 7.52 25.53
N VAL A 415 36.49 6.97 24.42
CA VAL A 415 35.68 5.76 24.45
C VAL A 415 36.64 4.59 24.63
N GLU A 416 36.43 3.80 25.68
CA GLU A 416 37.35 2.71 26.06
C GLU A 416 36.61 1.44 26.48
N ASP A 417 36.96 0.32 25.84
CA ASP A 417 36.38 -1.00 26.14
C ASP A 417 36.82 -1.51 27.52
N ASP A 418 38.08 -1.29 27.85
CA ASP A 418 38.69 -1.77 29.11
C ASP A 418 38.12 -1.01 30.33
N VAL A 419 37.47 -1.75 31.24
CA VAL A 419 36.81 -1.17 32.42
C VAL A 419 37.78 -0.59 33.45
N MET A 420 39.01 -1.10 33.49
CA MET A 420 40.05 -0.58 34.38
C MET A 420 40.56 0.78 33.87
N GLU A 421 40.98 0.81 32.61
CA GLU A 421 41.48 2.03 31.95
C GLU A 421 40.44 3.15 31.95
N ARG A 422 39.19 2.79 31.67
CA ARG A 422 38.08 3.75 31.60
C ARG A 422 37.73 4.35 32.96
N GLN A 423 37.68 3.52 34.01
CA GLN A 423 37.39 3.96 35.38
C GLN A 423 38.42 4.95 35.91
N ARG A 424 39.66 4.84 35.45
CA ARG A 424 40.71 5.81 35.79
C ARG A 424 40.43 7.16 35.12
N LEU A 425 40.12 7.12 33.83
CA LEU A 425 39.76 8.32 33.04
C LEU A 425 38.53 9.06 33.60
N ILE A 426 37.59 8.35 34.21
CA ILE A 426 36.47 8.98 34.92
C ILE A 426 36.99 9.82 36.08
N GLU A 427 37.90 9.25 36.87
CA GLU A 427 38.49 9.93 38.03
C GLU A 427 39.44 11.08 37.68
N SER A 428 40.00 11.07 36.46
CA SER A 428 40.89 12.16 36.01
C SER A 428 40.16 13.50 35.81
N VAL A 429 38.88 13.45 35.47
CA VAL A 429 38.05 14.66 35.32
C VAL A 429 37.58 15.12 36.71
N PRO A 430 37.72 16.43 37.03
CA PRO A 430 37.29 16.90 38.35
C PRO A 430 35.78 16.92 38.56
N ASP A 431 35.37 17.11 39.82
CA ASP A 431 33.96 17.25 40.19
C ASP A 431 33.41 18.63 39.82
N SER A 432 34.28 19.65 39.80
CA SER A 432 33.89 21.03 39.44
C SER A 432 33.39 21.16 37.99
N VAL A 433 33.92 20.30 37.11
CA VAL A 433 33.47 20.23 35.71
C VAL A 433 32.09 19.59 35.64
N THR A 434 31.10 20.38 35.26
CA THR A 434 29.69 20.02 35.38
C THR A 434 28.88 20.58 34.20
N PRO A 435 27.72 19.95 33.89
CA PRO A 435 26.75 20.67 33.07
C PRO A 435 26.28 21.96 33.77
N LEU A 436 26.08 23.00 32.98
CA LEU A 436 25.69 24.32 33.49
C LEU A 436 24.41 24.77 32.80
N ILE A 437 23.28 24.59 33.46
CA ILE A 437 21.98 25.04 32.96
C ILE A 437 21.89 26.56 33.15
N ILE A 438 22.31 27.31 32.13
CA ILE A 438 22.33 28.79 32.19
C ILE A 438 20.97 29.46 32.04
N TYR A 439 19.94 28.70 31.66
CA TYR A 439 18.57 29.21 31.60
C TYR A 439 17.60 28.05 31.66
N GLU A 440 16.44 28.28 32.25
CA GLU A 440 15.34 27.32 32.24
C GLU A 440 14.02 28.07 32.31
N GLU A 441 13.00 27.55 31.64
CA GLU A 441 11.66 28.14 31.62
C GLU A 441 10.62 27.06 31.42
N THR A 442 9.39 27.34 31.83
CA THR A 442 8.26 26.42 31.63
C THR A 442 7.02 27.18 31.17
N THR A 443 6.07 26.44 30.62
CA THR A 443 4.80 26.98 30.16
C THR A 443 3.75 25.89 30.25
N ASP A 444 2.49 26.30 30.40
CA ASP A 444 1.38 25.36 30.46
C ASP A 444 0.62 25.32 29.14
N ILE A 445 1.12 26.03 28.13
CA ILE A 445 0.67 25.84 26.75
C ILE A 445 1.69 24.97 26.00
N TRP A 446 2.75 25.55 25.45
CA TRP A 446 3.85 24.78 24.84
C TRP A 446 5.02 25.67 24.46
N ILE A 447 6.23 25.11 24.49
CA ILE A 447 7.41 25.80 23.98
C ILE A 447 7.41 25.74 22.47
N ASN A 448 7.58 26.89 21.82
CA ASN A 448 7.83 26.97 20.37
C ASN A 448 9.31 27.23 20.17
N ILE A 449 10.00 26.29 19.52
CA ILE A 449 11.44 26.39 19.29
C ILE A 449 11.69 27.44 18.21
N HIS A 450 12.82 28.14 18.31
CA HIS A 450 13.19 29.17 17.35
C HIS A 450 14.70 29.28 17.24
N ASP A 451 15.15 30.07 16.27
CA ASP A 451 16.57 30.16 15.91
C ASP A 451 17.36 31.31 16.58
N ILE A 452 16.65 32.17 17.32
CA ILE A 452 17.30 33.26 18.09
C ILE A 452 18.03 32.73 19.33
N PHE A 453 19.32 33.06 19.42
CA PHE A 453 20.15 32.83 20.60
C PHE A 453 21.55 33.39 20.35
N HIS A 454 21.90 34.48 21.03
CA HIS A 454 23.18 35.18 20.84
C HIS A 454 23.97 35.23 22.14
N VAL A 455 25.23 34.81 22.09
CA VAL A 455 26.12 34.80 23.26
C VAL A 455 27.21 35.85 23.07
N PHE A 456 27.33 36.76 24.04
CA PHE A 456 28.37 37.80 24.03
C PHE A 456 29.71 37.18 24.46
N PRO A 457 30.84 37.83 24.15
CA PRO A 457 32.14 37.35 24.66
C PRO A 457 32.21 37.31 26.19
N GLN A 458 32.98 36.38 26.74
CA GLN A 458 33.16 36.26 28.19
C GLN A 458 34.09 37.36 28.71
N SER A 459 33.56 38.26 29.55
CA SER A 459 34.37 39.24 30.26
C SER A 459 34.99 38.57 31.49
N HIS A 460 34.14 37.98 32.33
CA HIS A 460 34.54 37.30 33.56
C HIS A 460 34.38 35.78 33.43
N GLU A 461 35.20 35.02 34.15
CA GLU A 461 35.17 33.54 34.13
C GLU A 461 33.89 33.00 34.77
N GLU A 462 33.46 33.62 35.86
CA GLU A 462 32.28 33.19 36.62
C GLU A 462 30.95 33.47 35.91
N GLU A 463 30.93 34.33 34.88
CA GLU A 463 29.67 34.77 34.26
C GLU A 463 29.52 34.41 32.79
N ILE A 464 28.28 34.39 32.31
CA ILE A 464 27.98 34.34 30.87
C ILE A 464 26.74 35.20 30.55
N GLU A 465 26.83 35.91 29.43
CA GLU A 465 25.90 36.97 29.06
C GLU A 465 25.33 36.65 27.67
N PHE A 466 24.01 36.71 27.51
CA PHE A 466 23.38 36.29 26.26
C PHE A 466 21.99 36.89 26.04
N ILE A 467 21.56 36.93 24.77
CA ILE A 467 20.18 37.30 24.43
C ILE A 467 19.46 36.03 24.00
N PHE A 468 18.19 35.92 24.42
CA PHE A 468 17.31 34.81 24.06
C PHE A 468 15.90 35.37 23.93
N ALA A 469 15.03 34.68 23.20
CA ALA A 469 13.63 35.08 23.05
C ALA A 469 12.74 34.08 23.75
N SER A 470 11.55 34.52 24.18
CA SER A 470 10.61 33.64 24.89
C SER A 470 9.18 34.17 24.93
N GLU A 471 8.24 33.23 24.79
CA GLU A 471 6.82 33.47 25.00
C GLU A 471 6.39 33.18 26.45
N CYS A 472 7.28 32.60 27.26
CA CYS A 472 6.89 32.03 28.56
C CYS A 472 6.47 33.05 29.63
N LYS A 473 6.98 34.28 29.56
CA LYS A 473 6.67 35.30 30.56
C LYS A 473 5.31 35.91 30.29
N THR A 474 5.20 36.62 29.16
CA THR A 474 4.04 37.45 28.83
C THR A 474 2.97 36.74 27.98
N GLY A 475 3.38 35.73 27.22
CA GLY A 475 2.50 35.08 26.23
C GLY A 475 2.67 35.61 24.82
N PHE A 476 3.69 36.47 24.63
CA PHE A 476 4.15 36.94 23.33
C PHE A 476 5.66 36.82 23.32
N ARG A 477 6.22 36.48 22.16
CA ARG A 477 7.67 36.24 22.05
C ARG A 477 8.41 37.56 22.10
N HIS A 478 9.25 37.75 23.12
CA HIS A 478 10.06 38.96 23.29
C HIS A 478 11.48 38.66 23.67
N LEU A 479 12.36 39.63 23.43
CA LEU A 479 13.79 39.48 23.66
C LEU A 479 14.12 39.77 25.11
N TYR A 480 15.10 39.05 25.64
CA TYR A 480 15.56 39.22 27.01
C TYR A 480 17.07 39.10 27.05
N LYS A 481 17.75 40.06 27.69
CA LYS A 481 19.18 39.95 27.97
C LYS A 481 19.35 39.35 29.35
N ILE A 482 20.04 38.22 29.41
CA ILE A 482 20.20 37.43 30.63
C ILE A 482 21.69 37.30 30.95
N THR A 483 22.02 37.40 32.23
CA THR A 483 23.37 37.18 32.73
C THR A 483 23.29 36.06 33.76
N SER A 484 24.03 34.97 33.55
CA SER A 484 24.00 33.80 34.44
C SER A 484 25.36 33.54 35.06
N ILE A 485 25.35 32.94 36.26
CA ILE A 485 26.56 32.74 37.06
C ILE A 485 26.98 31.26 37.03
N LEU A 486 28.26 31.03 36.74
CA LEU A 486 28.81 29.70 36.53
C LEU A 486 29.60 29.24 37.75
N LYS A 487 28.89 29.05 38.86
CA LYS A 487 29.51 28.54 40.09
C LYS A 487 29.49 27.02 40.10
N GLU A 488 30.38 26.44 40.90
CA GLU A 488 30.54 24.98 41.00
C GLU A 488 29.29 24.35 41.58
N SER A 489 29.04 23.10 41.18
CA SER A 489 27.81 22.42 41.56
C SER A 489 27.90 21.82 42.96
N LYS A 490 26.74 21.74 43.62
CA LYS A 490 26.61 21.09 44.92
C LYS A 490 26.89 19.60 44.77
N TYR A 491 26.37 18.99 43.71
CA TYR A 491 26.67 17.61 43.34
C TYR A 491 28.16 17.43 43.03
N LYS A 492 28.73 16.33 43.53
CA LYS A 492 30.14 15.98 43.31
C LYS A 492 30.20 14.52 42.87
N ARG A 493 30.93 14.28 41.79
CA ARG A 493 30.94 12.98 41.10
C ARG A 493 31.63 11.86 41.89
N SER A 494 32.66 12.21 42.67
CA SER A 494 33.43 11.26 43.48
C SER A 494 32.59 10.54 44.54
N SER A 495 31.54 11.20 45.03
CA SER A 495 30.62 10.60 45.99
C SER A 495 29.89 9.35 45.49
N GLY A 496 29.80 9.17 44.17
CA GLY A 496 29.20 7.98 43.58
C GLY A 496 27.68 7.90 43.65
N GLY A 497 27.02 9.05 43.87
CA GLY A 497 25.56 9.14 43.85
C GLY A 497 25.08 9.73 42.53
N LEU A 498 23.77 9.91 42.41
CA LEU A 498 23.17 10.55 41.25
C LEU A 498 22.90 12.03 41.55
N PRO A 499 22.86 12.87 40.50
CA PRO A 499 22.55 14.29 40.72
C PRO A 499 21.05 14.51 40.85
N ALA A 500 20.67 15.45 41.72
CA ALA A 500 19.27 15.85 41.91
C ALA A 500 18.80 16.71 40.74
N PRO A 501 17.47 16.87 40.56
CA PRO A 501 16.94 17.67 39.44
C PRO A 501 17.58 19.06 39.25
N SER A 502 17.77 19.80 40.35
CA SER A 502 18.25 21.19 40.28
C SER A 502 19.74 21.40 40.59
N ASP A 503 20.53 20.32 40.68
CA ASP A 503 21.96 20.45 41.00
C ASP A 503 22.79 21.24 39.98
N PHE A 504 22.35 21.26 38.72
CA PHE A 504 23.08 21.96 37.65
C PHE A 504 22.53 23.34 37.29
N LYS A 505 21.46 23.80 37.95
CA LYS A 505 20.88 25.12 37.67
C LYS A 505 21.85 26.24 38.07
N CYS A 506 22.15 27.12 37.12
CA CYS A 506 22.90 28.33 37.41
C CYS A 506 21.95 29.40 37.97
N PRO A 507 22.42 30.24 38.90
CA PRO A 507 21.58 31.37 39.31
C PRO A 507 21.56 32.47 38.24
N ILE A 508 20.44 33.20 38.19
CA ILE A 508 20.27 34.31 37.27
C ILE A 508 20.64 35.63 37.97
N LYS A 509 21.75 36.24 37.57
CA LYS A 509 22.18 37.53 38.09
C LYS A 509 21.31 38.68 37.56
N GLU A 510 20.81 38.54 36.33
CA GLU A 510 20.10 39.62 35.65
C GLU A 510 19.17 39.05 34.58
N GLU A 511 18.05 39.72 34.34
CA GLU A 511 17.11 39.31 33.28
C GLU A 511 16.28 40.51 32.80
N ILE A 512 16.93 41.37 32.01
CA ILE A 512 16.31 42.59 31.49
C ILE A 512 15.45 42.24 30.27
N ALA A 513 14.26 42.83 30.19
CA ALA A 513 13.37 42.66 29.04
C ALA A 513 13.68 43.73 27.99
N ILE A 514 14.25 43.30 26.85
CA ILE A 514 14.58 44.21 25.75
C ILE A 514 13.31 44.70 25.01
N THR A 515 12.29 43.85 24.94
CA THR A 515 11.00 44.24 24.33
C THR A 515 9.80 43.70 25.10
N SER A 516 8.62 44.25 24.77
CA SER A 516 7.35 43.84 25.37
C SER A 516 6.17 44.39 24.57
N GLY A 517 4.97 43.94 24.92
CA GLY A 517 3.73 44.38 24.25
C GLY A 517 2.89 43.22 23.76
N GLU A 518 1.80 43.54 23.08
CA GLU A 518 0.83 42.57 22.55
C GLU A 518 1.14 42.22 21.09
N TRP A 519 2.37 41.75 20.86
CA TRP A 519 2.91 41.47 19.53
C TRP A 519 4.19 40.68 19.73
N GLU A 520 4.59 39.90 18.71
CA GLU A 520 5.74 38.99 18.86
C GLU A 520 6.97 39.41 18.06
N VAL A 521 8.13 39.12 18.64
CA VAL A 521 9.39 39.03 17.90
C VAL A 521 9.34 37.72 17.08
N LEU A 522 9.89 37.77 15.87
CA LEU A 522 9.88 36.62 14.96
C LEU A 522 11.24 35.95 14.99
N GLY A 523 11.24 34.61 15.05
CA GLY A 523 12.48 33.82 15.11
C GLY A 523 12.54 32.51 14.34
N ARG A 524 11.67 32.34 13.35
CA ARG A 524 11.54 31.09 12.58
C ARG A 524 11.64 31.43 11.10
N HIS A 525 11.98 30.41 10.30
CA HIS A 525 11.95 30.50 8.82
C HIS A 525 12.80 31.62 8.25
N GLY A 526 13.98 31.84 8.84
CA GLY A 526 14.89 32.89 8.39
C GLY A 526 14.91 34.12 9.28
N SER A 527 13.79 34.41 9.96
CA SER A 527 13.73 35.53 10.89
C SER A 527 14.65 35.26 12.07
N ASN A 528 15.47 36.27 12.39
CA ASN A 528 16.43 36.18 13.48
C ASN A 528 16.74 37.61 13.99
N ILE A 529 17.85 37.76 14.72
CA ILE A 529 18.30 39.06 15.19
C ILE A 529 19.73 39.29 14.70
N GLN A 530 20.10 40.57 14.58
CA GLN A 530 21.47 40.97 14.34
C GLN A 530 21.89 41.87 15.51
N VAL A 531 23.02 41.53 16.14
CA VAL A 531 23.49 42.24 17.33
C VAL A 531 24.69 43.14 17.00
N ASP A 532 24.48 44.45 17.16
CA ASP A 532 25.53 45.45 17.02
C ASP A 532 26.18 45.61 18.39
N GLU A 533 27.34 44.96 18.59
CA GLU A 533 28.05 45.02 19.88
C GLU A 533 28.84 46.32 20.12
N VAL A 534 29.02 47.14 19.08
CA VAL A 534 29.70 48.44 19.20
C VAL A 534 28.70 49.49 19.70
N ARG A 535 27.64 49.70 18.90
CA ARG A 535 26.55 50.61 19.29
C ARG A 535 25.59 50.00 20.32
N ARG A 536 25.75 48.71 20.62
CA ARG A 536 24.98 48.00 21.66
C ARG A 536 23.47 48.00 21.36
N LEU A 537 23.16 47.56 20.14
CA LEU A 537 21.79 47.50 19.60
C LEU A 537 21.46 46.09 19.12
N VAL A 538 20.17 45.86 18.87
CA VAL A 538 19.69 44.58 18.34
C VAL A 538 18.55 44.80 17.34
N TYR A 539 18.79 44.39 16.09
CA TYR A 539 17.80 44.49 15.01
C TYR A 539 16.97 43.21 15.03
N PHE A 540 15.67 43.30 14.77
CA PHE A 540 14.78 42.13 14.78
C PHE A 540 13.51 42.37 13.99
N GLU A 541 12.88 41.28 13.55
CA GLU A 541 11.59 41.34 12.86
C GLU A 541 10.45 41.12 13.86
N GLY A 542 9.34 41.82 13.68
CA GLY A 542 8.21 41.76 14.60
C GLY A 542 6.86 42.15 14.04
N THR A 543 5.80 41.93 14.82
CA THR A 543 4.42 42.24 14.44
C THR A 543 3.83 43.49 15.15
N LYS A 544 4.69 44.34 15.70
CA LYS A 544 4.29 45.48 16.55
C LYS A 544 3.26 46.40 15.91
N ASP A 545 3.50 46.76 14.64
CA ASP A 545 2.60 47.64 13.90
C ASP A 545 1.30 46.93 13.47
N SER A 546 1.43 45.68 13.03
CA SER A 546 0.28 44.91 12.60
C SER A 546 0.59 43.41 12.61
N PRO A 547 -0.39 42.56 12.94
CA PRO A 547 -0.22 41.11 12.75
C PRO A 547 -0.26 40.70 11.27
N LEU A 548 -0.74 41.59 10.41
CA LEU A 548 -0.77 41.36 8.96
C LEU A 548 0.51 41.81 8.24
N GLU A 549 1.47 42.39 8.97
CA GLU A 549 2.72 42.87 8.37
C GLU A 549 3.94 42.63 9.27
N HIS A 550 4.91 41.90 8.73
CA HIS A 550 6.21 41.73 9.36
C HIS A 550 7.03 43.00 9.11
N HIS A 551 7.71 43.51 10.14
CA HIS A 551 8.56 44.71 9.99
C HIS A 551 9.89 44.58 10.73
N LEU A 552 10.92 45.20 10.18
CA LEU A 552 12.22 45.29 10.84
C LEU A 552 12.18 46.41 11.88
N TYR A 553 12.71 46.13 13.07
CA TYR A 553 12.82 47.12 14.15
C TYR A 553 14.24 47.11 14.73
N VAL A 554 14.56 48.11 15.55
CA VAL A 554 15.84 48.16 16.26
C VAL A 554 15.67 48.83 17.64
N VAL A 555 16.46 48.39 18.62
CA VAL A 555 16.36 48.86 20.01
C VAL A 555 17.69 48.62 20.73
N SER A 556 17.95 49.40 21.78
CA SER A 556 19.14 49.19 22.63
C SER A 556 18.93 47.98 23.54
N TYR A 557 19.97 47.14 23.68
CA TYR A 557 19.93 46.03 24.64
C TYR A 557 20.47 46.40 26.04
N VAL A 558 21.17 47.54 26.15
CA VAL A 558 21.71 48.03 27.43
C VAL A 558 20.63 48.74 28.25
N ASN A 559 20.07 49.81 27.68
CA ASN A 559 19.03 50.60 28.33
C ASN A 559 17.79 50.57 27.44
N PRO A 560 17.05 49.46 27.46
CA PRO A 560 15.98 49.27 26.48
C PRO A 560 14.92 50.36 26.52
N GLY A 561 14.99 51.26 25.55
CA GLY A 561 14.01 52.31 25.38
C GLY A 561 12.97 51.90 24.37
N GLU A 562 12.56 52.85 23.53
CA GLU A 562 11.55 52.59 22.51
C GLU A 562 12.18 51.97 21.27
N VAL A 563 11.37 51.16 20.59
CA VAL A 563 11.81 50.45 19.40
C VAL A 563 11.52 51.31 18.17
N THR A 564 12.51 51.42 17.28
CA THR A 564 12.41 52.22 16.06
C THR A 564 12.14 51.29 14.86
N ARG A 565 10.96 51.42 14.25
CA ARG A 565 10.65 50.69 13.03
C ARG A 565 11.46 51.22 11.86
N LEU A 566 12.14 50.32 11.15
CA LEU A 566 12.99 50.68 10.00
C LEU A 566 12.35 50.43 8.63
N THR A 567 11.27 49.66 8.57
CA THR A 567 10.61 49.37 7.29
C THR A 567 9.34 50.18 7.12
N ASP A 568 9.00 50.48 5.86
CA ASP A 568 7.82 51.28 5.54
C ASP A 568 6.56 50.46 5.68
N ARG A 569 5.50 51.08 6.20
CA ARG A 569 4.20 50.44 6.31
C ARG A 569 3.54 50.30 4.94
N GLY A 570 2.54 49.43 4.85
CA GLY A 570 1.88 49.09 3.59
C GLY A 570 2.45 47.87 2.87
N TYR A 571 3.57 47.35 3.36
CA TYR A 571 4.14 46.08 2.90
C TYR A 571 4.49 45.19 4.10
N SER A 572 4.47 43.88 3.88
CA SER A 572 5.10 42.92 4.80
C SER A 572 6.52 42.68 4.30
N HIS A 573 7.48 42.59 5.22
CA HIS A 573 8.90 42.52 4.89
C HIS A 573 9.55 41.25 5.39
N SER A 574 10.64 40.86 4.74
CA SER A 574 11.54 39.82 5.21
C SER A 574 12.95 40.33 5.00
N CYS A 575 13.70 40.48 6.09
CA CYS A 575 14.93 41.24 6.04
C CYS A 575 16.11 40.46 6.59
N CYS A 576 17.30 40.87 6.15
CA CYS A 576 18.54 40.53 6.84
C CYS A 576 19.41 41.77 6.91
N ILE A 577 20.28 41.79 7.91
CA ILE A 577 21.10 42.95 8.23
C ILE A 577 22.54 42.56 8.00
N SER A 578 23.30 43.45 7.35
CA SER A 578 24.74 43.25 7.18
C SER A 578 25.39 42.90 8.51
N GLN A 579 26.40 42.03 8.47
CA GLN A 579 27.16 41.72 9.68
C GLN A 579 27.80 42.97 10.30
N HIS A 580 28.15 43.95 9.45
CA HIS A 580 28.74 45.23 9.87
C HIS A 580 27.71 46.27 10.36
N CYS A 581 26.42 45.96 10.21
CA CYS A 581 25.31 46.76 10.77
C CYS A 581 25.20 48.17 10.21
N ASP A 582 25.63 48.35 8.96
CA ASP A 582 25.48 49.62 8.23
C ASP A 582 24.55 49.53 7.00
N PHE A 583 23.98 48.35 6.75
CA PHE A 583 23.01 48.14 5.67
C PHE A 583 21.99 47.09 6.08
N PHE A 584 20.82 47.10 5.44
CA PHE A 584 19.90 45.97 5.49
C PHE A 584 19.16 45.82 4.16
N ILE A 585 18.75 44.59 3.86
CA ILE A 585 18.00 44.29 2.64
C ILE A 585 16.62 43.85 3.08
N SER A 586 15.62 44.10 2.24
CA SER A 586 14.23 43.70 2.53
C SER A 586 13.55 43.11 1.30
N LYS A 587 13.05 41.89 1.45
CA LYS A 587 12.17 41.26 0.44
C LYS A 587 10.74 41.56 0.87
N TYR A 588 10.08 42.45 0.12
CA TYR A 588 8.76 42.94 0.52
C TYR A 588 7.72 42.88 -0.59
N SER A 589 6.47 42.73 -0.17
CA SER A 589 5.32 42.71 -1.07
C SER A 589 4.07 43.16 -0.31
N ASN A 590 2.96 43.24 -1.04
CA ASN A 590 1.65 43.39 -0.43
C ASN A 590 0.58 42.82 -1.35
N GLN A 591 -0.67 42.92 -0.92
CA GLN A 591 -1.76 42.22 -1.57
C GLN A 591 -1.88 42.53 -3.09
N LYS A 592 -1.57 43.76 -3.48
CA LYS A 592 -1.62 44.21 -4.89
C LYS A 592 -0.28 44.15 -5.65
N ASN A 593 0.83 44.28 -4.94
CA ASN A 593 2.17 44.36 -5.57
C ASN A 593 3.04 43.13 -5.28
N PRO A 594 3.52 42.43 -6.35
CA PRO A 594 4.49 41.32 -6.20
C PRO A 594 5.80 41.66 -5.52
N HIS A 595 6.63 40.63 -5.36
CA HIS A 595 7.78 40.68 -4.46
C HIS A 595 8.90 41.53 -5.04
N CYS A 596 9.63 42.17 -4.14
CA CYS A 596 10.63 43.17 -4.50
C CYS A 596 11.73 43.14 -3.45
N VAL A 597 12.99 43.19 -3.88
CA VAL A 597 14.14 43.12 -2.98
C VAL A 597 14.98 44.39 -3.13
N SER A 598 15.14 45.13 -2.03
CA SER A 598 15.80 46.44 -2.05
C SER A 598 16.84 46.58 -0.95
N LEU A 599 17.91 47.34 -1.24
CA LEU A 599 18.98 47.64 -0.29
C LEU A 599 18.72 48.99 0.36
N TYR A 600 19.00 49.07 1.66
CA TYR A 600 18.81 50.28 2.46
C TYR A 600 20.04 50.51 3.34
N LYS A 601 20.52 51.75 3.36
CA LYS A 601 21.67 52.13 4.19
C LYS A 601 21.19 52.65 5.55
N LEU A 602 21.92 52.30 6.60
CA LEU A 602 21.60 52.71 7.98
C LEU A 602 22.54 53.83 8.40
N SER A 603 22.02 54.81 9.15
CA SER A 603 22.79 55.97 9.62
C SER A 603 22.44 56.37 11.05
N SER A 604 23.45 56.85 11.76
CA SER A 604 23.29 57.48 13.07
C SER A 604 23.25 59.00 12.89
N PRO A 605 22.39 59.70 13.65
CA PRO A 605 22.63 61.12 13.90
C PRO A 605 23.88 61.28 14.78
N GLU A 606 24.64 62.34 14.55
CA GLU A 606 25.92 62.55 15.25
C GLU A 606 25.73 62.63 16.78
N ASP A 607 24.67 63.30 17.21
CA ASP A 607 24.36 63.48 18.64
C ASP A 607 23.94 62.22 19.42
N ASP A 608 23.53 61.15 18.73
CA ASP A 608 22.95 59.96 19.37
C ASP A 608 23.08 58.69 18.49
N PRO A 609 24.09 57.84 18.75
CA PRO A 609 24.24 56.59 17.99
C PRO A 609 23.07 55.59 18.14
N THR A 610 22.35 55.64 19.26
CA THR A 610 21.18 54.79 19.51
C THR A 610 20.05 55.02 18.48
N CYS A 611 19.86 56.26 18.04
CA CYS A 611 18.83 56.57 17.06
C CYS A 611 19.26 56.08 15.67
N LYS A 612 18.31 55.52 14.93
CA LYS A 612 18.58 54.91 13.63
C LYS A 612 17.62 55.41 12.58
N THR A 613 18.18 55.82 11.44
CA THR A 613 17.42 56.22 10.26
C THR A 613 17.95 55.43 9.07
N LYS A 614 17.09 55.24 8.08
CA LYS A 614 17.46 54.50 6.88
C LYS A 614 17.28 55.32 5.61
N GLU A 615 18.17 55.10 4.63
CA GLU A 615 18.09 55.72 3.33
C GLU A 615 18.09 54.64 2.24
N PHE A 616 17.19 54.77 1.26
CA PHE A 616 17.17 53.88 0.11
C PHE A 616 18.45 54.06 -0.69
N TRP A 617 19.08 52.93 -1.06
CA TRP A 617 20.38 52.92 -1.73
C TRP A 617 20.28 52.36 -3.15
N ALA A 618 19.70 51.17 -3.28
CA ALA A 618 19.57 50.49 -4.58
C ALA A 618 18.52 49.40 -4.59
N THR A 619 18.04 49.05 -5.78
CA THR A 619 17.15 47.90 -5.99
C THR A 619 17.95 46.68 -6.47
N ILE A 620 17.64 45.52 -5.88
CA ILE A 620 18.29 44.24 -6.23
C ILE A 620 17.40 43.41 -7.16
N LEU A 621 16.11 43.32 -6.86
CA LEU A 621 15.13 42.68 -7.74
C LEU A 621 13.91 43.59 -7.85
N ASP A 622 13.60 44.01 -9.07
CA ASP A 622 12.51 44.94 -9.31
C ASP A 622 11.23 44.12 -9.48
N SER A 623 10.14 44.63 -8.92
CA SER A 623 8.85 43.93 -8.95
C SER A 623 8.29 43.90 -10.37
N ALA A 624 7.56 42.83 -10.70
CA ALA A 624 6.94 42.67 -12.01
C ALA A 624 5.78 43.64 -12.26
N GLY A 625 5.16 44.13 -11.18
CA GLY A 625 3.99 45.01 -11.26
C GLY A 625 2.71 44.19 -11.42
N PRO A 626 1.54 44.81 -11.22
CA PRO A 626 0.24 44.13 -11.30
C PRO A 626 0.14 43.15 -12.47
N LEU A 627 -0.15 41.88 -12.15
CA LEU A 627 -0.25 40.83 -13.17
C LEU A 627 -1.50 41.01 -14.02
N PRO A 628 -1.43 40.63 -15.32
CA PRO A 628 -2.65 40.54 -16.11
C PRO A 628 -3.59 39.47 -15.57
N ASP A 629 -4.87 39.82 -15.41
CA ASP A 629 -5.94 38.90 -14.96
C ASP A 629 -6.02 38.60 -13.44
N TYR A 630 -4.94 38.84 -12.67
CA TYR A 630 -5.00 38.63 -11.21
C TYR A 630 -5.63 39.83 -10.50
N THR A 631 -6.89 39.67 -10.08
CA THR A 631 -7.54 40.58 -9.15
C THR A 631 -7.24 40.06 -7.73
N PRO A 632 -6.49 40.83 -6.93
CA PRO A 632 -6.23 40.37 -5.55
C PRO A 632 -7.47 40.44 -4.64
N PRO A 633 -7.41 39.76 -3.47
CA PRO A 633 -8.52 39.76 -2.54
C PRO A 633 -8.53 40.99 -1.63
N GLU A 634 -9.57 41.09 -0.81
CA GLU A 634 -9.69 42.13 0.20
C GLU A 634 -9.50 41.52 1.59
N ILE A 635 -8.55 42.03 2.36
CA ILE A 635 -8.39 41.63 3.76
C ILE A 635 -9.52 42.27 4.57
N PHE A 636 -10.29 41.44 5.27
CA PHE A 636 -11.34 41.89 6.18
C PHE A 636 -11.08 41.39 7.60
N SER A 637 -11.93 41.82 8.54
CA SER A 637 -11.87 41.33 9.93
C SER A 637 -13.21 41.47 10.63
N PHE A 638 -13.35 40.75 11.76
CA PHE A 638 -14.58 40.78 12.55
C PHE A 638 -14.30 40.42 14.01
N GLU A 639 -15.05 41.06 14.91
CA GLU A 639 -14.94 40.79 16.35
C GLU A 639 -15.70 39.49 16.62
N SER A 640 -14.96 38.45 16.99
CA SER A 640 -15.54 37.14 17.26
C SER A 640 -16.19 37.13 18.63
N THR A 641 -17.19 36.26 18.80
CA THR A 641 -17.80 36.02 20.12
C THR A 641 -16.81 35.42 21.13
N THR A 642 -15.69 34.88 20.63
CA THR A 642 -14.59 34.38 21.46
C THR A 642 -13.74 35.50 22.09
N GLY A 643 -13.98 36.76 21.71
CA GLY A 643 -13.24 37.89 22.25
C GLY A 643 -11.92 38.13 21.54
N PHE A 644 -11.89 37.80 20.24
CA PHE A 644 -10.70 37.95 19.40
C PHE A 644 -11.06 38.58 18.05
N THR A 645 -10.19 39.48 17.58
CA THR A 645 -10.26 39.93 16.19
C THR A 645 -9.80 38.77 15.31
N LEU A 646 -10.61 38.38 14.32
CA LEU A 646 -10.26 37.31 13.39
C LEU A 646 -10.18 37.88 11.99
N TYR A 647 -8.98 37.88 11.41
CA TYR A 647 -8.76 38.42 10.07
C TYR A 647 -9.09 37.38 9.01
N GLY A 648 -9.39 37.86 7.81
CA GLY A 648 -9.84 37.02 6.69
C GLY A 648 -9.43 37.59 5.34
N MET A 649 -9.62 36.81 4.27
CA MET A 649 -9.39 37.28 2.89
C MET A 649 -10.61 36.91 2.06
N LEU A 650 -11.06 37.86 1.24
CA LEU A 650 -12.25 37.70 0.41
C LEU A 650 -11.93 37.99 -1.04
N TYR A 651 -12.23 37.02 -1.91
CA TYR A 651 -12.20 37.21 -3.36
C TYR A 651 -13.65 37.32 -3.84
N LYS A 652 -14.03 38.50 -4.34
CA LYS A 652 -15.32 38.69 -4.98
C LYS A 652 -15.31 38.04 -6.37
N PRO A 653 -16.45 37.48 -6.81
CA PRO A 653 -16.57 37.00 -8.20
C PRO A 653 -16.30 38.10 -9.23
N HIS A 654 -15.53 37.77 -10.27
CA HIS A 654 -15.23 38.73 -11.34
C HIS A 654 -16.47 38.96 -12.19
N ASP A 655 -16.66 40.21 -12.63
CA ASP A 655 -17.90 40.64 -13.29
C ASP A 655 -19.10 40.32 -12.39
N LEU A 656 -19.17 41.04 -11.29
CA LEU A 656 -20.15 40.81 -10.24
C LEU A 656 -21.53 41.32 -10.67
N GLN A 657 -22.44 40.40 -10.98
CA GLN A 657 -23.81 40.76 -11.40
C GLN A 657 -24.61 41.31 -10.22
N PRO A 658 -25.53 42.27 -10.47
CA PRO A 658 -26.37 42.79 -9.40
C PRO A 658 -27.55 41.85 -9.15
N GLY A 659 -27.97 41.76 -7.88
CA GLY A 659 -29.14 40.95 -7.50
C GLY A 659 -29.03 39.45 -7.76
N LYS A 660 -27.82 38.92 -7.69
CA LYS A 660 -27.56 37.48 -7.85
C LYS A 660 -26.64 36.97 -6.75
N LYS A 661 -26.80 35.68 -6.43
CA LYS A 661 -26.04 35.03 -5.36
C LYS A 661 -25.16 33.89 -5.92
N TYR A 662 -23.89 33.87 -5.53
CA TYR A 662 -22.86 33.01 -6.12
C TYR A 662 -22.42 31.89 -5.16
N PRO A 663 -21.94 30.75 -5.71
CA PRO A 663 -21.43 29.66 -4.88
C PRO A 663 -20.08 30.01 -4.25
N THR A 664 -19.85 29.53 -3.04
CA THR A 664 -18.68 29.92 -2.25
C THR A 664 -17.76 28.72 -1.99
N VAL A 665 -16.45 28.97 -2.04
CA VAL A 665 -15.42 27.98 -1.73
C VAL A 665 -14.60 28.52 -0.56
N LEU A 666 -14.67 27.84 0.57
CA LEU A 666 -13.82 28.14 1.72
C LEU A 666 -12.52 27.36 1.56
N PHE A 667 -11.41 28.06 1.32
CA PHE A 667 -10.10 27.45 1.33
C PHE A 667 -9.51 27.61 2.74
N ILE A 668 -9.00 26.51 3.29
CA ILE A 668 -8.62 26.45 4.71
C ILE A 668 -7.31 25.72 4.94
N TYR A 669 -6.58 26.16 5.97
CA TYR A 669 -5.54 25.36 6.60
C TYR A 669 -5.91 25.18 8.08
N GLY A 670 -5.81 26.26 8.87
CA GLY A 670 -6.38 26.29 10.22
C GLY A 670 -5.58 25.64 11.34
N GLY A 671 -4.51 24.92 10.99
CA GLY A 671 -3.63 24.31 11.98
C GLY A 671 -2.61 25.29 12.53
N PRO A 672 -1.80 24.84 13.51
CA PRO A 672 -0.78 25.67 14.14
C PRO A 672 0.42 25.97 13.25
N GLN A 673 1.14 27.03 13.60
CA GLN A 673 2.40 27.45 12.98
C GLN A 673 2.27 28.05 11.57
N VAL A 674 1.05 28.36 11.12
CA VAL A 674 0.87 29.09 9.85
C VAL A 674 -0.22 30.16 9.94
N GLN A 675 -0.08 31.17 9.08
CA GLN A 675 -1.02 32.27 8.93
C GLN A 675 -1.27 32.45 7.44
N LEU A 676 -2.47 32.17 6.97
CA LEU A 676 -2.81 32.40 5.56
C LEU A 676 -3.14 33.87 5.23
N VAL A 677 -3.66 34.62 6.21
CA VAL A 677 -4.14 35.99 5.98
C VAL A 677 -3.14 37.03 6.47
N ASN A 678 -2.59 37.77 5.51
CA ASN A 678 -1.63 38.84 5.77
C ASN A 678 -1.49 39.74 4.54
N ASN A 679 -0.73 40.82 4.67
CA ASN A 679 -0.52 41.76 3.58
C ASN A 679 0.73 41.37 2.79
N ARG A 680 0.58 40.30 2.02
CA ARG A 680 1.63 39.78 1.12
C ARG A 680 0.98 39.47 -0.21
N PHE A 681 1.80 39.40 -1.26
CA PHE A 681 1.28 39.07 -2.57
C PHE A 681 0.89 37.59 -2.61
N LYS A 682 -0.39 37.33 -2.85
CA LYS A 682 -0.94 35.97 -2.91
C LYS A 682 -1.16 35.47 -4.34
N GLY A 683 -0.68 36.23 -5.33
CA GLY A 683 -0.87 35.87 -6.73
C GLY A 683 0.10 34.88 -7.34
N VAL A 684 1.07 34.39 -6.56
CA VAL A 684 1.96 33.31 -7.01
C VAL A 684 1.39 31.99 -6.53
N LYS A 685 1.50 31.71 -5.23
CA LYS A 685 1.11 30.42 -4.68
C LYS A 685 -0.41 30.20 -4.71
N TYR A 686 -1.16 31.23 -4.30
CA TYR A 686 -2.63 31.16 -4.29
C TYR A 686 -3.23 31.88 -5.50
N PHE A 687 -2.58 31.70 -6.66
CA PHE A 687 -3.07 32.23 -7.92
C PHE A 687 -4.40 31.61 -8.30
N ARG A 688 -4.55 30.34 -8.00
CA ARG A 688 -5.72 29.60 -8.45
C ARG A 688 -6.96 29.87 -7.59
N LEU A 689 -6.79 30.58 -6.47
CA LEU A 689 -7.92 31.22 -5.79
C LEU A 689 -8.55 32.31 -6.66
N ASN A 690 -7.70 33.07 -7.36
CA ASN A 690 -8.14 34.06 -8.35
C ASN A 690 -8.88 33.39 -9.52
N THR A 691 -8.32 32.29 -10.04
CA THR A 691 -8.96 31.52 -11.11
C THR A 691 -10.36 31.04 -10.74
N LEU A 692 -10.55 30.65 -9.48
CA LEU A 692 -11.88 30.31 -8.96
C LEU A 692 -12.83 31.51 -8.98
N ALA A 693 -12.33 32.69 -8.59
CA ALA A 693 -13.11 33.92 -8.66
C ALA A 693 -13.50 34.30 -10.11
N SER A 694 -12.62 34.05 -11.07
CA SER A 694 -12.89 34.33 -12.48
C SER A 694 -14.00 33.47 -13.08
N LEU A 695 -14.21 32.28 -12.53
CA LEU A 695 -15.30 31.38 -12.95
C LEU A 695 -16.64 31.67 -12.23
N GLY A 696 -16.61 32.54 -11.22
CA GLY A 696 -17.81 32.92 -10.48
C GLY A 696 -18.02 32.15 -9.18
N TYR A 697 -16.94 31.93 -8.43
CA TYR A 697 -17.02 31.39 -7.06
C TYR A 697 -16.59 32.49 -6.10
N VAL A 698 -17.31 32.65 -5.00
CA VAL A 698 -16.81 33.48 -3.90
C VAL A 698 -15.73 32.64 -3.21
N VAL A 699 -14.60 33.25 -2.85
CA VAL A 699 -13.55 32.51 -2.15
C VAL A 699 -13.21 33.20 -0.84
N VAL A 700 -13.22 32.42 0.24
CA VAL A 700 -12.97 32.93 1.60
C VAL A 700 -11.80 32.16 2.21
N VAL A 701 -11.01 32.88 3.02
CA VAL A 701 -9.91 32.29 3.78
C VAL A 701 -9.88 32.98 5.15
N ILE A 702 -9.94 32.19 6.22
CA ILE A 702 -9.99 32.73 7.59
C ILE A 702 -8.94 32.06 8.49
N ASP A 703 -8.22 32.88 9.26
CA ASP A 703 -7.30 32.42 10.30
C ASP A 703 -8.01 32.28 11.64
N ASN A 704 -8.60 31.11 11.88
CA ASN A 704 -9.21 30.77 13.18
C ASN A 704 -8.18 30.74 14.33
N ARG A 705 -8.64 30.54 15.56
CA ARG A 705 -7.70 30.44 16.69
C ARG A 705 -6.81 29.22 16.50
N GLY A 706 -5.54 29.34 16.91
CA GLY A 706 -4.53 28.30 16.68
C GLY A 706 -3.43 28.71 15.71
N SER A 707 -3.80 29.49 14.69
CA SER A 707 -2.85 30.07 13.74
C SER A 707 -1.90 31.06 14.41
N CYS A 708 -0.76 31.32 13.78
CA CYS A 708 0.36 32.00 14.43
C CYS A 708 0.32 33.52 14.25
N HIS A 709 1.31 34.21 14.86
CA HIS A 709 1.50 35.66 14.82
C HIS A 709 0.50 36.46 15.67
N ARG A 710 -0.22 35.76 16.56
CA ARG A 710 -1.19 36.39 17.46
C ARG A 710 -0.90 36.03 18.93
N GLY A 711 0.33 35.60 19.23
CA GLY A 711 0.72 35.22 20.57
C GLY A 711 0.34 33.81 21.01
N LEU A 712 0.87 33.40 22.15
CA LEU A 712 0.73 32.04 22.64
C LEU A 712 -0.70 31.69 23.11
N LYS A 713 -1.36 32.64 23.76
CA LYS A 713 -2.75 32.44 24.22
C LYS A 713 -3.73 32.17 23.07
N PHE A 714 -3.63 32.95 22.00
CA PHE A 714 -4.41 32.74 20.77
C PHE A 714 -4.12 31.36 20.16
N GLU A 715 -2.85 30.97 20.16
CA GLU A 715 -2.40 29.69 19.59
C GLU A 715 -2.89 28.53 20.47
N GLY A 716 -2.81 28.70 21.78
CA GLY A 716 -3.21 27.69 22.76
C GLY A 716 -4.69 27.31 22.78
N ALA A 717 -5.55 28.15 22.22
CA ALA A 717 -7.00 27.91 22.14
C ALA A 717 -7.40 26.46 21.98
N PHE A 718 -6.72 25.72 21.10
CA PHE A 718 -7.05 24.31 20.84
C PHE A 718 -6.19 23.23 21.52
N LYS A 719 -5.44 23.58 22.57
CA LYS A 719 -4.67 22.57 23.29
C LYS A 719 -5.57 21.45 23.80
N TYR A 720 -5.16 20.21 23.56
CA TYR A 720 -5.96 19.00 23.86
C TYR A 720 -7.32 18.92 23.13
N LYS A 721 -7.61 19.86 22.21
CA LYS A 721 -8.96 20.05 21.66
C LYS A 721 -9.01 20.13 20.12
N MET A 722 -7.95 19.70 19.42
CA MET A 722 -7.87 19.87 17.97
C MET A 722 -9.09 19.27 17.29
N GLY A 723 -9.65 20.02 16.35
CA GLY A 723 -10.91 19.67 15.65
C GLY A 723 -12.19 20.24 16.24
N GLN A 724 -12.15 20.64 17.51
CA GLN A 724 -13.38 21.02 18.23
C GLN A 724 -13.77 22.50 18.06
N ILE A 725 -12.79 23.38 17.90
CA ILE A 725 -13.06 24.84 17.84
C ILE A 725 -12.89 25.53 16.47
N GLU A 726 -12.19 24.90 15.53
CA GLU A 726 -11.74 25.61 14.32
C GLU A 726 -12.89 25.94 13.36
N ILE A 727 -13.87 25.04 13.25
CA ILE A 727 -15.00 25.22 12.33
C ILE A 727 -15.99 26.28 12.85
N ASP A 728 -16.10 26.44 14.16
CA ASP A 728 -16.91 27.53 14.76
C ASP A 728 -16.45 28.90 14.27
N ASP A 729 -15.14 29.10 14.22
CA ASP A 729 -14.55 30.35 13.74
C ASP A 729 -14.74 30.56 12.25
N GLN A 730 -14.62 29.48 11.48
CA GLN A 730 -14.78 29.55 10.03
C GLN A 730 -16.24 29.86 9.68
N VAL A 731 -17.17 29.23 10.39
CA VAL A 731 -18.61 29.48 10.21
C VAL A 731 -19.00 30.90 10.63
N GLU A 732 -18.43 31.38 11.73
CA GLU A 732 -18.73 32.74 12.24
C GLU A 732 -18.35 33.81 11.22
N GLY A 733 -17.11 33.74 10.72
CA GLY A 733 -16.64 34.63 9.67
C GLY A 733 -17.38 34.46 8.35
N LEU A 734 -17.81 33.24 8.06
CA LEU A 734 -18.59 32.94 6.87
C LEU A 734 -19.98 33.58 6.95
N GLN A 735 -20.55 33.61 8.16
CA GLN A 735 -21.86 34.25 8.41
C GLN A 735 -21.79 35.78 8.56
N TYR A 736 -20.65 36.29 9.02
CA TYR A 736 -20.36 37.74 8.99
C TYR A 736 -20.39 38.27 7.56
N LEU A 737 -19.73 37.55 6.64
CA LEU A 737 -19.65 37.95 5.24
C LEU A 737 -20.99 37.85 4.51
N ALA A 738 -21.81 36.85 4.85
CA ALA A 738 -23.13 36.66 4.22
C ALA A 738 -24.14 37.74 4.64
N SER A 739 -24.15 38.11 5.92
CA SER A 739 -25.02 39.19 6.43
C SER A 739 -24.62 40.57 5.90
N ARG A 740 -23.36 40.73 5.52
CA ARG A 740 -22.86 41.98 4.92
C ARG A 740 -23.01 41.96 3.39
N TYR A 741 -22.55 40.89 2.76
CA TYR A 741 -22.65 40.72 1.29
C TYR A 741 -23.70 39.67 0.93
N ASP A 742 -24.77 40.09 0.26
CA ASP A 742 -25.84 39.18 -0.14
C ASP A 742 -25.53 38.32 -1.37
N PHE A 743 -24.42 38.59 -2.06
CA PHE A 743 -23.98 37.73 -3.18
C PHE A 743 -23.40 36.36 -2.78
N ILE A 744 -23.11 36.16 -1.49
CA ILE A 744 -22.70 34.85 -0.98
C ILE A 744 -23.92 33.93 -0.81
N ASP A 745 -24.01 32.89 -1.62
CA ASP A 745 -25.07 31.87 -1.51
C ASP A 745 -24.66 30.81 -0.47
N LEU A 746 -25.21 30.91 0.74
CA LEU A 746 -24.96 29.90 1.79
C LEU A 746 -25.59 28.52 1.53
N ASP A 747 -26.49 28.41 0.55
CA ASP A 747 -27.02 27.11 0.14
C ASP A 747 -26.03 26.28 -0.70
N ARG A 748 -24.93 26.90 -1.15
CA ARG A 748 -23.90 26.19 -1.93
C ARG A 748 -22.48 26.62 -1.50
N VAL A 749 -22.07 26.18 -0.31
CA VAL A 749 -20.71 26.43 0.21
C VAL A 749 -19.86 25.15 0.17
N GLY A 750 -18.69 25.26 -0.44
CA GLY A 750 -17.70 24.17 -0.50
C GLY A 750 -16.51 24.46 0.41
N ILE A 751 -15.82 23.42 0.84
CA ILE A 751 -14.61 23.58 1.68
C ILE A 751 -13.47 22.69 1.16
N HIS A 752 -12.25 23.24 1.16
CA HIS A 752 -11.07 22.52 0.65
C HIS A 752 -9.76 22.92 1.35
N GLY A 753 -8.99 21.91 1.70
CA GLY A 753 -7.66 22.12 2.31
C GLY A 753 -6.78 20.90 2.19
N TRP A 754 -5.50 21.09 2.52
CA TRP A 754 -4.51 20.02 2.49
C TRP A 754 -3.91 19.86 3.89
N SER A 755 -3.69 18.60 4.30
CA SER A 755 -3.09 18.27 5.59
C SER A 755 -4.00 18.63 6.78
N TYR A 756 -3.70 19.67 7.55
CA TYR A 756 -4.61 20.14 8.60
C TYR A 756 -5.87 20.74 7.97
N GLY A 757 -5.72 21.32 6.78
CA GLY A 757 -6.84 21.82 6.00
C GLY A 757 -7.76 20.72 5.52
N GLY A 758 -7.19 19.58 5.13
CA GLY A 758 -7.97 18.41 4.70
C GLY A 758 -8.68 17.79 5.89
N TYR A 759 -7.99 17.78 7.03
CA TYR A 759 -8.56 17.37 8.32
C TYR A 759 -9.78 18.22 8.68
N LEU A 760 -9.60 19.54 8.72
CA LEU A 760 -10.70 20.46 9.02
C LEU A 760 -11.83 20.42 7.96
N SER A 761 -11.49 20.14 6.71
CA SER A 761 -12.52 19.96 5.67
C SER A 761 -13.43 18.78 5.99
N LEU A 762 -12.85 17.71 6.53
CA LEU A 762 -13.64 16.53 6.92
C LEU A 762 -14.49 16.82 8.16
N MET A 763 -13.90 17.54 9.12
CA MET A 763 -14.64 17.98 10.30
C MET A 763 -15.82 18.88 9.95
N ALA A 764 -15.59 19.81 9.01
CA ALA A 764 -16.62 20.72 8.53
C ALA A 764 -17.86 19.97 8.04
N LEU A 765 -17.67 19.01 7.15
CA LEU A 765 -18.77 18.21 6.60
C LEU A 765 -19.42 17.35 7.66
N MET A 766 -18.59 16.80 8.54
CA MET A 766 -19.04 15.87 9.57
C MET A 766 -19.87 16.62 10.63
N GLN A 767 -19.30 17.71 11.16
CA GLN A 767 -19.96 18.55 12.16
C GLN A 767 -21.12 19.37 11.56
N ARG A 768 -20.80 20.18 10.56
CA ARG A 768 -21.71 21.20 10.04
C ARG A 768 -22.19 20.94 8.59
N SER A 769 -22.86 19.80 8.38
CA SER A 769 -23.43 19.49 7.06
C SER A 769 -24.53 20.47 6.61
N ASP A 770 -25.13 21.18 7.56
CA ASP A 770 -26.03 22.31 7.25
C ASP A 770 -25.35 23.44 6.46
N ILE A 771 -24.11 23.77 6.79
CA ILE A 771 -23.36 24.86 6.13
C ILE A 771 -22.66 24.39 4.85
N PHE A 772 -21.91 23.28 4.93
CA PHE A 772 -21.01 22.86 3.84
C PHE A 772 -21.61 21.76 2.98
N ARG A 773 -21.80 22.07 1.70
CA ARG A 773 -22.34 21.10 0.74
C ARG A 773 -21.28 20.06 0.37
N VAL A 774 -20.12 20.53 -0.07
CA VAL A 774 -19.03 19.65 -0.48
C VAL A 774 -17.77 19.91 0.35
N ALA A 775 -17.06 18.83 0.68
CA ALA A 775 -15.76 18.91 1.34
C ALA A 775 -14.75 18.11 0.53
N ILE A 776 -13.64 18.76 0.20
CA ILE A 776 -12.58 18.13 -0.58
C ILE A 776 -11.32 18.13 0.29
N ALA A 777 -10.98 16.95 0.82
CA ALA A 777 -9.92 16.79 1.83
C ALA A 777 -8.65 16.22 1.24
N GLY A 778 -7.57 17.00 1.28
CA GLY A 778 -6.27 16.59 0.77
C GLY A 778 -5.36 16.10 1.88
N ALA A 779 -4.85 14.87 1.72
CA ALA A 779 -3.96 14.23 2.70
C ALA A 779 -4.42 14.49 4.14
N PRO A 780 -5.63 14.05 4.49
CA PRO A 780 -6.19 14.35 5.78
C PRO A 780 -5.56 13.54 6.91
N VAL A 781 -5.37 14.20 8.06
CA VAL A 781 -5.13 13.51 9.32
C VAL A 781 -6.51 13.07 9.82
N THR A 782 -6.84 11.79 9.63
CA THR A 782 -8.09 11.21 10.13
C THR A 782 -8.01 10.58 11.53
N LEU A 783 -6.81 10.47 12.10
CA LEU A 783 -6.59 9.62 13.28
C LEU A 783 -5.28 9.98 13.98
N TRP A 784 -5.35 10.81 15.01
CA TRP A 784 -4.15 11.40 15.62
C TRP A 784 -3.16 10.42 16.24
N ILE A 785 -3.61 9.20 16.57
CA ILE A 785 -2.68 8.17 17.05
C ILE A 785 -1.63 7.74 16.01
N PHE A 786 -1.92 7.92 14.72
CA PHE A 786 -0.97 7.60 13.62
C PHE A 786 0.08 8.70 13.32
N TYR A 787 -0.03 9.87 13.95
CA TYR A 787 0.88 10.98 13.67
C TYR A 787 2.06 10.99 14.66
N ASP A 788 3.14 11.68 14.27
CA ASP A 788 4.41 11.59 14.99
C ASP A 788 4.45 12.23 16.38
N THR A 789 5.43 11.81 17.17
CA THR A 789 5.62 12.27 18.54
C THR A 789 5.75 13.80 18.67
N GLY A 790 6.73 14.35 17.95
CA GLY A 790 7.07 15.78 18.07
C GLY A 790 5.92 16.75 17.89
N TYR A 791 5.08 16.49 16.89
CA TYR A 791 3.94 17.37 16.60
C TYR A 791 2.78 17.10 17.54
N THR A 792 2.18 15.91 17.45
CA THR A 792 0.88 15.69 18.12
C THR A 792 0.95 15.74 19.66
N GLU A 793 2.08 15.38 20.26
CA GLU A 793 2.24 15.52 21.72
C GLU A 793 2.38 16.98 22.18
N ARG A 794 2.95 17.83 21.34
CA ARG A 794 3.04 19.27 21.62
C ARG A 794 1.65 19.88 21.80
N TYR A 795 0.71 19.51 20.94
CA TYR A 795 -0.60 20.14 20.88
C TYR A 795 -1.70 19.36 21.61
N MET A 796 -1.64 18.03 21.56
CA MET A 796 -2.65 17.15 22.17
C MET A 796 -2.18 16.32 23.37
N GLY A 797 -0.90 16.43 23.74
CA GLY A 797 -0.32 15.61 24.81
C GLY A 797 -0.26 14.12 24.50
N HIS A 798 0.12 13.34 25.52
CA HIS A 798 0.23 11.89 25.44
C HIS A 798 -1.17 11.25 25.37
N PRO A 799 -1.41 10.27 24.47
CA PRO A 799 -2.77 9.68 24.31
C PRO A 799 -3.50 9.25 25.59
N ASP A 800 -2.77 8.59 26.49
CA ASP A 800 -3.26 8.20 27.82
C ASP A 800 -3.71 9.34 28.74
N GLN A 801 -3.21 10.55 28.51
CA GLN A 801 -3.61 11.76 29.28
C GLN A 801 -4.65 12.64 28.55
N ASN A 802 -5.18 12.15 27.42
CA ASN A 802 -6.19 12.88 26.66
C ASN A 802 -7.00 11.93 25.78
N GLU A 803 -7.64 10.96 26.42
CA GLU A 803 -8.45 9.96 25.71
C GLU A 803 -9.64 10.62 25.02
N GLN A 804 -10.28 11.57 25.72
CA GLN A 804 -11.38 12.38 25.18
C GLN A 804 -11.00 13.14 23.90
N GLY A 805 -9.96 13.96 23.99
CA GLY A 805 -9.54 14.83 22.89
C GLY A 805 -9.08 14.13 21.64
N TYR A 806 -8.39 13.00 21.82
CA TYR A 806 -7.95 12.16 20.71
C TYR A 806 -9.14 11.54 19.97
N TYR A 807 -10.09 10.98 20.71
CA TYR A 807 -11.29 10.40 20.10
C TYR A 807 -12.08 11.46 19.34
N LEU A 808 -12.33 12.61 19.98
CA LEU A 808 -13.09 13.69 19.36
C LEU A 808 -12.35 14.38 18.21
N GLY A 809 -11.02 14.43 18.30
CA GLY A 809 -10.19 15.02 17.24
C GLY A 809 -9.89 14.10 16.06
N SER A 810 -10.38 12.86 16.10
CA SER A 810 -10.06 11.88 15.06
C SER A 810 -11.29 11.56 14.24
N VAL A 811 -11.28 11.96 12.97
CA VAL A 811 -12.48 11.88 12.12
C VAL A 811 -12.84 10.43 11.79
N ALA A 812 -11.84 9.55 11.77
CA ALA A 812 -12.05 8.14 11.43
C ALA A 812 -12.89 7.40 12.48
N MET A 813 -12.78 7.83 13.74
CA MET A 813 -13.61 7.27 14.82
C MET A 813 -15.07 7.74 14.81
N GLN A 814 -15.42 8.64 13.88
CA GLN A 814 -16.75 9.25 13.84
C GLN A 814 -17.33 9.20 12.42
N ALA A 815 -17.13 8.07 11.75
CA ALA A 815 -17.51 7.91 10.34
C ALA A 815 -19.03 7.93 10.14
N GLU A 816 -19.76 7.41 11.12
CA GLU A 816 -21.23 7.41 11.13
C GLU A 816 -21.86 8.81 11.00
N LYS A 817 -21.15 9.85 11.45
CA LYS A 817 -21.61 11.24 11.36
C LYS A 817 -21.47 11.89 9.97
N PHE A 818 -20.85 11.21 9.01
CA PHE A 818 -20.74 11.74 7.64
C PHE A 818 -22.10 11.64 6.92
N PRO A 819 -22.32 12.49 5.89
CA PRO A 819 -23.56 12.44 5.09
C PRO A 819 -23.84 11.07 4.47
N SER A 820 -25.11 10.68 4.43
CA SER A 820 -25.55 9.47 3.70
C SER A 820 -26.00 9.81 2.28
N GLU A 821 -25.42 10.84 1.69
CA GLU A 821 -25.76 11.27 0.33
C GLU A 821 -24.49 11.62 -0.45
N PRO A 822 -24.36 11.13 -1.70
CA PRO A 822 -23.13 11.26 -2.47
C PRO A 822 -22.84 12.66 -3.01
N ASN A 823 -21.72 12.79 -3.70
CA ASN A 823 -21.28 14.04 -4.32
C ASN A 823 -20.98 15.15 -3.29
N ARG A 824 -20.62 14.78 -2.07
CA ARG A 824 -20.29 15.73 -1.00
C ARG A 824 -18.91 15.56 -0.34
N LEU A 825 -18.28 14.40 -0.53
CA LEU A 825 -17.02 14.07 0.13
C LEU A 825 -16.00 13.63 -0.92
N LEU A 826 -14.87 14.33 -0.99
CA LEU A 826 -13.78 13.95 -1.91
C LEU A 826 -12.45 13.85 -1.17
N LEU A 827 -11.83 12.67 -1.26
CA LEU A 827 -10.54 12.42 -0.62
C LEU A 827 -9.42 12.42 -1.67
N LEU A 828 -8.39 13.20 -1.38
CA LEU A 828 -7.21 13.34 -2.22
C LEU A 828 -6.03 12.91 -1.36
N HIS A 829 -5.12 12.10 -1.92
CA HIS A 829 -3.93 11.68 -1.17
C HIS A 829 -2.75 11.28 -2.08
N GLY A 830 -1.55 11.69 -1.69
CA GLY A 830 -0.33 11.13 -2.26
C GLY A 830 -0.13 9.72 -1.72
N PHE A 831 -0.09 8.73 -2.62
CA PHE A 831 -0.02 7.32 -2.24
C PHE A 831 1.24 6.98 -1.45
N LEU A 832 2.33 7.71 -1.72
CA LEU A 832 3.65 7.46 -1.12
C LEU A 832 4.01 8.48 -0.02
N ASP A 833 2.99 9.06 0.63
CA ASP A 833 3.17 10.10 1.65
C ASP A 833 3.84 9.48 2.89
N GLU A 834 4.92 10.11 3.35
CA GLU A 834 5.66 9.70 4.54
C GLU A 834 5.16 10.35 5.84
N ASN A 835 4.64 11.58 5.75
CA ASN A 835 4.18 12.34 6.91
C ASN A 835 2.80 11.91 7.37
N VAL A 836 1.83 12.08 6.48
CA VAL A 836 0.46 11.66 6.74
C VAL A 836 0.26 10.46 5.82
N HIS A 837 0.57 9.29 6.38
CA HIS A 837 0.58 8.02 5.69
C HIS A 837 -0.79 7.74 5.06
N PHE A 838 -0.81 7.10 3.89
CA PHE A 838 -2.06 6.82 3.17
C PHE A 838 -3.12 6.12 4.02
N ALA A 839 -2.67 5.27 4.95
CA ALA A 839 -3.50 4.65 5.99
C ALA A 839 -4.56 5.53 6.65
N HIS A 840 -4.24 6.80 6.87
CA HIS A 840 -5.24 7.78 7.34
C HIS A 840 -6.49 7.73 6.46
N THR A 841 -6.27 7.85 5.15
CA THR A 841 -7.35 7.74 4.17
C THR A 841 -7.91 6.31 4.10
N SER A 842 -7.05 5.31 3.97
CA SER A 842 -7.53 3.93 3.78
C SER A 842 -8.34 3.43 4.99
N ILE A 843 -7.93 3.81 6.19
CA ILE A 843 -8.66 3.40 7.39
C ILE A 843 -9.98 4.17 7.53
N LEU A 844 -10.00 5.45 7.18
CA LEU A 844 -11.24 6.23 7.13
C LEU A 844 -12.23 5.60 6.18
N LEU A 845 -11.76 5.27 4.99
CA LEU A 845 -12.58 4.57 4.00
C LEU A 845 -13.18 3.30 4.58
N SER A 846 -12.34 2.52 5.27
CA SER A 846 -12.77 1.26 5.88
C SER A 846 -13.99 1.43 6.80
N PHE A 847 -13.99 2.51 7.59
CA PHE A 847 -15.13 2.85 8.44
C PHE A 847 -16.31 3.42 7.66
N LEU A 848 -16.05 4.30 6.69
CA LEU A 848 -17.11 4.81 5.80
C LEU A 848 -17.84 3.67 5.08
N VAL A 849 -17.10 2.62 4.70
CA VAL A 849 -17.69 1.45 4.05
C VAL A 849 -18.57 0.65 5.03
N ARG A 850 -18.11 0.48 6.27
CA ARG A 850 -18.93 -0.16 7.33
C ARG A 850 -20.26 0.56 7.53
N ALA A 851 -20.18 1.87 7.70
CA ALA A 851 -21.34 2.71 7.97
C ALA A 851 -22.21 3.02 6.72
N GLY A 852 -21.94 2.36 5.58
CA GLY A 852 -22.73 2.54 4.36
C GLY A 852 -22.66 3.92 3.73
N LYS A 853 -21.55 4.63 3.95
CA LYS A 853 -21.40 6.02 3.53
C LYS A 853 -20.74 6.14 2.15
N PRO A 854 -21.19 7.11 1.33
CA PRO A 854 -20.59 7.33 0.01
C PRO A 854 -19.35 8.23 0.10
N TYR A 855 -18.40 7.99 -0.81
CA TYR A 855 -17.19 8.81 -0.94
C TYR A 855 -16.71 8.84 -2.40
N ASP A 856 -15.96 9.87 -2.75
CA ASP A 856 -15.22 9.93 -3.99
C ASP A 856 -13.73 9.98 -3.63
N LEU A 857 -12.89 9.35 -4.45
CA LEU A 857 -11.48 9.18 -4.11
C LEU A 857 -10.58 9.48 -5.31
N GLN A 858 -9.52 10.23 -5.07
CA GLN A 858 -8.42 10.38 -6.04
C GLN A 858 -7.09 10.07 -5.35
N ILE A 859 -6.28 9.27 -6.03
CA ILE A 859 -4.95 8.88 -5.55
C ILE A 859 -3.92 9.37 -6.57
N TYR A 860 -2.87 10.03 -6.08
CA TYR A 860 -1.76 10.45 -6.91
C TYR A 860 -0.59 9.48 -6.65
N PRO A 861 -0.49 8.38 -7.44
CA PRO A 861 0.35 7.24 -7.09
C PRO A 861 1.86 7.48 -7.01
N GLN A 862 2.36 8.52 -7.69
CA GLN A 862 3.79 8.81 -7.72
C GLN A 862 4.12 10.06 -6.92
N GLU A 863 3.52 10.18 -5.74
CA GLU A 863 3.55 11.45 -5.02
C GLU A 863 3.56 11.26 -3.50
N ARG A 864 4.31 12.14 -2.83
CA ARG A 864 4.46 12.10 -1.38
C ARG A 864 3.46 13.11 -0.80
N HIS A 865 3.83 13.90 0.21
CA HIS A 865 2.91 14.86 0.79
C HIS A 865 2.61 16.00 -0.18
N SER A 866 3.67 16.64 -0.65
CA SER A 866 3.59 17.68 -1.68
C SER A 866 3.57 17.05 -3.08
N ILE A 867 3.01 17.78 -4.03
CA ILE A 867 2.99 17.35 -5.44
C ILE A 867 4.18 18.01 -6.16
N ARG A 868 5.16 17.18 -6.54
CA ARG A 868 6.37 17.62 -7.24
C ARG A 868 6.29 17.42 -8.76
N VAL A 869 5.74 16.28 -9.19
CA VAL A 869 5.61 15.98 -10.62
C VAL A 869 4.54 16.89 -11.25
N PRO A 870 4.89 17.64 -12.32
CA PRO A 870 3.94 18.57 -12.97
C PRO A 870 2.58 17.97 -13.35
N GLU A 871 2.60 16.77 -13.94
CA GLU A 871 1.39 16.15 -14.49
C GLU A 871 0.36 15.86 -13.40
N SER A 872 0.85 15.40 -12.25
CA SER A 872 0.02 15.19 -11.06
C SER A 872 -0.64 16.48 -10.58
N GLY A 873 0.13 17.56 -10.56
CA GLY A 873 -0.38 18.89 -10.19
C GLY A 873 -1.45 19.41 -11.12
N GLU A 874 -1.30 19.13 -12.42
CA GLU A 874 -2.28 19.51 -13.43
C GLU A 874 -3.56 18.72 -13.28
N HIS A 875 -3.42 17.43 -12.98
CA HIS A 875 -4.56 16.53 -12.75
C HIS A 875 -5.33 16.88 -11.47
N TYR A 876 -4.63 17.37 -10.45
CA TYR A 876 -5.27 17.87 -9.23
C TYR A 876 -6.14 19.07 -9.56
N GLU A 877 -5.53 20.07 -10.19
CA GLU A 877 -6.21 21.33 -10.55
C GLU A 877 -7.39 21.08 -11.48
N LEU A 878 -7.21 20.21 -12.46
CA LEU A 878 -8.28 19.85 -13.39
C LEU A 878 -9.45 19.19 -12.68
N HIS A 879 -9.18 18.10 -11.97
CA HIS A 879 -10.22 17.34 -11.26
C HIS A 879 -10.94 18.18 -10.20
N LEU A 880 -10.19 18.99 -9.46
CA LEU A 880 -10.75 19.86 -8.43
C LEU A 880 -11.75 20.86 -9.00
N LEU A 881 -11.41 21.42 -10.17
CA LEU A 881 -12.23 22.43 -10.84
C LEU A 881 -13.49 21.82 -11.45
N HIS A 882 -13.34 20.65 -12.07
CA HIS A 882 -14.46 19.87 -12.58
C HIS A 882 -15.39 19.34 -11.48
N TYR A 883 -14.84 19.04 -10.30
CA TYR A 883 -15.63 18.55 -9.17
C TYR A 883 -16.51 19.64 -8.57
N LEU A 884 -15.92 20.80 -8.32
CA LEU A 884 -16.66 21.96 -7.79
C LEU A 884 -17.75 22.39 -8.77
N GLN A 885 -17.40 22.40 -10.05
CA GLN A 885 -18.36 22.62 -11.13
C GLN A 885 -19.54 21.64 -11.04
N GLU A 886 -19.26 20.34 -11.15
CA GLU A 886 -20.33 19.34 -11.27
C GLU A 886 -21.15 19.08 -9.99
N ASN A 887 -20.65 19.47 -8.82
CA ASN A 887 -21.34 19.21 -7.54
C ASN A 887 -21.60 20.42 -6.63
N LEU A 888 -21.18 21.61 -7.04
CA LEU A 888 -21.42 22.83 -6.26
C LEU A 888 -21.93 23.97 -7.13
N GLY A 889 -21.11 24.42 -8.08
CA GLY A 889 -21.35 25.68 -8.80
C GLY A 889 -22.34 25.66 -9.97
N SER A 890 -22.30 24.62 -10.80
CA SER A 890 -22.98 24.63 -12.10
C SER A 890 -24.50 24.45 -12.02
N ARG A 891 -25.12 24.52 -13.20
CA ARG A 891 -26.54 24.27 -13.37
C ARG A 891 -26.90 22.83 -12.99
N ILE A 892 -26.14 21.89 -13.56
CA ILE A 892 -26.33 20.44 -13.28
C ILE A 892 -26.19 20.11 -11.78
N ALA A 893 -25.32 20.83 -11.07
CA ALA A 893 -25.08 20.61 -9.64
C ALA A 893 -26.35 20.73 -8.79
N ALA A 894 -27.10 21.82 -9.01
CA ALA A 894 -28.34 22.07 -8.28
C ALA A 894 -29.47 21.09 -8.63
N LEU A 895 -29.45 20.54 -9.85
CA LEU A 895 -30.44 19.53 -10.27
C LEU A 895 -30.26 18.18 -9.57
N LYS A 896 -29.00 17.80 -9.33
CA LYS A 896 -28.67 16.49 -8.73
C LYS A 896 -29.29 16.21 -7.35
N VAL A 897 -29.52 17.24 -6.54
CA VAL A 897 -30.03 17.06 -5.16
C VAL A 897 -31.42 16.40 -5.11
N PRO B 46 -38.12 3.34 -36.56
CA PRO B 46 -36.72 3.74 -36.57
C PRO B 46 -36.38 4.99 -35.73
N LYS B 47 -37.11 5.20 -34.63
CA LYS B 47 -36.86 6.32 -33.70
C LYS B 47 -36.83 5.85 -32.24
N LEU B 48 -38.00 5.53 -31.68
CA LEU B 48 -38.19 5.06 -30.28
C LEU B 48 -37.76 6.06 -29.19
N GLU B 49 -38.53 6.10 -28.11
CA GLU B 49 -38.22 6.99 -26.97
C GLU B 49 -37.30 6.29 -25.97
N PRO B 50 -36.41 7.06 -25.32
CA PRO B 50 -35.56 6.47 -24.29
C PRO B 50 -36.29 6.31 -22.96
N PHE B 51 -36.24 5.11 -22.39
CA PHE B 51 -36.68 4.88 -21.01
C PHE B 51 -35.58 5.36 -20.07
N TYR B 52 -35.98 6.02 -18.99
CA TYR B 52 -35.07 6.43 -17.92
C TYR B 52 -35.45 5.71 -16.63
N VAL B 53 -34.46 5.13 -15.94
CA VAL B 53 -34.72 4.41 -14.69
C VAL B 53 -35.12 5.40 -13.61
N GLU B 54 -35.93 4.93 -12.65
CA GLU B 54 -36.30 5.75 -11.50
C GLU B 54 -35.04 6.15 -10.76
N ARG B 55 -34.93 7.45 -10.46
CA ARG B 55 -33.76 8.02 -9.83
C ARG B 55 -33.92 8.05 -8.31
N TYR B 56 -33.64 6.92 -7.68
CA TYR B 56 -33.67 6.79 -6.22
C TYR B 56 -32.42 7.42 -5.60
N SER B 57 -32.53 7.90 -4.36
CA SER B 57 -31.37 8.39 -3.61
C SER B 57 -30.56 7.22 -3.04
N TRP B 58 -29.39 7.55 -2.51
CA TRP B 58 -28.48 6.58 -1.90
C TRP B 58 -29.21 5.76 -0.83
N SER B 59 -29.84 6.46 0.11
CA SER B 59 -30.60 5.82 1.20
C SER B 59 -31.73 4.92 0.70
N GLN B 60 -32.42 5.34 -0.35
CA GLN B 60 -33.50 4.55 -0.95
C GLN B 60 -32.98 3.28 -1.61
N LEU B 61 -31.92 3.39 -2.42
CA LEU B 61 -31.28 2.21 -3.04
C LEU B 61 -30.75 1.22 -2.01
N LYS B 62 -30.20 1.73 -0.91
CA LYS B 62 -29.76 0.88 0.20
C LYS B 62 -30.92 0.05 0.73
N LYS B 63 -32.05 0.72 0.95
CA LYS B 63 -33.28 0.06 1.42
C LYS B 63 -33.80 -0.95 0.39
N LEU B 64 -33.82 -0.56 -0.88
CA LEU B 64 -34.24 -1.44 -1.97
C LEU B 64 -33.43 -2.73 -2.03
N LEU B 65 -32.12 -2.61 -1.89
CA LEU B 65 -31.21 -3.76 -1.90
C LEU B 65 -31.38 -4.64 -0.66
N ALA B 66 -31.47 -4.00 0.51
CA ALA B 66 -31.68 -4.72 1.78
C ALA B 66 -33.00 -5.51 1.80
N ASP B 67 -34.06 -4.91 1.26
CA ASP B 67 -35.38 -5.56 1.20
C ASP B 67 -35.42 -6.72 0.21
N THR B 68 -34.79 -6.55 -0.96
CA THR B 68 -34.70 -7.62 -1.96
C THR B 68 -33.73 -8.75 -1.58
N ARG B 69 -32.69 -8.41 -0.80
CA ARG B 69 -31.77 -9.41 -0.23
C ARG B 69 -32.40 -10.19 0.92
N LYS B 70 -33.34 -9.57 1.64
CA LYS B 70 -34.08 -10.23 2.73
C LYS B 70 -35.06 -11.30 2.24
N TYR B 71 -35.51 -11.19 0.98
CA TYR B 71 -36.28 -12.26 0.32
C TYR B 71 -35.48 -13.58 0.29
N HIS B 72 -34.37 -13.58 -0.45
CA HIS B 72 -33.49 -14.76 -0.54
C HIS B 72 -32.53 -14.82 0.67
N GLY B 73 -31.62 -15.80 0.67
CA GLY B 73 -30.74 -16.05 1.82
C GLY B 73 -30.99 -17.43 2.41
N TYR B 74 -32.24 -17.88 2.36
CA TYR B 74 -32.61 -19.26 2.73
C TYR B 74 -31.93 -20.27 1.81
N MET B 75 -31.87 -19.93 0.52
CA MET B 75 -31.18 -20.72 -0.51
C MET B 75 -29.71 -20.28 -0.71
N MET B 76 -29.09 -19.74 0.34
CA MET B 76 -27.65 -19.48 0.39
C MET B 76 -27.10 -20.41 1.48
N ALA B 77 -27.22 -21.72 1.22
CA ALA B 77 -26.79 -22.77 2.13
C ALA B 77 -26.24 -23.95 1.35
N LYS B 78 -25.12 -24.50 1.83
CA LYS B 78 -24.36 -25.53 1.11
C LYS B 78 -25.20 -26.82 0.88
N ALA B 79 -25.48 -27.13 -0.38
CA ALA B 79 -26.29 -28.30 -0.73
C ALA B 79 -25.48 -29.59 -0.52
N PRO B 80 -26.15 -30.70 -0.18
CA PRO B 80 -25.45 -31.95 0.10
C PRO B 80 -24.39 -32.34 -0.92
N HIS B 81 -23.22 -32.74 -0.43
CA HIS B 81 -22.07 -33.05 -1.29
C HIS B 81 -21.11 -34.02 -0.59
N ASP B 82 -20.06 -34.44 -1.30
CA ASP B 82 -19.08 -35.41 -0.77
C ASP B 82 -19.81 -36.66 -0.29
N PHE B 83 -20.54 -37.31 -1.20
CA PHE B 83 -21.34 -38.48 -0.83
C PHE B 83 -20.48 -39.74 -0.77
N MET B 84 -20.87 -40.67 0.11
CA MET B 84 -20.26 -41.98 0.20
C MET B 84 -21.30 -43.03 0.59
N PHE B 85 -21.30 -44.14 -0.16
CA PHE B 85 -22.25 -45.23 0.03
C PHE B 85 -21.56 -46.35 0.79
N VAL B 86 -22.17 -46.80 1.90
CA VAL B 86 -21.70 -47.99 2.62
C VAL B 86 -22.83 -49.00 2.76
N LYS B 87 -22.53 -50.28 2.50
CA LYS B 87 -23.53 -51.35 2.50
C LYS B 87 -23.84 -51.83 3.92
N ARG B 88 -25.11 -52.10 4.21
CA ARG B 88 -25.52 -52.61 5.51
C ARG B 88 -25.13 -54.07 5.70
N ASN B 89 -25.41 -54.89 4.70
CA ASN B 89 -25.22 -56.35 4.77
C ASN B 89 -26.06 -56.95 5.91
N ASP B 90 -27.36 -56.65 5.88
CA ASP B 90 -28.32 -57.21 6.82
C ASP B 90 -29.44 -57.88 6.00
N PRO B 91 -29.41 -59.23 5.90
CA PRO B 91 -30.45 -59.97 5.17
C PRO B 91 -31.88 -59.67 5.63
N ASP B 92 -32.08 -59.57 6.94
CA ASP B 92 -33.40 -59.31 7.53
C ASP B 92 -33.76 -57.81 7.60
N GLY B 93 -32.76 -56.94 7.60
CA GLY B 93 -32.98 -55.50 7.74
C GLY B 93 -33.53 -54.84 6.48
N PRO B 94 -34.26 -53.71 6.63
CA PRO B 94 -34.96 -53.10 5.49
C PRO B 94 -34.12 -52.20 4.58
N HIS B 95 -32.85 -51.97 4.89
CA HIS B 95 -32.01 -51.02 4.15
C HIS B 95 -30.80 -51.71 3.50
N SER B 96 -30.49 -51.30 2.27
CA SER B 96 -29.36 -51.87 1.50
C SER B 96 -28.06 -51.13 1.78
N ASP B 97 -28.13 -49.79 1.68
CA ASP B 97 -27.00 -48.90 1.90
C ASP B 97 -27.32 -47.82 2.96
N ARG B 98 -26.26 -47.26 3.54
CA ARG B 98 -26.33 -45.99 4.26
C ARG B 98 -25.44 -45.01 3.50
N ILE B 99 -25.95 -43.79 3.28
CA ILE B 99 -25.18 -42.74 2.59
C ILE B 99 -24.77 -41.62 3.55
N TYR B 100 -23.48 -41.28 3.54
CA TYR B 100 -22.93 -40.19 4.34
C TYR B 100 -22.61 -39.03 3.43
N TYR B 101 -22.79 -37.81 3.95
CA TYR B 101 -22.56 -36.60 3.16
C TYR B 101 -22.45 -35.34 4.02
N LEU B 102 -21.81 -34.32 3.48
CA LEU B 102 -21.68 -33.02 4.14
C LEU B 102 -22.79 -32.13 3.62
N ALA B 103 -23.36 -31.33 4.52
CA ALA B 103 -24.46 -30.44 4.18
C ALA B 103 -24.65 -29.37 5.25
N MET B 104 -25.23 -28.25 4.83
CA MET B 104 -25.61 -27.16 5.72
C MET B 104 -27.10 -27.37 6.01
N SER B 105 -27.43 -27.52 7.29
CA SER B 105 -28.80 -27.84 7.71
C SER B 105 -29.78 -26.70 7.38
N GLY B 106 -29.36 -25.46 7.59
CA GLY B 106 -30.18 -24.29 7.28
C GLY B 106 -29.53 -22.94 7.57
N GLU B 107 -29.23 -22.19 6.51
CA GLU B 107 -28.76 -20.79 6.59
C GLU B 107 -27.47 -20.58 7.40
N ASN B 108 -27.59 -20.25 8.69
CA ASN B 108 -26.44 -19.87 9.54
C ASN B 108 -25.82 -21.07 10.27
N ARG B 109 -26.41 -22.25 10.14
CA ARG B 109 -25.89 -23.45 10.76
C ARG B 109 -24.65 -23.92 9.99
N GLU B 110 -23.78 -24.67 10.66
CA GLU B 110 -22.48 -25.03 10.12
C GLU B 110 -22.54 -26.26 9.22
N ASN B 111 -21.53 -26.41 8.37
CA ASN B 111 -21.42 -27.53 7.45
C ASN B 111 -20.96 -28.75 8.24
N THR B 112 -21.74 -29.83 8.22
CA THR B 112 -21.43 -31.02 9.04
C THR B 112 -21.88 -32.33 8.38
N LEU B 113 -21.38 -33.44 8.94
CA LEU B 113 -21.71 -34.78 8.45
C LEU B 113 -23.14 -35.17 8.80
N PHE B 114 -23.83 -35.73 7.80
CA PHE B 114 -25.18 -36.27 7.94
C PHE B 114 -25.21 -37.68 7.39
N TYR B 115 -26.33 -38.37 7.58
CA TYR B 115 -26.59 -39.62 6.87
C TYR B 115 -28.08 -39.83 6.59
N SER B 116 -28.35 -40.59 5.53
CA SER B 116 -29.70 -41.06 5.21
C SER B 116 -29.65 -42.57 4.99
N GLU B 117 -30.84 -43.17 4.97
CA GLU B 117 -30.99 -44.62 4.88
C GLU B 117 -31.58 -44.98 3.54
N ILE B 118 -30.90 -45.84 2.78
CA ILE B 118 -31.37 -46.27 1.45
C ILE B 118 -32.11 -47.59 1.57
N PRO B 119 -33.43 -47.59 1.27
CA PRO B 119 -34.21 -48.83 1.37
C PRO B 119 -33.99 -49.83 0.23
N LYS B 120 -34.18 -51.11 0.54
CA LYS B 120 -34.05 -52.20 -0.44
C LYS B 120 -35.14 -52.13 -1.50
N THR B 121 -36.34 -51.70 -1.09
CA THR B 121 -37.47 -51.47 -1.99
C THR B 121 -38.15 -50.16 -1.65
N ILE B 122 -38.89 -49.62 -2.60
CA ILE B 122 -39.68 -48.40 -2.38
C ILE B 122 -41.15 -48.60 -2.79
N ASN B 123 -41.97 -47.64 -2.40
CA ASN B 123 -43.34 -47.55 -2.86
C ASN B 123 -43.32 -46.70 -4.12
N ARG B 124 -43.44 -47.36 -5.27
CA ARG B 124 -43.35 -46.68 -6.59
C ARG B 124 -44.53 -45.77 -6.93
N ALA B 125 -45.60 -45.82 -6.14
CA ALA B 125 -46.70 -44.85 -6.21
C ALA B 125 -46.31 -43.48 -5.64
N ALA B 126 -45.65 -43.50 -4.48
CA ALA B 126 -45.26 -42.28 -3.77
C ALA B 126 -43.83 -41.85 -4.09
N VAL B 127 -43.46 -40.67 -3.60
CA VAL B 127 -42.13 -40.09 -3.75
C VAL B 127 -41.45 -40.05 -2.37
N LEU B 128 -40.43 -40.89 -2.18
CA LEU B 128 -39.71 -40.96 -0.90
C LEU B 128 -38.76 -39.77 -0.68
N MET B 129 -39.05 -38.93 0.32
CA MET B 129 -38.13 -37.88 0.78
C MET B 129 -37.26 -38.47 1.89
N LEU B 130 -35.96 -38.61 1.64
CA LEU B 130 -35.03 -39.07 2.67
C LEU B 130 -34.88 -38.00 3.76
N SER B 131 -34.85 -38.45 5.01
CA SER B 131 -34.65 -37.56 6.16
C SER B 131 -33.17 -37.58 6.53
N TRP B 132 -32.67 -36.41 6.96
CA TRP B 132 -31.26 -36.20 7.25
C TRP B 132 -30.99 -36.49 8.73
N LYS B 133 -30.21 -37.54 9.00
CA LYS B 133 -29.81 -37.90 10.37
C LYS B 133 -28.44 -37.28 10.70
N PRO B 134 -28.35 -36.44 11.75
CA PRO B 134 -27.03 -35.91 12.12
C PRO B 134 -26.09 -37.00 12.61
N LEU B 135 -24.91 -37.10 12.00
CA LEU B 135 -23.89 -38.06 12.42
C LEU B 135 -23.18 -37.61 13.69
N LEU B 136 -23.13 -36.29 13.95
CA LEU B 136 -22.33 -35.73 15.04
C LEU B 136 -23.14 -34.97 16.12
N ASP B 137 -22.60 -34.99 17.34
CA ASP B 137 -23.18 -34.31 18.50
C ASP B 137 -22.46 -32.97 18.68
N LEU B 138 -23.21 -31.91 18.99
CA LEU B 138 -22.63 -30.57 19.20
C LEU B 138 -21.92 -30.48 20.55
N VAL B 164 -17.33 -23.89 13.56
CA VAL B 164 -16.54 -25.11 13.36
C VAL B 164 -17.11 -26.03 12.25
N GLY B 165 -17.15 -25.51 11.02
CA GLY B 165 -17.64 -26.27 9.85
C GLY B 165 -16.67 -27.36 9.43
N ILE B 166 -17.18 -28.38 8.73
CA ILE B 166 -16.36 -29.43 8.13
C ILE B 166 -16.32 -29.20 6.62
N ALA B 167 -15.12 -29.04 6.08
CA ALA B 167 -14.93 -28.82 4.64
C ALA B 167 -14.81 -30.14 3.87
N SER B 168 -14.14 -31.12 4.48
CA SER B 168 -14.00 -32.44 3.90
C SER B 168 -13.78 -33.50 4.99
N TYR B 169 -13.87 -34.76 4.59
CA TYR B 169 -13.63 -35.88 5.50
C TYR B 169 -12.92 -37.03 4.79
N ASP B 170 -12.19 -37.84 5.56
CA ASP B 170 -11.59 -39.09 5.10
C ASP B 170 -12.38 -40.25 5.68
N TYR B 171 -12.19 -41.43 5.10
CA TYR B 171 -12.85 -42.63 5.59
C TYR B 171 -11.97 -43.85 5.36
N HIS B 172 -12.16 -44.88 6.19
CA HIS B 172 -11.48 -46.16 6.07
C HIS B 172 -12.55 -47.26 6.14
N GLN B 173 -12.74 -47.98 5.03
CA GLN B 173 -13.81 -48.99 4.91
C GLN B 173 -13.70 -50.10 5.96
N GLY B 174 -12.52 -50.71 6.07
CA GLY B 174 -12.29 -51.85 6.95
C GLY B 174 -12.52 -51.65 8.44
N SER B 175 -12.46 -50.40 8.90
CA SER B 175 -12.63 -50.04 10.31
C SER B 175 -13.87 -49.18 10.59
N GLY B 176 -14.27 -48.35 9.63
CA GLY B 176 -15.39 -47.42 9.80
C GLY B 176 -14.98 -46.04 10.31
N THR B 177 -13.68 -45.78 10.33
CA THR B 177 -13.12 -44.54 10.89
C THR B 177 -13.35 -43.34 9.99
N PHE B 178 -14.08 -42.34 10.47
CA PHE B 178 -14.12 -41.01 9.86
C PHE B 178 -12.99 -40.15 10.42
N LEU B 179 -12.42 -39.27 9.61
CA LEU B 179 -11.43 -38.29 10.08
C LEU B 179 -11.69 -36.96 9.42
N PHE B 180 -11.71 -35.89 10.20
CA PHE B 180 -12.06 -34.58 9.68
C PHE B 180 -11.61 -33.44 10.58
N GLN B 181 -11.31 -32.30 9.95
CA GLN B 181 -10.97 -31.08 10.65
C GLN B 181 -12.25 -30.26 10.85
N ALA B 182 -12.45 -29.76 12.07
CA ALA B 182 -13.56 -28.87 12.38
C ALA B 182 -13.01 -27.71 13.19
N GLY B 183 -12.77 -26.59 12.52
CA GLY B 183 -12.11 -25.44 13.13
C GLY B 183 -10.65 -25.78 13.39
N SER B 184 -10.17 -25.47 14.58
CA SER B 184 -8.79 -25.77 14.98
C SER B 184 -8.56 -27.27 15.17
N GLY B 185 -9.56 -27.99 15.66
CA GLY B 185 -9.43 -29.39 16.00
C GLY B 185 -9.49 -30.37 14.83
N ILE B 186 -8.91 -31.55 15.06
CA ILE B 186 -9.00 -32.70 14.18
C ILE B 186 -9.68 -33.79 15.00
N TYR B 187 -10.82 -34.28 14.53
CA TYR B 187 -11.64 -35.26 15.26
C TYR B 187 -11.82 -36.57 14.48
N HIS B 188 -12.40 -37.57 15.14
CA HIS B 188 -12.71 -38.87 14.52
C HIS B 188 -13.88 -39.59 15.21
N VAL B 189 -14.67 -40.32 14.42
CA VAL B 189 -15.71 -41.21 14.92
C VAL B 189 -15.68 -42.51 14.11
N LYS B 190 -16.46 -43.51 14.55
CA LYS B 190 -16.60 -44.78 13.81
C LYS B 190 -18.05 -45.08 13.50
N ASP B 191 -18.33 -45.40 12.25
CA ASP B 191 -19.66 -45.86 11.84
C ASP B 191 -19.58 -46.65 10.54
N GLY B 192 -20.38 -47.72 10.46
CA GLY B 192 -20.49 -48.54 9.27
C GLY B 192 -19.36 -49.53 9.01
N GLY B 193 -18.54 -49.80 10.02
CA GLY B 193 -17.49 -50.83 9.94
C GLY B 193 -17.94 -52.08 10.69
N PRO B 194 -16.97 -52.90 11.12
CA PRO B 194 -17.24 -53.98 12.08
C PRO B 194 -17.89 -53.52 13.40
N GLN B 195 -17.69 -52.25 13.76
CA GLN B 195 -18.43 -51.62 14.88
C GLN B 195 -19.96 -51.62 14.69
N GLY B 196 -20.42 -51.55 13.45
CA GLY B 196 -21.85 -51.51 13.13
C GLY B 196 -22.32 -50.07 12.92
N PHE B 197 -23.64 -49.88 12.97
CA PHE B 197 -24.29 -48.65 12.55
C PHE B 197 -25.05 -47.97 13.68
N THR B 198 -24.66 -46.74 14.01
CA THR B 198 -25.34 -45.97 15.06
C THR B 198 -26.73 -45.52 14.64
N GLN B 199 -27.65 -45.48 15.62
CA GLN B 199 -28.98 -44.90 15.46
C GLN B 199 -29.09 -43.51 16.10
N GLN B 200 -27.99 -43.02 16.68
CA GLN B 200 -27.97 -41.73 17.37
C GLN B 200 -26.70 -40.97 16.97
N PRO B 201 -26.72 -39.62 17.09
CA PRO B 201 -25.51 -38.84 16.80
C PRO B 201 -24.30 -39.27 17.66
N LEU B 202 -23.13 -39.36 17.02
CA LEU B 202 -21.89 -39.75 17.69
C LEU B 202 -21.13 -38.55 18.24
N ARG B 203 -20.29 -38.80 19.24
CA ARG B 203 -19.48 -37.77 19.85
C ARG B 203 -18.13 -37.70 19.14
N PRO B 204 -17.79 -36.54 18.54
CA PRO B 204 -16.50 -36.46 17.84
C PRO B 204 -15.33 -36.49 18.81
N ASN B 205 -14.41 -37.43 18.61
CA ASN B 205 -13.28 -37.63 19.50
C ASN B 205 -12.06 -36.83 19.05
N LEU B 206 -11.70 -35.82 19.83
CA LEU B 206 -10.54 -34.95 19.54
C LEU B 206 -9.23 -35.73 19.54
N VAL B 207 -8.43 -35.56 18.49
CA VAL B 207 -7.06 -36.08 18.45
C VAL B 207 -6.17 -35.10 19.19
N GLU B 208 -5.68 -35.51 20.37
CA GLU B 208 -4.91 -34.62 21.23
C GLU B 208 -3.53 -34.38 20.61
N THR B 209 -2.93 -33.24 20.94
CA THR B 209 -1.64 -32.82 20.38
C THR B 209 -0.84 -31.95 21.36
N SER B 210 0.48 -31.95 21.18
CA SER B 210 1.41 -31.02 21.85
C SER B 210 1.84 -29.88 20.93
N CYS B 211 1.31 -29.82 19.72
CA CYS B 211 1.74 -28.85 18.70
C CYS B 211 1.13 -27.48 19.01
N PRO B 212 1.96 -26.42 19.01
CA PRO B 212 1.44 -25.10 19.43
C PRO B 212 0.45 -24.45 18.46
N ASN B 213 0.86 -24.33 17.20
CA ASN B 213 0.05 -23.77 16.11
C ASN B 213 -1.02 -24.71 15.52
N ILE B 214 -1.84 -24.13 14.65
CA ILE B 214 -2.89 -24.84 13.88
C ILE B 214 -2.38 -26.01 13.01
N ARG B 215 -3.11 -27.13 13.05
CA ARG B 215 -2.82 -28.32 12.22
C ARG B 215 -3.71 -28.37 10.98
N MET B 216 -3.10 -28.43 9.80
CA MET B 216 -3.82 -28.46 8.52
C MET B 216 -3.68 -29.81 7.83
N ASP B 217 -4.57 -30.06 6.86
CA ASP B 217 -4.47 -31.19 5.93
C ASP B 217 -4.33 -32.57 6.61
N PRO B 218 -5.27 -32.89 7.51
CA PRO B 218 -5.28 -34.23 8.09
C PRO B 218 -5.66 -35.30 7.07
N LYS B 219 -5.02 -36.46 7.16
CA LYS B 219 -5.34 -37.61 6.31
C LYS B 219 -5.16 -38.91 7.07
N LEU B 220 -6.14 -39.81 6.98
CA LEU B 220 -6.00 -41.18 7.49
C LEU B 220 -4.99 -41.96 6.67
N CYS B 221 -4.25 -42.84 7.33
CA CYS B 221 -3.35 -43.79 6.66
C CYS B 221 -4.17 -44.99 6.20
N PRO B 222 -4.37 -45.18 4.87
CA PRO B 222 -5.26 -46.27 4.43
C PRO B 222 -4.79 -47.69 4.81
N ALA B 223 -3.48 -47.86 5.01
CA ALA B 223 -2.92 -49.14 5.47
C ALA B 223 -3.21 -49.43 6.94
N ASP B 224 -3.33 -48.38 7.77
CA ASP B 224 -3.56 -48.52 9.21
C ASP B 224 -4.38 -47.34 9.74
N PRO B 225 -5.68 -47.55 10.05
CA PRO B 225 -6.55 -46.44 10.47
C PRO B 225 -6.32 -45.90 11.89
N ASP B 226 -5.35 -46.43 12.62
CA ASP B 226 -4.88 -45.80 13.86
C ASP B 226 -3.99 -44.58 13.62
N TRP B 227 -3.29 -44.56 12.48
CA TRP B 227 -2.37 -43.46 12.16
C TRP B 227 -3.03 -42.40 11.29
N ILE B 228 -2.73 -41.13 11.59
CA ILE B 228 -3.02 -40.02 10.71
C ILE B 228 -1.75 -39.22 10.49
N ALA B 229 -1.78 -38.39 9.45
CA ALA B 229 -0.73 -37.42 9.20
C ALA B 229 -1.36 -36.04 9.08
N PHE B 230 -0.56 -35.01 9.34
CA PHE B 230 -1.00 -33.63 9.14
C PHE B 230 0.18 -32.68 8.99
N ILE B 231 -0.13 -31.47 8.57
CA ILE B 231 0.85 -30.42 8.39
C ILE B 231 0.79 -29.49 9.59
N HIS B 232 1.97 -29.14 10.09
CA HIS B 232 2.13 -28.15 11.14
C HIS B 232 3.34 -27.30 10.80
N SER B 233 3.16 -25.97 10.77
CA SER B 233 4.23 -25.03 10.43
C SER B 233 5.12 -25.54 9.29
N ASN B 234 4.46 -25.88 8.18
CA ASN B 234 5.11 -26.35 6.95
C ASN B 234 6.01 -27.58 7.07
N ASP B 235 5.74 -28.44 8.06
CA ASP B 235 6.39 -29.74 8.22
C ASP B 235 5.34 -30.82 8.42
N ILE B 236 5.70 -32.04 8.04
CA ILE B 236 4.80 -33.18 8.13
C ILE B 236 4.94 -33.83 9.50
N TRP B 237 3.81 -34.08 10.14
CA TRP B 237 3.73 -34.76 11.42
C TRP B 237 2.85 -35.98 11.25
N ILE B 238 3.03 -36.95 12.13
CA ILE B 238 2.08 -38.07 12.27
C ILE B 238 1.68 -38.24 13.73
N SER B 239 0.50 -38.81 13.91
CA SER B 239 -0.10 -38.95 15.23
C SER B 239 -0.99 -40.19 15.26
N ASN B 240 -0.85 -40.98 16.33
CA ASN B 240 -1.65 -42.18 16.51
C ASN B 240 -2.87 -41.85 17.37
N ILE B 241 -4.05 -42.18 16.89
CA ILE B 241 -5.31 -41.85 17.59
C ILE B 241 -5.73 -42.86 18.66
N VAL B 242 -4.97 -43.95 18.81
CA VAL B 242 -5.21 -44.97 19.84
C VAL B 242 -4.10 -44.88 20.90
N THR B 243 -2.85 -45.10 20.48
CA THR B 243 -1.69 -45.03 21.40
C THR B 243 -1.33 -43.61 21.84
N ARG B 244 -1.88 -42.60 21.15
CA ARG B 244 -1.72 -41.19 21.52
C ARG B 244 -0.32 -40.63 21.24
N GLU B 245 0.50 -41.40 20.51
CA GLU B 245 1.86 -40.98 20.14
C GLU B 245 1.80 -39.94 19.03
N GLU B 246 2.68 -38.94 19.11
CA GLU B 246 2.76 -37.85 18.14
C GLU B 246 4.23 -37.65 17.76
N ARG B 247 4.49 -37.39 16.48
CA ARG B 247 5.86 -37.27 16.00
C ARG B 247 6.01 -36.45 14.72
N ARG B 248 7.09 -35.67 14.67
CA ARG B 248 7.45 -34.85 13.52
C ARG B 248 8.34 -35.64 12.58
N LEU B 249 8.01 -35.61 11.28
CA LEU B 249 8.71 -36.36 10.24
C LEU B 249 9.73 -35.54 9.46
N THR B 250 9.39 -34.29 9.15
CA THR B 250 10.29 -33.39 8.44
C THR B 250 10.71 -32.22 9.34
N TYR B 251 11.95 -31.77 9.17
CA TYR B 251 12.52 -30.68 9.97
C TYR B 251 13.06 -29.59 9.04
N VAL B 252 12.20 -29.17 8.12
CA VAL B 252 12.55 -28.28 7.01
C VAL B 252 12.26 -26.79 7.31
N HIS B 253 11.29 -26.52 8.18
CA HIS B 253 10.88 -25.14 8.48
C HIS B 253 11.08 -24.80 9.96
N ASN B 254 11.39 -23.52 10.21
CA ASN B 254 11.53 -22.97 11.55
C ASN B 254 10.54 -21.82 11.70
N GLU B 255 9.53 -22.02 12.56
CA GLU B 255 8.49 -21.00 12.82
C GLU B 255 9.02 -19.69 13.42
N LEU B 256 10.18 -19.73 14.07
CA LEU B 256 10.79 -18.56 14.70
C LEU B 256 11.49 -17.61 13.71
N ALA B 257 12.10 -18.18 12.66
CA ALA B 257 12.83 -17.38 11.66
C ALA B 257 11.91 -16.58 10.73
N ASN B 258 12.48 -15.58 10.06
CA ASN B 258 11.76 -14.79 9.06
C ASN B 258 11.63 -15.58 7.77
N MET B 259 10.61 -15.24 7.00
CA MET B 259 10.36 -15.90 5.71
C MET B 259 11.43 -15.57 4.65
N GLU B 260 12.12 -14.44 4.82
CA GLU B 260 13.26 -14.10 3.95
C GLU B 260 14.39 -15.12 4.06
N GLU B 261 14.70 -15.58 5.28
CA GLU B 261 15.74 -16.59 5.51
C GLU B 261 15.23 -18.01 5.28
N ASP B 262 14.17 -18.38 6.00
CA ASP B 262 13.61 -19.73 5.95
C ASP B 262 12.47 -19.84 4.93
N ALA B 263 12.81 -20.30 3.72
CA ALA B 263 11.88 -20.37 2.60
C ALA B 263 11.59 -21.81 2.14
N ARG B 264 11.59 -22.76 3.06
CA ARG B 264 11.34 -24.17 2.70
C ARG B 264 10.14 -24.75 3.44
N SER B 265 9.56 -25.79 2.84
CA SER B 265 8.35 -26.42 3.35
C SER B 265 8.24 -27.83 2.79
N ALA B 266 7.42 -28.65 3.45
CA ALA B 266 7.23 -30.04 3.05
C ALA B 266 5.78 -30.47 3.24
N GLY B 267 5.22 -31.12 2.23
CA GLY B 267 3.84 -31.61 2.26
C GLY B 267 2.75 -30.59 1.99
N VAL B 268 3.15 -29.40 1.51
CA VAL B 268 2.22 -28.29 1.25
C VAL B 268 2.50 -27.76 -0.13
N ALA B 269 1.43 -27.55 -0.91
CA ALA B 269 1.53 -26.96 -2.24
C ALA B 269 1.76 -25.46 -2.11
N THR B 270 2.64 -24.93 -2.95
CA THR B 270 2.95 -23.49 -2.94
C THR B 270 1.82 -22.71 -3.59
N PHE B 271 1.92 -21.38 -3.54
CA PHE B 271 0.88 -20.47 -4.04
C PHE B 271 0.33 -20.83 -5.41
N VAL B 272 1.22 -20.92 -6.40
CA VAL B 272 0.80 -21.14 -7.80
C VAL B 272 0.05 -22.45 -7.99
N LEU B 273 0.47 -23.50 -7.29
CA LEU B 273 -0.19 -24.81 -7.39
C LEU B 273 -1.59 -24.82 -6.79
N GLN B 274 -1.80 -24.04 -5.74
CA GLN B 274 -3.14 -23.90 -5.15
C GLN B 274 -4.07 -23.06 -6.02
N GLU B 275 -3.59 -21.89 -6.43
CA GLU B 275 -4.41 -20.96 -7.22
C GLU B 275 -4.60 -21.41 -8.67
N GLU B 276 -3.54 -21.89 -9.32
CA GLU B 276 -3.55 -22.15 -10.76
C GLU B 276 -3.61 -23.59 -11.22
N PHE B 277 -3.46 -24.56 -10.31
CA PHE B 277 -3.58 -26.00 -10.64
C PHE B 277 -4.51 -26.81 -9.73
N ASP B 278 -5.21 -26.15 -8.81
CA ASP B 278 -6.09 -26.82 -7.82
C ASP B 278 -5.49 -28.06 -7.13
N ARG B 279 -4.22 -27.95 -6.74
CA ARG B 279 -3.60 -28.93 -5.84
C ARG B 279 -3.32 -28.22 -4.52
N TYR B 280 -3.81 -28.80 -3.43
CA TYR B 280 -3.72 -28.20 -2.09
C TYR B 280 -2.83 -29.04 -1.17
N SER B 281 -3.05 -30.36 -1.15
CA SER B 281 -2.17 -31.28 -0.45
C SER B 281 -0.86 -31.52 -1.22
N GLY B 282 0.21 -31.79 -0.48
CA GLY B 282 1.53 -32.09 -1.04
C GLY B 282 2.19 -33.35 -0.50
N TYR B 283 1.42 -34.22 0.13
CA TYR B 283 1.91 -35.49 0.67
C TYR B 283 0.86 -36.58 0.50
N TRP B 284 1.32 -37.82 0.36
CA TRP B 284 0.45 -38.93 -0.01
C TRP B 284 0.85 -40.22 0.69
N TRP B 285 -0.04 -40.73 1.55
CA TRP B 285 0.16 -42.03 2.20
C TRP B 285 0.24 -43.14 1.16
N CYS B 286 1.22 -44.03 1.33
CA CYS B 286 1.28 -45.27 0.56
C CYS B 286 0.21 -46.21 1.10
N PRO B 287 -0.70 -46.70 0.22
CA PRO B 287 -1.88 -47.44 0.69
C PRO B 287 -1.64 -48.82 1.32
N LYS B 288 -0.45 -49.40 1.14
CA LYS B 288 -0.12 -50.69 1.75
C LYS B 288 1.12 -50.60 2.64
N ALA B 289 1.17 -51.48 3.64
CA ALA B 289 2.26 -51.55 4.61
C ALA B 289 3.12 -52.79 4.37
N GLU B 290 4.42 -52.57 4.15
CA GLU B 290 5.39 -53.66 4.05
C GLU B 290 5.61 -54.30 5.42
N THR B 291 5.30 -55.59 5.55
CA THR B 291 5.43 -56.32 6.83
C THR B 291 6.91 -56.64 7.14
N THR B 292 7.35 -56.33 8.36
CA THR B 292 8.76 -56.53 8.77
C THR B 292 8.99 -57.94 9.33
N PRO B 293 10.23 -58.45 9.25
CA PRO B 293 10.63 -59.70 9.92
C PRO B 293 10.33 -59.75 11.43
N SER B 294 10.46 -58.62 12.11
CA SER B 294 10.17 -58.49 13.55
C SER B 294 8.71 -58.75 13.95
N GLY B 295 7.78 -58.59 13.00
CA GLY B 295 6.34 -58.71 13.27
C GLY B 295 5.59 -57.39 13.30
N GLY B 296 6.25 -56.30 12.90
CA GLY B 296 5.64 -54.98 12.75
C GLY B 296 5.40 -54.67 11.29
N LYS B 297 5.64 -53.41 10.90
CA LYS B 297 5.43 -52.96 9.51
C LYS B 297 6.10 -51.62 9.18
N ILE B 298 6.15 -51.31 7.88
CA ILE B 298 6.71 -50.04 7.37
C ILE B 298 5.63 -49.23 6.64
N LEU B 299 5.24 -48.10 7.22
CA LEU B 299 4.34 -47.15 6.57
C LEU B 299 5.19 -46.15 5.79
N ARG B 300 4.65 -45.63 4.70
CA ARG B 300 5.39 -44.67 3.86
C ARG B 300 4.55 -43.45 3.51
N ILE B 301 5.23 -42.33 3.27
CA ILE B 301 4.59 -41.10 2.82
C ILE B 301 5.48 -40.44 1.75
N LEU B 302 5.00 -40.44 0.51
CA LEU B 302 5.60 -39.63 -0.55
C LEU B 302 5.22 -38.18 -0.26
N TYR B 303 6.18 -37.27 -0.38
CA TYR B 303 5.89 -35.85 -0.21
C TYR B 303 6.76 -34.98 -1.10
N GLU B 304 6.22 -33.83 -1.50
CA GLU B 304 7.01 -32.84 -2.23
C GLU B 304 7.67 -31.88 -1.22
N GLU B 305 8.88 -31.45 -1.56
CA GLU B 305 9.61 -30.50 -0.74
C GLU B 305 9.94 -29.31 -1.64
N ASN B 306 9.49 -28.14 -1.22
CA ASN B 306 9.65 -26.91 -1.99
C ASN B 306 10.68 -26.02 -1.31
N ASP B 307 11.49 -25.35 -2.12
CA ASP B 307 12.42 -24.35 -1.65
C ASP B 307 12.10 -23.09 -2.44
N GLU B 308 11.53 -22.10 -1.77
CA GLU B 308 11.06 -20.87 -2.40
C GLU B 308 12.09 -19.72 -2.34
N SER B 309 13.35 -20.04 -2.02
CA SER B 309 14.40 -19.02 -1.81
C SER B 309 14.64 -18.07 -2.98
N GLU B 310 14.65 -18.60 -4.20
CA GLU B 310 14.88 -17.80 -5.42
C GLU B 310 13.59 -17.18 -5.99
N VAL B 311 12.44 -17.45 -5.38
CA VAL B 311 11.17 -16.86 -5.80
C VAL B 311 11.12 -15.42 -5.30
N GLU B 312 10.63 -14.50 -6.14
CA GLU B 312 10.58 -13.09 -5.79
C GLU B 312 9.65 -12.86 -4.61
N ILE B 313 10.02 -11.91 -3.77
CA ILE B 313 9.25 -11.52 -2.60
C ILE B 313 8.62 -10.17 -2.88
N ILE B 314 7.29 -10.13 -2.82
CA ILE B 314 6.53 -8.88 -2.89
C ILE B 314 5.90 -8.63 -1.54
N HIS B 315 5.45 -7.40 -1.33
CA HIS B 315 4.75 -7.02 -0.11
C HIS B 315 3.31 -6.70 -0.42
N VAL B 316 2.40 -7.19 0.42
CA VAL B 316 0.97 -6.88 0.30
C VAL B 316 0.50 -6.32 1.65
N THR B 317 -0.30 -5.25 1.60
CA THR B 317 -0.71 -4.50 2.80
C THR B 317 -1.34 -5.44 3.83
N SER B 318 -0.88 -5.33 5.08
CA SER B 318 -1.42 -6.16 6.17
C SER B 318 -2.83 -5.71 6.52
N PRO B 319 -3.76 -6.66 6.78
CA PRO B 319 -5.17 -6.30 7.09
C PRO B 319 -5.37 -5.46 8.35
N MET B 320 -4.47 -5.59 9.31
CA MET B 320 -4.42 -4.69 10.46
C MET B 320 -3.82 -3.37 9.96
N LEU B 321 -4.68 -2.49 9.47
CA LEU B 321 -4.25 -1.23 8.84
C LEU B 321 -3.61 -0.23 9.79
N GLU B 322 -3.84 -0.43 11.09
CA GLU B 322 -3.31 0.42 12.15
C GLU B 322 -1.79 0.29 12.29
N THR B 323 -1.27 -0.89 11.95
CA THR B 323 0.16 -1.17 12.02
C THR B 323 0.96 -0.39 10.98
N ARG B 324 0.34 -0.07 9.85
CA ARG B 324 1.00 0.55 8.69
C ARG B 324 2.14 -0.31 8.13
N ARG B 325 1.95 -1.64 8.17
CA ARG B 325 2.94 -2.59 7.71
C ARG B 325 2.40 -3.44 6.56
N ALA B 326 3.27 -4.25 5.97
CA ALA B 326 2.97 -5.08 4.82
C ALA B 326 3.52 -6.46 5.11
N ASP B 327 2.77 -7.49 4.71
CA ASP B 327 3.23 -8.86 4.85
C ASP B 327 4.06 -9.20 3.61
N SER B 328 5.15 -9.93 3.80
CA SER B 328 5.91 -10.47 2.68
C SER B 328 5.27 -11.79 2.23
N PHE B 329 5.22 -12.02 0.92
CA PHE B 329 4.96 -13.38 0.43
C PHE B 329 5.59 -13.67 -0.94
N ARG B 330 5.74 -14.95 -1.24
CA ARG B 330 6.43 -15.43 -2.43
C ARG B 330 5.49 -15.44 -3.62
N TYR B 331 5.68 -14.50 -4.55
CA TYR B 331 4.88 -14.42 -5.77
C TYR B 331 5.79 -14.69 -6.96
N PRO B 332 5.65 -15.86 -7.61
CA PRO B 332 6.39 -16.10 -8.83
C PRO B 332 5.71 -15.39 -9.99
N LYS B 333 6.09 -14.13 -10.19
CA LYS B 333 5.56 -13.36 -11.32
C LYS B 333 6.08 -13.99 -12.60
N THR B 334 5.35 -13.74 -13.69
CA THR B 334 5.65 -14.36 -14.98
C THR B 334 7.09 -14.08 -15.41
N GLY B 335 7.73 -15.11 -15.95
CA GLY B 335 9.09 -15.02 -16.43
C GLY B 335 10.18 -15.07 -15.37
N THR B 336 9.82 -15.36 -14.11
CA THR B 336 10.79 -15.44 -13.01
C THR B 336 10.73 -16.83 -12.38
N ALA B 337 11.53 -17.05 -11.35
CA ALA B 337 11.73 -18.40 -10.81
C ALA B 337 10.51 -18.93 -10.07
N ASN B 338 10.09 -20.13 -10.43
CA ASN B 338 9.14 -20.91 -9.65
C ASN B 338 9.90 -21.57 -8.51
N PRO B 339 9.18 -22.14 -7.53
CA PRO B 339 9.87 -22.87 -6.45
C PRO B 339 10.74 -24.02 -6.96
N LYS B 340 11.79 -24.36 -6.22
CA LYS B 340 12.64 -25.51 -6.53
C LYS B 340 12.04 -26.73 -5.86
N VAL B 341 11.67 -27.72 -6.66
CA VAL B 341 10.87 -28.85 -6.18
C VAL B 341 11.62 -30.18 -6.28
N THR B 342 11.18 -31.14 -5.48
CA THR B 342 11.66 -32.51 -5.53
C THR B 342 10.72 -33.44 -4.77
N PHE B 343 10.84 -34.74 -5.01
CA PHE B 343 10.12 -35.74 -4.26
C PHE B 343 10.98 -36.27 -3.13
N LYS B 344 10.34 -36.64 -2.03
CA LYS B 344 10.97 -37.27 -0.88
C LYS B 344 10.07 -38.39 -0.39
N MET B 345 10.64 -39.32 0.37
CA MET B 345 9.89 -40.44 0.95
C MET B 345 10.22 -40.53 2.44
N SER B 346 9.19 -40.59 3.27
CA SER B 346 9.37 -40.80 4.71
C SER B 346 9.04 -42.26 5.05
N GLU B 347 10.08 -43.03 5.37
CA GLU B 347 9.95 -44.43 5.72
C GLU B 347 9.81 -44.54 7.24
N ILE B 348 8.72 -45.14 7.71
CA ILE B 348 8.33 -45.12 9.11
C ILE B 348 8.22 -46.57 9.63
N MET B 349 9.21 -47.00 10.41
CA MET B 349 9.24 -48.36 10.96
C MET B 349 8.45 -48.46 12.27
N ILE B 350 7.30 -49.14 12.21
CA ILE B 350 6.43 -49.36 13.36
C ILE B 350 6.64 -50.81 13.83
N ASP B 351 6.65 -51.03 15.15
CA ASP B 351 6.77 -52.39 15.73
C ASP B 351 5.40 -53.07 15.85
N ALA B 352 5.36 -54.28 16.40
CA ALA B 352 4.11 -55.05 16.53
C ALA B 352 3.05 -54.42 17.44
N GLU B 353 3.48 -53.52 18.34
CA GLU B 353 2.57 -52.86 19.30
C GLU B 353 1.92 -51.59 18.72
N GLY B 354 2.24 -51.24 17.48
CA GLY B 354 1.76 -49.99 16.87
C GLY B 354 2.53 -48.78 17.37
N ARG B 355 3.84 -48.95 17.55
CA ARG B 355 4.71 -47.96 18.21
C ARG B 355 5.93 -47.72 17.33
N ILE B 356 6.35 -46.46 17.21
CA ILE B 356 7.41 -46.09 16.27
C ILE B 356 8.75 -46.60 16.75
N ILE B 357 9.45 -47.33 15.87
CA ILE B 357 10.81 -47.77 16.11
C ILE B 357 11.78 -46.69 15.64
N ASP B 358 11.57 -46.21 14.41
CA ASP B 358 12.47 -45.25 13.76
C ASP B 358 11.74 -44.54 12.61
N VAL B 359 12.32 -43.45 12.13
CA VAL B 359 11.83 -42.73 10.96
C VAL B 359 13.03 -42.38 10.09
N ILE B 360 13.10 -42.99 8.91
CA ILE B 360 14.19 -42.74 7.96
C ILE B 360 13.67 -41.86 6.83
N ASP B 361 14.17 -40.62 6.77
CA ASP B 361 13.84 -39.69 5.71
C ASP B 361 14.71 -40.02 4.50
N LYS B 362 14.12 -40.03 3.31
CA LYS B 362 14.79 -40.48 2.09
C LYS B 362 14.62 -39.51 0.93
N GLU B 363 15.65 -39.41 0.08
CA GLU B 363 15.67 -38.51 -1.08
C GLU B 363 15.97 -39.29 -2.37
N LEU B 364 15.67 -38.67 -3.51
CA LEU B 364 15.86 -39.31 -4.81
C LEU B 364 17.34 -39.56 -5.05
N ILE B 365 17.65 -40.78 -5.48
CA ILE B 365 19.04 -41.25 -5.68
C ILE B 365 19.88 -40.32 -6.55
N GLN B 366 19.25 -39.67 -7.53
CA GLN B 366 19.84 -38.57 -8.28
C GLN B 366 18.89 -37.37 -8.17
N PRO B 367 19.36 -36.16 -8.53
CA PRO B 367 18.49 -34.97 -8.49
C PRO B 367 17.22 -35.04 -9.35
N PHE B 368 16.19 -34.29 -8.94
CA PHE B 368 14.92 -34.16 -9.66
C PHE B 368 15.15 -33.68 -11.09
N GLU B 369 16.05 -32.72 -11.27
CA GLU B 369 16.32 -32.11 -12.59
C GLU B 369 16.97 -33.08 -13.57
N ILE B 370 17.59 -34.14 -13.06
CA ILE B 370 18.19 -35.21 -13.87
C ILE B 370 17.17 -36.31 -14.18
N LEU B 371 16.50 -36.82 -13.14
CA LEU B 371 15.51 -37.90 -13.30
C LEU B 371 14.24 -37.49 -14.06
N PHE B 372 13.86 -36.22 -13.93
CA PHE B 372 12.63 -35.68 -14.55
C PHE B 372 12.97 -34.44 -15.37
N GLU B 373 13.88 -34.62 -16.33
CA GLU B 373 14.33 -33.53 -17.21
C GLU B 373 13.16 -32.71 -17.76
N GLY B 374 13.31 -31.38 -17.73
CA GLY B 374 12.33 -30.46 -18.32
C GLY B 374 11.11 -30.11 -17.47
N VAL B 375 10.95 -30.76 -16.31
CA VAL B 375 9.74 -30.62 -15.49
C VAL B 375 9.83 -29.40 -14.56
N GLU B 376 8.82 -28.52 -14.63
CA GLU B 376 8.64 -27.42 -13.68
C GLU B 376 7.69 -27.83 -12.57
N TYR B 377 6.47 -28.19 -12.96
CA TYR B 377 5.37 -28.38 -12.03
C TYR B 377 5.05 -29.85 -11.78
N ILE B 378 4.86 -30.20 -10.51
CA ILE B 378 4.27 -31.45 -10.10
C ILE B 378 2.76 -31.18 -10.00
N ALA B 379 2.03 -31.49 -11.07
CA ALA B 379 0.61 -31.16 -11.15
C ALA B 379 -0.23 -32.05 -10.23
N ARG B 380 -0.01 -33.36 -10.29
CA ARG B 380 -0.72 -34.34 -9.49
C ARG B 380 0.22 -35.45 -9.05
N ALA B 381 -0.14 -36.15 -7.98
CA ALA B 381 0.64 -37.30 -7.52
C ALA B 381 -0.20 -38.25 -6.66
N GLY B 382 0.29 -39.49 -6.52
CA GLY B 382 -0.40 -40.50 -5.72
C GLY B 382 0.36 -41.81 -5.71
N TRP B 383 -0.39 -42.89 -5.46
CA TRP B 383 0.14 -44.25 -5.45
C TRP B 383 -0.70 -45.17 -6.33
N THR B 384 -0.11 -46.28 -6.76
CA THR B 384 -0.88 -47.34 -7.40
C THR B 384 -1.67 -48.06 -6.29
N PRO B 385 -2.79 -48.73 -6.64
CA PRO B 385 -3.65 -49.37 -5.61
C PRO B 385 -2.98 -50.37 -4.66
N GLU B 386 -1.90 -51.04 -5.10
CA GLU B 386 -1.20 -52.04 -4.29
C GLU B 386 0.04 -51.46 -3.61
N GLY B 387 0.33 -50.19 -3.87
CA GLY B 387 1.45 -49.50 -3.26
C GLY B 387 2.82 -49.93 -3.76
N LYS B 388 2.89 -50.48 -4.97
CA LYS B 388 4.16 -50.91 -5.54
C LYS B 388 4.94 -49.70 -6.05
N TYR B 389 4.27 -48.89 -6.87
CA TYR B 389 4.84 -47.65 -7.42
C TYR B 389 4.09 -46.44 -6.89
N ALA B 390 4.75 -45.29 -6.95
CA ALA B 390 4.13 -44.00 -6.71
C ALA B 390 4.10 -43.26 -8.03
N TRP B 391 2.93 -42.75 -8.42
CA TRP B 391 2.78 -42.05 -9.70
C TRP B 391 2.79 -40.53 -9.56
N SER B 392 3.00 -39.86 -10.69
CA SER B 392 2.97 -38.41 -10.75
C SER B 392 2.72 -37.89 -12.16
N ILE B 393 1.95 -36.81 -12.25
CA ILE B 393 1.68 -36.12 -13.52
C ILE B 393 2.49 -34.82 -13.54
N LEU B 394 3.42 -34.74 -14.49
CA LEU B 394 4.46 -33.71 -14.51
C LEU B 394 4.34 -32.84 -15.75
N LEU B 395 4.48 -31.53 -15.56
CA LEU B 395 4.41 -30.55 -16.65
C LEU B 395 5.75 -29.91 -16.85
N ASP B 396 6.05 -29.52 -18.09
CA ASP B 396 7.16 -28.62 -18.38
C ASP B 396 6.71 -27.17 -18.18
N ARG B 397 7.62 -26.22 -18.27
CA ARG B 397 7.32 -24.82 -17.97
C ARG B 397 6.25 -24.20 -18.88
N SER B 398 6.32 -24.51 -20.16
CA SER B 398 5.36 -23.99 -21.14
C SER B 398 3.99 -24.65 -21.05
N GLN B 399 3.90 -25.77 -20.32
CA GLN B 399 2.65 -26.49 -20.08
C GLN B 399 2.06 -26.99 -21.41
N THR B 400 2.96 -27.45 -22.28
CA THR B 400 2.62 -28.08 -23.54
C THR B 400 3.07 -29.54 -23.59
N ARG B 401 3.75 -30.04 -22.55
CA ARG B 401 4.13 -31.44 -22.46
C ARG B 401 3.72 -32.00 -21.11
N LEU B 402 2.80 -32.97 -21.12
CA LEU B 402 2.40 -33.70 -19.92
C LEU B 402 3.09 -35.06 -19.92
N GLN B 403 3.47 -35.52 -18.73
CA GLN B 403 4.03 -36.87 -18.55
C GLN B 403 3.44 -37.52 -17.31
N ILE B 404 2.99 -38.77 -17.45
CA ILE B 404 2.63 -39.59 -16.30
C ILE B 404 3.81 -40.52 -16.04
N VAL B 405 4.37 -40.45 -14.84
CA VAL B 405 5.60 -41.17 -14.50
C VAL B 405 5.40 -41.99 -13.23
N LEU B 406 5.77 -43.27 -13.29
CA LEU B 406 5.83 -44.11 -12.09
C LEU B 406 7.21 -43.98 -11.45
N ILE B 407 7.22 -43.95 -10.12
CA ILE B 407 8.43 -43.74 -9.33
C ILE B 407 8.42 -44.81 -8.25
N SER B 408 9.37 -45.74 -8.34
CA SER B 408 9.51 -46.81 -7.34
C SER B 408 10.07 -46.26 -6.03
N PRO B 409 9.60 -46.77 -4.87
CA PRO B 409 10.23 -46.46 -3.58
C PRO B 409 11.74 -46.79 -3.52
N GLU B 410 12.17 -47.75 -4.34
CA GLU B 410 13.59 -48.09 -4.46
C GLU B 410 14.47 -46.99 -5.08
N LEU B 411 13.87 -46.03 -5.79
CA LEU B 411 14.58 -44.83 -6.23
C LEU B 411 15.03 -43.92 -5.09
N PHE B 412 14.46 -44.09 -3.89
CA PHE B 412 14.79 -43.28 -2.72
C PHE B 412 15.82 -43.96 -1.81
N ILE B 413 16.80 -43.18 -1.37
CA ILE B 413 17.85 -43.62 -0.43
C ILE B 413 17.84 -42.73 0.79
N PRO B 414 18.36 -43.21 1.94
CA PRO B 414 18.42 -42.35 3.12
C PRO B 414 19.26 -41.10 2.93
N VAL B 415 18.88 -40.02 3.62
CA VAL B 415 19.63 -38.76 3.56
C VAL B 415 20.86 -38.96 4.44
N GLU B 416 22.05 -38.77 3.87
CA GLU B 416 23.31 -39.03 4.57
C GLU B 416 24.35 -37.93 4.28
N ASP B 417 24.89 -37.36 5.37
CA ASP B 417 25.90 -36.29 5.30
C ASP B 417 27.24 -36.83 4.80
N ASP B 418 27.66 -37.97 5.36
CA ASP B 418 28.95 -38.59 5.05
C ASP B 418 29.00 -39.14 3.62
N VAL B 419 29.94 -38.62 2.82
CA VAL B 419 30.07 -38.99 1.41
C VAL B 419 30.50 -40.44 1.18
N MET B 420 31.20 -41.04 2.16
CA MET B 420 31.59 -42.44 2.10
C MET B 420 30.37 -43.36 2.23
N GLU B 421 29.60 -43.17 3.29
CA GLU B 421 28.37 -43.94 3.56
C GLU B 421 27.34 -43.75 2.44
N ARG B 422 27.22 -42.53 1.94
CA ARG B 422 26.23 -42.16 0.93
C ARG B 422 26.55 -42.75 -0.45
N GLN B 423 27.82 -42.69 -0.86
CA GLN B 423 28.27 -43.27 -2.15
C GLN B 423 28.09 -44.78 -2.19
N ARG B 424 28.17 -45.43 -1.03
CA ARG B 424 27.88 -46.86 -0.89
C ARG B 424 26.39 -47.13 -1.15
N LEU B 425 25.54 -46.34 -0.49
CA LEU B 425 24.08 -46.44 -0.66
C LEU B 425 23.59 -46.20 -2.10
N ILE B 426 24.27 -45.34 -2.83
CA ILE B 426 23.99 -45.15 -4.26
C ILE B 426 24.26 -46.44 -5.05
N GLU B 427 25.39 -47.08 -4.76
CA GLU B 427 25.78 -48.34 -5.42
C GLU B 427 24.89 -49.54 -5.04
N SER B 428 24.27 -49.51 -3.86
CA SER B 428 23.38 -50.59 -3.41
C SER B 428 22.08 -50.71 -4.24
N VAL B 429 21.62 -49.59 -4.81
CA VAL B 429 20.42 -49.59 -5.66
C VAL B 429 20.79 -50.06 -7.07
N PRO B 430 20.02 -51.02 -7.63
CA PRO B 430 20.26 -51.49 -9.01
C PRO B 430 20.14 -50.42 -10.11
N ASP B 431 20.73 -50.72 -11.26
CA ASP B 431 20.62 -49.86 -12.45
C ASP B 431 19.25 -50.00 -13.11
N SER B 432 18.66 -51.20 -13.03
CA SER B 432 17.33 -51.48 -13.60
C SER B 432 16.21 -50.67 -12.95
N VAL B 433 16.40 -50.31 -11.67
CA VAL B 433 15.46 -49.46 -10.93
C VAL B 433 15.56 -48.03 -11.47
N THR B 434 14.49 -47.61 -12.17
CA THR B 434 14.50 -46.40 -12.98
C THR B 434 13.15 -45.71 -12.93
N PRO B 435 13.10 -44.38 -13.18
CA PRO B 435 11.82 -43.75 -13.48
C PRO B 435 11.18 -44.35 -14.75
N LEU B 436 9.85 -44.49 -14.73
CA LEU B 436 9.11 -45.15 -15.80
C LEU B 436 8.02 -44.20 -16.30
N ILE B 437 8.30 -43.50 -17.40
CA ILE B 437 7.33 -42.62 -18.05
C ILE B 437 6.31 -43.47 -18.79
N ILE B 438 5.20 -43.77 -18.13
CA ILE B 438 4.15 -44.65 -18.71
C ILE B 438 3.21 -43.96 -19.70
N TYR B 439 3.32 -42.64 -19.84
CA TYR B 439 2.57 -41.91 -20.86
C TYR B 439 3.23 -40.56 -21.08
N GLU B 440 3.17 -40.06 -22.31
CA GLU B 440 3.62 -38.70 -22.63
C GLU B 440 2.78 -38.18 -23.79
N GLU B 441 2.48 -36.88 -23.75
CA GLU B 441 1.70 -36.22 -24.80
C GLU B 441 2.14 -34.76 -24.92
N THR B 442 1.90 -34.17 -26.10
CA THR B 442 2.19 -32.76 -26.33
C THR B 442 1.04 -32.08 -27.07
N THR B 443 1.04 -30.76 -27.03
CA THR B 443 0.04 -29.93 -27.70
C THR B 443 0.65 -28.58 -28.01
N ASP B 444 0.15 -27.95 -29.07
CA ASP B 444 0.62 -26.63 -29.47
C ASP B 444 -0.35 -25.55 -29.00
N ILE B 445 -1.38 -25.93 -28.24
CA ILE B 445 -2.21 -24.96 -27.52
C ILE B 445 -1.79 -24.97 -26.03
N TRP B 446 -2.36 -25.85 -25.21
CA TRP B 446 -1.90 -26.02 -23.83
C TRP B 446 -2.51 -27.26 -23.18
N ILE B 447 -1.80 -27.82 -22.20
CA ILE B 447 -2.33 -28.89 -21.38
C ILE B 447 -3.25 -28.27 -20.33
N ASN B 448 -4.48 -28.78 -20.22
CA ASN B 448 -5.38 -28.46 -19.11
C ASN B 448 -5.33 -29.64 -18.13
N ILE B 449 -4.89 -29.37 -16.90
CA ILE B 449 -4.77 -30.42 -15.88
C ILE B 449 -6.18 -30.75 -15.38
N HIS B 450 -6.38 -32.02 -15.01
CA HIS B 450 -7.66 -32.51 -14.53
C HIS B 450 -7.42 -33.66 -13.54
N ASP B 451 -8.50 -34.11 -12.90
CA ASP B 451 -8.42 -35.06 -11.79
C ASP B 451 -8.66 -36.53 -12.17
N ILE B 452 -9.07 -36.79 -13.41
CA ILE B 452 -9.19 -38.15 -13.94
C ILE B 452 -7.83 -38.83 -14.12
N PHE B 453 -7.69 -40.00 -13.51
CA PHE B 453 -6.57 -40.93 -13.74
C PHE B 453 -6.81 -42.19 -12.88
N HIS B 454 -7.10 -43.32 -13.52
CA HIS B 454 -7.46 -44.58 -12.84
C HIS B 454 -6.52 -45.71 -13.24
N VAL B 455 -5.95 -46.40 -12.25
CA VAL B 455 -4.98 -47.48 -12.46
C VAL B 455 -5.58 -48.84 -12.04
N PHE B 456 -5.65 -49.78 -12.99
CA PHE B 456 -6.17 -51.12 -12.71
C PHE B 456 -5.14 -51.93 -11.95
N PRO B 457 -5.58 -53.02 -11.27
CA PRO B 457 -4.61 -53.92 -10.64
C PRO B 457 -3.60 -54.51 -11.63
N GLN B 458 -2.38 -54.77 -11.15
CA GLN B 458 -1.34 -55.37 -12.00
C GLN B 458 -1.63 -56.86 -12.19
N SER B 459 -1.87 -57.26 -13.44
CA SER B 459 -1.93 -58.68 -13.79
C SER B 459 -0.51 -59.21 -13.97
N HIS B 460 0.28 -58.50 -14.78
CA HIS B 460 1.65 -58.89 -15.13
C HIS B 460 2.67 -57.86 -14.62
N GLU B 461 3.85 -58.34 -14.21
CA GLU B 461 4.95 -57.49 -13.71
C GLU B 461 5.48 -56.54 -14.78
N GLU B 462 5.53 -57.02 -16.01
CA GLU B 462 6.03 -56.25 -17.15
C GLU B 462 5.10 -55.12 -17.62
N GLU B 463 3.84 -55.10 -17.18
CA GLU B 463 2.84 -54.17 -17.72
C GLU B 463 2.14 -53.31 -16.66
N ILE B 464 1.52 -52.23 -17.13
CA ILE B 464 0.56 -51.46 -16.33
C ILE B 464 -0.57 -50.92 -17.21
N GLU B 465 -1.78 -50.95 -16.66
CA GLU B 465 -3.02 -50.69 -17.39
C GLU B 465 -3.76 -49.54 -16.70
N PHE B 466 -4.21 -48.55 -17.46
CA PHE B 466 -4.86 -47.37 -16.85
C PHE B 466 -5.79 -46.60 -17.79
N ILE B 467 -6.73 -45.85 -17.21
CA ILE B 467 -7.55 -44.91 -17.97
C ILE B 467 -7.07 -43.49 -17.65
N PHE B 468 -7.06 -42.64 -18.68
CA PHE B 468 -6.65 -41.24 -18.57
C PHE B 468 -7.45 -40.45 -19.60
N ALA B 469 -7.57 -39.14 -19.41
CA ALA B 469 -8.27 -38.26 -20.35
C ALA B 469 -7.27 -37.32 -21.03
N SER B 470 -7.64 -36.82 -22.20
CA SER B 470 -6.80 -35.89 -22.95
C SER B 470 -7.53 -35.14 -24.07
N GLU B 471 -7.16 -33.86 -24.23
CA GLU B 471 -7.55 -33.04 -25.38
C GLU B 471 -6.50 -33.10 -26.52
N CYS B 472 -5.34 -33.72 -26.28
CA CYS B 472 -4.20 -33.61 -27.19
C CYS B 472 -4.41 -34.22 -28.57
N LYS B 473 -5.13 -35.34 -28.64
CA LYS B 473 -5.38 -36.04 -29.91
C LYS B 473 -6.39 -35.30 -30.79
N THR B 474 -7.63 -35.19 -30.31
CA THR B 474 -8.75 -34.71 -31.13
C THR B 474 -9.08 -33.22 -30.95
N GLY B 475 -8.62 -32.62 -29.85
CA GLY B 475 -8.99 -31.24 -29.50
C GLY B 475 -10.21 -31.13 -28.59
N PHE B 476 -10.68 -32.29 -28.13
CA PHE B 476 -11.74 -32.41 -27.12
C PHE B 476 -11.28 -33.46 -26.11
N ARG B 477 -11.65 -33.27 -24.84
CA ARG B 477 -11.22 -34.18 -23.78
C ARG B 477 -11.99 -35.48 -23.87
N HIS B 478 -11.27 -36.60 -24.09
CA HIS B 478 -11.88 -37.92 -24.18
C HIS B 478 -11.08 -38.96 -23.40
N LEU B 479 -11.77 -40.02 -23.00
CA LEU B 479 -11.16 -41.09 -22.21
C LEU B 479 -10.36 -42.01 -23.12
N TYR B 480 -9.27 -42.56 -22.59
CA TYR B 480 -8.43 -43.51 -23.31
C TYR B 480 -7.97 -44.59 -22.34
N LYS B 481 -8.13 -45.86 -22.73
CA LYS B 481 -7.55 -46.97 -21.98
C LYS B 481 -6.20 -47.28 -22.60
N ILE B 482 -5.17 -47.22 -21.78
CA ILE B 482 -3.78 -47.36 -22.22
C ILE B 482 -3.12 -48.50 -21.45
N THR B 483 -2.24 -49.22 -22.12
CA THR B 483 -1.45 -50.29 -21.51
C THR B 483 0.02 -50.07 -21.89
N SER B 484 0.89 -49.86 -20.89
CA SER B 484 2.31 -49.55 -21.12
C SER B 484 3.20 -50.67 -20.58
N ILE B 485 4.38 -50.79 -21.19
CA ILE B 485 5.33 -51.88 -20.87
C ILE B 485 6.48 -51.35 -20.02
N LEU B 486 6.78 -52.07 -18.94
CA LEU B 486 7.77 -51.66 -17.94
C LEU B 486 9.06 -52.45 -18.10
N LYS B 487 9.82 -52.12 -19.14
CA LYS B 487 11.11 -52.78 -19.39
C LYS B 487 12.25 -51.92 -18.86
N GLU B 488 13.43 -52.56 -18.72
CA GLU B 488 14.62 -51.89 -18.20
C GLU B 488 15.07 -50.77 -19.13
N SER B 489 15.72 -49.76 -18.56
CA SER B 489 16.15 -48.61 -19.32
C SER B 489 17.47 -48.87 -20.02
N LYS B 490 17.65 -48.20 -21.16
CA LYS B 490 18.90 -48.22 -21.90
C LYS B 490 19.99 -47.55 -21.06
N TYR B 491 19.63 -46.46 -20.38
CA TYR B 491 20.48 -45.82 -19.36
C TYR B 491 20.75 -46.77 -18.18
N LYS B 492 21.99 -46.78 -17.72
CA LYS B 492 22.42 -47.56 -16.57
C LYS B 492 23.29 -46.66 -15.69
N ARG B 493 23.02 -46.67 -14.38
CA ARG B 493 23.55 -45.68 -13.46
C ARG B 493 25.04 -45.81 -13.16
N SER B 494 25.54 -47.06 -13.11
CA SER B 494 26.96 -47.35 -12.84
C SER B 494 27.93 -46.73 -13.84
N SER B 495 27.47 -46.53 -15.09
CA SER B 495 28.25 -45.86 -16.13
C SER B 495 28.65 -44.42 -15.81
N GLY B 496 27.93 -43.77 -14.89
CA GLY B 496 28.29 -42.43 -14.42
C GLY B 496 28.03 -41.29 -15.40
N GLY B 497 27.17 -41.54 -16.40
CA GLY B 497 26.74 -40.49 -17.33
C GLY B 497 25.39 -39.93 -16.95
N LEU B 498 24.90 -38.98 -17.75
CA LEU B 498 23.56 -38.43 -17.59
C LEU B 498 22.58 -39.18 -18.50
N PRO B 499 21.30 -39.27 -18.10
CA PRO B 499 20.32 -39.95 -18.95
C PRO B 499 19.84 -39.04 -20.08
N ALA B 500 19.62 -39.64 -21.26
CA ALA B 500 19.13 -38.93 -22.44
C ALA B 500 17.64 -38.58 -22.30
N PRO B 501 17.14 -37.62 -23.12
CA PRO B 501 15.73 -37.22 -23.05
C PRO B 501 14.71 -38.36 -23.01
N SER B 502 14.89 -39.39 -23.83
CA SER B 502 13.91 -40.46 -23.96
C SER B 502 14.34 -41.81 -23.34
N ASP B 503 15.34 -41.81 -22.47
CA ASP B 503 15.82 -43.08 -21.86
C ASP B 503 14.79 -43.75 -20.95
N PHE B 504 13.93 -42.96 -20.31
CA PHE B 504 12.94 -43.50 -19.37
C PHE B 504 11.55 -43.75 -19.99
N LYS B 505 11.37 -43.46 -21.29
CA LYS B 505 10.07 -43.66 -21.95
C LYS B 505 9.71 -45.14 -22.06
N CYS B 506 8.53 -45.50 -21.57
CA CYS B 506 7.97 -46.84 -21.77
C CYS B 506 7.27 -46.87 -23.13
N PRO B 507 7.31 -48.02 -23.82
CA PRO B 507 6.53 -48.12 -25.06
C PRO B 507 5.05 -48.41 -24.76
N ILE B 508 4.19 -47.94 -25.67
CA ILE B 508 2.74 -48.12 -25.56
C ILE B 508 2.32 -49.39 -26.30
N LYS B 509 1.90 -50.41 -25.55
CA LYS B 509 1.37 -51.65 -26.12
C LYS B 509 -0.01 -51.45 -26.75
N GLU B 510 -0.81 -50.55 -26.20
CA GLU B 510 -2.21 -50.39 -26.57
C GLU B 510 -2.71 -48.99 -26.19
N GLU B 511 -3.62 -48.44 -26.98
CA GLU B 511 -4.24 -47.16 -26.67
C GLU B 511 -5.63 -47.06 -27.33
N ILE B 512 -6.62 -47.65 -26.67
CA ILE B 512 -8.01 -47.67 -27.16
C ILE B 512 -8.70 -46.37 -26.78
N ALA B 513 -9.41 -45.75 -27.73
CA ALA B 513 -10.22 -44.58 -27.45
C ALA B 513 -11.58 -45.02 -26.91
N ILE B 514 -11.83 -44.76 -25.63
CA ILE B 514 -13.12 -45.10 -25.00
C ILE B 514 -14.24 -44.15 -25.45
N THR B 515 -13.90 -42.89 -25.75
CA THR B 515 -14.88 -41.93 -26.27
C THR B 515 -14.29 -41.02 -27.36
N SER B 516 -15.20 -40.36 -28.08
CA SER B 516 -14.83 -39.40 -29.12
C SER B 516 -16.04 -38.55 -29.52
N GLY B 517 -15.79 -37.52 -30.33
CA GLY B 517 -16.84 -36.60 -30.80
C GLY B 517 -16.47 -35.14 -30.61
N GLU B 518 -17.41 -34.26 -30.95
CA GLU B 518 -17.24 -32.81 -30.81
C GLU B 518 -17.86 -32.34 -29.48
N TRP B 519 -17.34 -32.89 -28.39
CA TRP B 519 -17.84 -32.66 -27.03
C TRP B 519 -16.80 -33.22 -26.07
N GLU B 520 -16.75 -32.69 -24.84
CA GLU B 520 -15.69 -33.05 -23.89
C GLU B 520 -16.19 -33.89 -22.72
N VAL B 521 -15.33 -34.80 -22.27
CA VAL B 521 -15.45 -35.43 -20.96
C VAL B 521 -15.02 -34.40 -19.91
N LEU B 522 -15.77 -34.30 -18.81
CA LEU B 522 -15.46 -33.36 -17.73
C LEU B 522 -14.62 -34.03 -16.66
N GLY B 523 -13.59 -33.31 -16.19
CA GLY B 523 -12.66 -33.83 -15.17
C GLY B 523 -12.14 -32.86 -14.12
N ARG B 524 -12.86 -31.75 -13.90
CA ARG B 524 -12.44 -30.72 -12.94
C ARG B 524 -13.60 -30.36 -12.04
N HIS B 525 -13.29 -29.73 -10.90
CA HIS B 525 -14.29 -29.21 -9.96
C HIS B 525 -15.29 -30.26 -9.48
N GLY B 526 -14.80 -31.45 -9.16
CA GLY B 526 -15.65 -32.55 -8.70
C GLY B 526 -16.01 -33.59 -9.76
N SER B 527 -16.00 -33.18 -11.03
CA SER B 527 -16.24 -34.10 -12.13
C SER B 527 -15.09 -35.10 -12.24
N ASN B 528 -15.43 -36.37 -12.30
CA ASN B 528 -14.45 -37.45 -12.43
C ASN B 528 -15.11 -38.67 -13.10
N ILE B 529 -14.46 -39.82 -13.02
CA ILE B 529 -15.01 -41.07 -13.53
C ILE B 529 -15.20 -42.06 -12.39
N GLN B 530 -16.06 -43.05 -12.63
CA GLN B 530 -16.22 -44.18 -11.72
C GLN B 530 -16.08 -45.46 -12.54
N VAL B 531 -15.14 -46.32 -12.15
CA VAL B 531 -14.82 -47.52 -12.90
C VAL B 531 -15.41 -48.76 -12.25
N ASP B 532 -16.32 -49.41 -12.95
CA ASP B 532 -16.89 -50.70 -12.57
C ASP B 532 -16.00 -51.77 -13.17
N GLU B 533 -15.17 -52.40 -12.33
CA GLU B 533 -14.24 -53.45 -12.78
C GLU B 533 -14.87 -54.85 -12.91
N VAL B 534 -16.13 -55.01 -12.46
CA VAL B 534 -16.88 -56.26 -12.64
C VAL B 534 -17.56 -56.26 -14.01
N ARG B 535 -18.44 -55.29 -14.23
CA ARG B 535 -19.10 -55.10 -15.53
C ARG B 535 -18.18 -54.46 -16.59
N ARG B 536 -17.00 -53.98 -16.18
CA ARG B 536 -16.01 -53.38 -17.10
C ARG B 536 -16.58 -52.16 -17.84
N LEU B 537 -17.10 -51.23 -17.04
CA LEU B 537 -17.72 -49.99 -17.49
C LEU B 537 -17.04 -48.76 -16.87
N VAL B 538 -17.35 -47.58 -17.40
CA VAL B 538 -16.82 -46.33 -16.89
C VAL B 538 -17.87 -45.21 -16.98
N TYR B 539 -18.30 -44.72 -15.82
CA TYR B 539 -19.28 -43.65 -15.72
C TYR B 539 -18.52 -42.33 -15.78
N PHE B 540 -19.08 -41.32 -16.46
CA PHE B 540 -18.41 -40.03 -16.59
C PHE B 540 -19.38 -38.91 -16.96
N GLU B 541 -19.00 -37.68 -16.65
CA GLU B 541 -19.78 -36.50 -17.02
C GLU B 541 -19.24 -35.89 -18.32
N GLY B 542 -20.14 -35.34 -19.14
CA GLY B 542 -19.74 -34.75 -20.42
C GLY B 542 -20.77 -33.82 -21.05
N THR B 543 -20.39 -33.22 -22.18
CA THR B 543 -21.22 -32.24 -22.91
C THR B 543 -21.84 -32.79 -24.22
N LYS B 544 -21.91 -34.11 -24.37
CA LYS B 544 -22.33 -34.78 -25.62
C LYS B 544 -23.67 -34.30 -26.17
N ASP B 545 -24.67 -34.20 -25.30
CA ASP B 545 -26.01 -33.73 -25.69
C ASP B 545 -26.08 -32.24 -25.93
N SER B 546 -25.37 -31.46 -25.11
CA SER B 546 -25.31 -30.01 -25.28
C SER B 546 -24.13 -29.42 -24.50
N PRO B 547 -23.51 -28.34 -25.03
CA PRO B 547 -22.54 -27.58 -24.22
C PRO B 547 -23.20 -26.77 -23.09
N LEU B 548 -24.51 -26.56 -23.18
CA LEU B 548 -25.27 -25.87 -22.15
C LEU B 548 -25.75 -26.79 -21.00
N GLU B 549 -25.44 -28.10 -21.06
CA GLU B 549 -25.86 -29.04 -20.01
C GLU B 549 -24.83 -30.16 -19.78
N HIS B 550 -24.38 -30.32 -18.53
CA HIS B 550 -23.54 -31.47 -18.16
C HIS B 550 -24.47 -32.66 -17.92
N HIS B 551 -24.08 -33.85 -18.38
CA HIS B 551 -24.87 -35.07 -18.18
C HIS B 551 -24.01 -36.25 -17.80
N LEU B 552 -24.57 -37.15 -17.00
CA LEU B 552 -23.90 -38.40 -16.66
C LEU B 552 -24.07 -39.38 -17.82
N TYR B 553 -22.99 -40.08 -18.17
CA TYR B 553 -22.99 -41.11 -19.22
C TYR B 553 -22.32 -42.38 -18.71
N VAL B 554 -22.44 -43.46 -19.48
CA VAL B 554 -21.73 -44.71 -19.18
C VAL B 554 -21.43 -45.49 -20.47
N VAL B 555 -20.28 -46.18 -20.48
CA VAL B 555 -19.77 -46.88 -21.66
C VAL B 555 -18.87 -48.04 -21.23
N SER B 556 -18.68 -49.02 -22.11
CA SER B 556 -17.72 -50.10 -21.87
C SER B 556 -16.30 -49.61 -22.16
N TYR B 557 -15.34 -49.98 -21.32
CA TYR B 557 -13.93 -49.66 -21.57
C TYR B 557 -13.17 -50.79 -22.31
N VAL B 558 -13.74 -52.00 -22.33
CA VAL B 558 -13.14 -53.13 -23.05
C VAL B 558 -13.39 -53.00 -24.55
N ASN B 559 -14.66 -53.09 -24.95
CA ASN B 559 -15.07 -52.96 -26.35
C ASN B 559 -15.96 -51.74 -26.46
N PRO B 560 -15.34 -50.54 -26.47
CA PRO B 560 -16.12 -49.32 -26.40
C PRO B 560 -17.07 -49.16 -27.56
N GLY B 561 -18.33 -49.50 -27.32
CA GLY B 561 -19.41 -49.26 -28.25
C GLY B 561 -19.99 -47.88 -27.99
N GLU B 562 -21.28 -47.81 -27.70
CA GLU B 562 -21.99 -46.54 -27.63
C GLU B 562 -22.24 -46.07 -26.21
N VAL B 563 -22.55 -44.78 -26.12
CA VAL B 563 -22.53 -44.02 -24.89
C VAL B 563 -23.97 -43.81 -24.43
N THR B 564 -24.35 -44.49 -23.35
CA THR B 564 -25.69 -44.38 -22.76
C THR B 564 -25.78 -43.18 -21.79
N ARG B 565 -26.58 -42.17 -22.14
CA ARG B 565 -26.87 -41.06 -21.21
C ARG B 565 -27.79 -41.53 -20.10
N LEU B 566 -27.45 -41.18 -18.85
CA LEU B 566 -28.22 -41.60 -17.68
C LEU B 566 -29.04 -40.49 -17.02
N THR B 567 -28.79 -39.22 -17.38
CA THR B 567 -29.53 -38.10 -16.79
C THR B 567 -30.52 -37.51 -17.77
N ASP B 568 -31.62 -36.96 -17.25
CA ASP B 568 -32.70 -36.44 -18.08
C ASP B 568 -32.34 -35.07 -18.64
N ARG B 569 -32.65 -34.84 -19.92
CA ARG B 569 -32.44 -33.53 -20.56
C ARG B 569 -33.39 -32.47 -20.00
N GLY B 570 -33.04 -31.20 -20.23
CA GLY B 570 -33.75 -30.06 -19.64
C GLY B 570 -33.11 -29.52 -18.36
N TYR B 571 -32.15 -30.25 -17.80
CA TYR B 571 -31.36 -29.81 -16.64
C TYR B 571 -29.86 -30.04 -16.91
N SER B 572 -29.02 -29.24 -16.26
CA SER B 572 -27.59 -29.53 -16.13
C SER B 572 -27.39 -30.26 -14.80
N HIS B 573 -26.51 -31.26 -14.79
CA HIS B 573 -26.35 -32.16 -13.65
C HIS B 573 -24.93 -32.15 -13.12
N SER B 574 -24.80 -32.35 -11.81
CA SER B 574 -23.51 -32.57 -11.17
C SER B 574 -23.65 -33.85 -10.34
N CYS B 575 -22.95 -34.90 -10.74
CA CYS B 575 -23.22 -36.23 -10.22
C CYS B 575 -22.04 -36.85 -9.53
N CYS B 576 -22.33 -37.84 -8.70
CA CYS B 576 -21.35 -38.81 -8.24
C CYS B 576 -22.01 -40.19 -8.20
N ILE B 577 -21.18 -41.22 -8.35
CA ILE B 577 -21.64 -42.59 -8.47
C ILE B 577 -21.16 -43.37 -7.27
N SER B 578 -22.05 -44.19 -6.70
CA SER B 578 -21.68 -45.09 -5.61
C SER B 578 -20.43 -45.88 -5.98
N GLN B 579 -19.57 -46.13 -5.01
CA GLN B 579 -18.40 -46.99 -5.22
C GLN B 579 -18.80 -48.38 -5.71
N HIS B 580 -19.98 -48.85 -5.28
CA HIS B 580 -20.53 -50.16 -5.68
C HIS B 580 -21.22 -50.18 -7.06
N CYS B 581 -21.35 -49.00 -7.69
CA CYS B 581 -21.85 -48.84 -9.06
C CYS B 581 -23.29 -49.30 -9.28
N ASP B 582 -24.10 -49.28 -8.22
CA ASP B 582 -25.52 -49.61 -8.29
C ASP B 582 -26.44 -48.43 -7.94
N PHE B 583 -25.86 -47.26 -7.65
CA PHE B 583 -26.61 -46.02 -7.42
C PHE B 583 -25.82 -44.83 -7.97
N PHE B 584 -26.52 -43.75 -8.27
CA PHE B 584 -25.87 -42.45 -8.44
C PHE B 584 -26.75 -41.33 -7.91
N ILE B 585 -26.16 -40.17 -7.68
CA ILE B 585 -26.87 -38.99 -7.19
C ILE B 585 -26.60 -37.87 -8.16
N SER B 586 -27.56 -36.97 -8.35
CA SER B 586 -27.42 -35.82 -9.23
C SER B 586 -27.90 -34.55 -8.54
N LYS B 587 -27.05 -33.52 -8.54
CA LYS B 587 -27.44 -32.18 -8.14
C LYS B 587 -27.76 -31.44 -9.43
N TYR B 588 -29.04 -31.17 -9.65
CA TYR B 588 -29.49 -30.62 -10.93
C TYR B 588 -30.35 -29.37 -10.80
N SER B 589 -30.29 -28.53 -11.82
CA SER B 589 -31.11 -27.33 -11.93
C SER B 589 -31.25 -26.94 -13.39
N ASN B 590 -32.03 -25.90 -13.62
CA ASN B 590 -32.07 -25.23 -14.92
C ASN B 590 -32.45 -23.76 -14.73
N GLN B 591 -32.56 -23.04 -15.84
CA GLN B 591 -32.74 -21.59 -15.80
C GLN B 591 -33.95 -21.15 -14.95
N LYS B 592 -35.02 -21.94 -14.96
CA LYS B 592 -36.27 -21.64 -14.24
C LYS B 592 -36.38 -22.27 -12.86
N ASN B 593 -35.79 -23.45 -12.67
CA ASN B 593 -35.94 -24.23 -11.43
C ASN B 593 -34.63 -24.33 -10.61
N PRO B 594 -34.65 -23.90 -9.32
CA PRO B 594 -33.50 -24.03 -8.41
C PRO B 594 -32.99 -25.45 -8.17
N HIS B 595 -31.91 -25.53 -7.40
CA HIS B 595 -31.11 -26.75 -7.27
C HIS B 595 -31.86 -27.82 -6.54
N CYS B 596 -31.57 -29.05 -6.91
CA CYS B 596 -32.32 -30.21 -6.44
C CYS B 596 -31.39 -31.42 -6.44
N VAL B 597 -31.46 -32.25 -5.40
CA VAL B 597 -30.57 -33.42 -5.26
C VAL B 597 -31.39 -34.70 -5.11
N SER B 598 -31.17 -35.66 -6.01
CA SER B 598 -31.97 -36.89 -6.08
C SER B 598 -31.12 -38.14 -6.24
N LEU B 599 -31.61 -39.25 -5.67
CA LEU B 599 -30.96 -40.55 -5.74
C LEU B 599 -31.59 -41.39 -6.85
N TYR B 600 -30.75 -42.11 -7.59
CA TYR B 600 -31.19 -42.95 -8.70
C TYR B 600 -30.52 -44.31 -8.62
N LYS B 601 -31.32 -45.37 -8.77
CA LYS B 601 -30.79 -46.75 -8.78
C LYS B 601 -30.48 -47.17 -10.21
N LEU B 602 -29.40 -47.94 -10.37
CA LEU B 602 -28.93 -48.42 -11.68
C LEU B 602 -29.20 -49.92 -11.82
N SER B 603 -29.75 -50.34 -12.97
CA SER B 603 -30.11 -51.74 -13.22
C SER B 603 -29.53 -52.27 -14.54
N SER B 604 -29.28 -53.59 -14.55
CA SER B 604 -28.85 -54.33 -15.73
C SER B 604 -29.99 -55.22 -16.23
N PRO B 605 -30.37 -55.08 -17.52
CA PRO B 605 -31.12 -56.13 -18.19
C PRO B 605 -30.33 -57.45 -18.20
N GLU B 606 -30.99 -58.56 -17.85
CA GLU B 606 -30.33 -59.84 -17.63
C GLU B 606 -29.59 -60.37 -18.87
N ASP B 607 -30.14 -60.08 -20.06
CA ASP B 607 -29.49 -60.46 -21.32
C ASP B 607 -28.18 -59.72 -21.67
N ASP B 608 -27.95 -58.54 -21.06
CA ASP B 608 -26.81 -57.67 -21.41
C ASP B 608 -26.41 -56.74 -20.25
N PRO B 609 -25.38 -57.13 -19.45
CA PRO B 609 -24.91 -56.27 -18.33
C PRO B 609 -24.33 -54.90 -18.74
N THR B 610 -23.85 -54.77 -19.98
CA THR B 610 -23.38 -53.49 -20.53
C THR B 610 -24.47 -52.43 -20.59
N CYS B 611 -25.69 -52.83 -20.91
CA CYS B 611 -26.82 -51.89 -21.00
C CYS B 611 -27.22 -51.41 -19.60
N LYS B 612 -27.53 -50.11 -19.49
CA LYS B 612 -27.77 -49.48 -18.19
C LYS B 612 -29.03 -48.62 -18.24
N THR B 613 -29.95 -48.92 -17.32
CA THR B 613 -31.16 -48.14 -17.10
C THR B 613 -31.14 -47.63 -15.67
N LYS B 614 -31.83 -46.50 -15.44
CA LYS B 614 -31.93 -45.92 -14.11
C LYS B 614 -33.38 -45.77 -13.65
N GLU B 615 -33.58 -45.86 -12.34
CA GLU B 615 -34.89 -45.66 -11.73
C GLU B 615 -34.78 -44.68 -10.57
N PHE B 616 -35.66 -43.69 -10.55
CA PHE B 616 -35.75 -42.74 -9.43
C PHE B 616 -36.08 -43.48 -8.14
N TRP B 617 -35.26 -43.28 -7.12
CA TRP B 617 -35.41 -43.96 -5.83
C TRP B 617 -35.95 -43.02 -4.77
N ALA B 618 -35.28 -41.87 -4.58
CA ALA B 618 -35.64 -40.92 -3.52
C ALA B 618 -35.06 -39.54 -3.74
N THR B 619 -35.69 -38.53 -3.13
CA THR B 619 -35.19 -37.16 -3.10
C THR B 619 -34.40 -36.90 -1.81
N ILE B 620 -33.23 -36.28 -1.96
CA ILE B 620 -32.35 -35.94 -0.83
C ILE B 620 -32.55 -34.47 -0.44
N LEU B 621 -32.56 -33.57 -1.43
CA LEU B 621 -32.86 -32.16 -1.22
C LEU B 621 -33.88 -31.73 -2.25
N ASP B 622 -35.01 -31.19 -1.77
CA ASP B 622 -36.11 -30.79 -2.64
C ASP B 622 -35.93 -29.33 -2.98
N SER B 623 -36.23 -28.99 -4.24
CA SER B 623 -36.04 -27.62 -4.74
C SER B 623 -37.04 -26.65 -4.10
N ALA B 624 -36.63 -25.39 -4.00
CA ALA B 624 -37.51 -24.33 -3.48
C ALA B 624 -38.67 -24.01 -4.43
N GLY B 625 -38.47 -24.22 -5.74
CA GLY B 625 -39.44 -23.83 -6.77
C GLY B 625 -39.28 -22.35 -7.10
N PRO B 626 -39.88 -21.90 -8.23
CA PRO B 626 -39.77 -20.50 -8.69
C PRO B 626 -39.87 -19.46 -7.57
N LEU B 627 -38.80 -18.68 -7.39
CA LEU B 627 -38.74 -17.65 -6.34
C LEU B 627 -39.65 -16.48 -6.69
N PRO B 628 -40.21 -15.80 -5.66
CA PRO B 628 -41.01 -14.61 -5.93
C PRO B 628 -40.11 -13.41 -6.31
N ASP B 629 -40.35 -12.86 -7.50
CA ASP B 629 -39.65 -11.68 -8.07
C ASP B 629 -38.44 -11.97 -8.98
N TYR B 630 -37.95 -13.22 -9.02
CA TYR B 630 -36.88 -13.62 -9.95
C TYR B 630 -37.45 -14.05 -11.31
N THR B 631 -37.35 -13.17 -12.30
CA THR B 631 -37.60 -13.53 -13.70
C THR B 631 -36.26 -13.99 -14.28
N PRO B 632 -36.14 -15.29 -14.64
CA PRO B 632 -34.88 -15.74 -15.25
C PRO B 632 -34.67 -15.21 -16.69
N PRO B 633 -33.44 -15.30 -17.20
CA PRO B 633 -33.13 -14.85 -18.55
C PRO B 633 -33.46 -15.89 -19.61
N GLU B 634 -33.24 -15.54 -20.88
CA GLU B 634 -33.42 -16.44 -22.00
C GLU B 634 -32.07 -16.76 -22.62
N ILE B 635 -31.76 -18.05 -22.75
CA ILE B 635 -30.54 -18.47 -23.42
C ILE B 635 -30.73 -18.32 -24.93
N PHE B 636 -29.91 -17.47 -25.54
CA PHE B 636 -29.91 -17.28 -27.00
C PHE B 636 -28.60 -17.73 -27.62
N SER B 637 -28.52 -17.68 -28.95
CA SER B 637 -27.27 -17.94 -29.68
C SER B 637 -27.25 -17.26 -31.05
N PHE B 638 -26.07 -17.22 -31.66
CA PHE B 638 -25.88 -16.61 -32.98
C PHE B 638 -24.64 -17.17 -33.68
N GLU B 639 -24.75 -17.34 -35.00
CA GLU B 639 -23.62 -17.79 -35.82
C GLU B 639 -22.69 -16.60 -35.99
N SER B 640 -21.50 -16.71 -35.40
CA SER B 640 -20.50 -15.65 -35.48
C SER B 640 -19.74 -15.74 -36.78
N THR B 641 -19.20 -14.61 -37.23
CA THR B 641 -18.31 -14.55 -38.39
C THR B 641 -17.05 -15.42 -38.22
N THR B 642 -16.69 -15.68 -36.97
CA THR B 642 -15.56 -16.56 -36.63
C THR B 642 -15.79 -18.06 -36.93
N GLY B 643 -17.01 -18.43 -37.33
CA GLY B 643 -17.34 -19.81 -37.65
C GLY B 643 -17.67 -20.63 -36.42
N PHE B 644 -18.20 -19.97 -35.39
CA PHE B 644 -18.59 -20.59 -34.13
C PHE B 644 -19.98 -20.13 -33.72
N THR B 645 -20.79 -21.06 -33.22
CA THR B 645 -22.01 -20.70 -32.50
C THR B 645 -21.58 -20.14 -31.14
N LEU B 646 -22.02 -18.92 -30.82
CA LEU B 646 -21.75 -18.30 -29.53
C LEU B 646 -23.03 -18.16 -28.77
N TYR B 647 -23.09 -18.71 -27.56
CA TYR B 647 -24.28 -18.65 -26.72
C TYR B 647 -24.26 -17.42 -25.83
N GLY B 648 -25.45 -17.02 -25.38
CA GLY B 648 -25.62 -15.84 -24.53
C GLY B 648 -26.85 -15.93 -23.63
N MET B 649 -26.94 -15.06 -22.63
CA MET B 649 -28.12 -14.95 -21.77
C MET B 649 -28.65 -13.54 -21.87
N LEU B 650 -29.98 -13.41 -21.96
CA LEU B 650 -30.66 -12.12 -22.09
C LEU B 650 -31.71 -11.96 -21.00
N TYR B 651 -31.58 -10.88 -20.23
CA TYR B 651 -32.60 -10.46 -19.28
C TYR B 651 -33.37 -9.29 -19.90
N LYS B 652 -34.66 -9.49 -20.16
CA LYS B 652 -35.53 -8.40 -20.61
C LYS B 652 -35.92 -7.51 -19.42
N PRO B 653 -36.07 -6.18 -19.65
CA PRO B 653 -36.59 -5.30 -18.61
C PRO B 653 -38.00 -5.70 -18.16
N HIS B 654 -38.27 -5.65 -16.85
CA HIS B 654 -39.58 -6.04 -16.32
C HIS B 654 -40.60 -4.94 -16.61
N ASP B 655 -41.83 -5.34 -16.93
CA ASP B 655 -42.86 -4.44 -17.47
C ASP B 655 -42.30 -3.68 -18.68
N LEU B 656 -42.13 -4.43 -19.77
CA LEU B 656 -41.50 -3.92 -20.97
C LEU B 656 -42.46 -3.01 -21.75
N GLN B 657 -42.20 -1.69 -21.70
CA GLN B 657 -43.03 -0.70 -22.39
C GLN B 657 -42.87 -0.82 -23.91
N PRO B 658 -43.99 -0.85 -24.67
CA PRO B 658 -43.88 -0.88 -26.12
C PRO B 658 -43.50 0.49 -26.68
N GLY B 659 -42.72 0.50 -27.76
CA GLY B 659 -42.28 1.75 -28.38
C GLY B 659 -41.27 2.56 -27.58
N LYS B 660 -40.44 1.87 -26.79
CA LYS B 660 -39.38 2.51 -26.00
C LYS B 660 -38.12 1.65 -25.95
N LYS B 661 -36.97 2.31 -25.78
CA LYS B 661 -35.65 1.65 -25.79
C LYS B 661 -34.93 1.86 -24.45
N TYR B 662 -34.48 0.75 -23.84
CA TYR B 662 -33.94 0.72 -22.48
C TYR B 662 -32.40 0.67 -22.45
N PRO B 663 -31.78 1.18 -21.37
CA PRO B 663 -30.31 1.13 -21.23
C PRO B 663 -29.82 -0.27 -20.92
N THR B 664 -28.61 -0.59 -21.38
CA THR B 664 -28.09 -1.96 -21.34
C THR B 664 -26.84 -2.06 -20.46
N VAL B 665 -26.74 -3.15 -19.69
CA VAL B 665 -25.56 -3.49 -18.91
C VAL B 665 -25.04 -4.83 -19.42
N LEU B 666 -23.80 -4.85 -19.89
CA LEU B 666 -23.13 -6.09 -20.27
C LEU B 666 -22.31 -6.59 -19.08
N PHE B 667 -22.73 -7.71 -18.50
CA PHE B 667 -21.94 -8.38 -17.47
C PHE B 667 -21.04 -9.40 -18.16
N ILE B 668 -19.77 -9.43 -17.77
CA ILE B 668 -18.75 -10.20 -18.48
C ILE B 668 -17.72 -10.84 -17.54
N TYR B 669 -17.26 -12.03 -17.95
CA TYR B 669 -16.02 -12.60 -17.43
C TYR B 669 -15.06 -12.78 -18.61
N GLY B 670 -15.33 -13.72 -19.50
CA GLY B 670 -14.66 -13.81 -20.79
C GLY B 670 -13.26 -14.37 -20.82
N GLY B 671 -12.73 -14.76 -19.65
CA GLY B 671 -11.42 -15.38 -19.55
C GLY B 671 -11.57 -16.88 -19.66
N PRO B 672 -10.44 -17.61 -19.64
CA PRO B 672 -10.43 -19.07 -19.74
C PRO B 672 -10.93 -19.79 -18.49
N GLN B 673 -11.28 -21.06 -18.67
CA GLN B 673 -11.69 -21.99 -17.59
C GLN B 673 -13.04 -21.68 -16.96
N VAL B 674 -13.87 -20.87 -17.64
CA VAL B 674 -15.15 -20.39 -17.11
C VAL B 674 -16.19 -20.29 -18.22
N GLN B 675 -17.41 -20.77 -17.92
CA GLN B 675 -18.58 -20.64 -18.78
C GLN B 675 -19.69 -19.96 -17.97
N LEU B 676 -20.08 -18.76 -18.37
CA LEU B 676 -21.20 -18.07 -17.72
C LEU B 676 -22.59 -18.46 -18.25
N VAL B 677 -22.65 -19.02 -19.46
CA VAL B 677 -23.91 -19.28 -20.15
C VAL B 677 -24.18 -20.77 -20.33
N ASN B 678 -25.21 -21.25 -19.62
CA ASN B 678 -25.61 -22.64 -19.63
C ASN B 678 -26.99 -22.78 -18.96
N ASN B 679 -27.53 -24.00 -18.95
CA ASN B 679 -28.85 -24.26 -18.41
C ASN B 679 -28.76 -24.67 -16.94
N ARG B 680 -28.46 -23.66 -16.12
CA ARG B 680 -28.36 -23.80 -14.66
C ARG B 680 -29.10 -22.63 -14.03
N PHE B 681 -29.51 -22.77 -12.78
CA PHE B 681 -30.23 -21.72 -12.10
C PHE B 681 -29.28 -20.56 -11.73
N LYS B 682 -29.55 -19.37 -12.29
CA LYS B 682 -28.73 -18.19 -12.08
C LYS B 682 -29.34 -17.21 -11.07
N GLY B 683 -30.36 -17.66 -10.34
CA GLY B 683 -31.06 -16.81 -9.39
C GLY B 683 -30.47 -16.72 -8.00
N VAL B 684 -29.40 -17.46 -7.72
CA VAL B 684 -28.71 -17.38 -6.43
C VAL B 684 -27.46 -16.51 -6.57
N LYS B 685 -26.56 -16.84 -7.49
CA LYS B 685 -25.31 -16.08 -7.67
C LYS B 685 -25.54 -14.76 -8.41
N TYR B 686 -26.28 -14.84 -9.52
CA TYR B 686 -26.50 -13.68 -10.40
C TYR B 686 -27.93 -13.14 -10.22
N PHE B 687 -28.35 -13.04 -8.95
CA PHE B 687 -29.64 -12.49 -8.58
C PHE B 687 -29.74 -11.01 -8.91
N ARG B 688 -28.64 -10.29 -8.80
CA ARG B 688 -28.63 -8.85 -9.07
C ARG B 688 -28.64 -8.49 -10.55
N LEU B 689 -28.40 -9.47 -11.43
CA LEU B 689 -28.68 -9.27 -12.86
C LEU B 689 -30.20 -9.12 -13.06
N ASN B 690 -30.97 -9.93 -12.34
CA ASN B 690 -32.42 -9.80 -12.27
C ASN B 690 -32.85 -8.47 -11.63
N THR B 691 -32.22 -8.09 -10.51
CA THR B 691 -32.49 -6.81 -9.86
C THR B 691 -32.25 -5.62 -10.79
N LEU B 692 -31.21 -5.69 -11.61
CA LEU B 692 -30.98 -4.68 -12.64
C LEU B 692 -32.12 -4.65 -13.66
N ALA B 693 -32.59 -5.82 -14.07
CA ALA B 693 -33.74 -5.92 -14.98
C ALA B 693 -35.04 -5.33 -14.38
N SER B 694 -35.23 -5.47 -13.07
CA SER B 694 -36.40 -4.91 -12.39
C SER B 694 -36.39 -3.38 -12.36
N LEU B 695 -35.21 -2.78 -12.37
CA LEU B 695 -35.06 -1.32 -12.46
C LEU B 695 -35.16 -0.76 -13.89
N GLY B 696 -35.14 -1.66 -14.88
CA GLY B 696 -35.27 -1.28 -16.29
C GLY B 696 -33.94 -1.15 -17.01
N TYR B 697 -33.09 -2.17 -16.87
CA TYR B 697 -31.86 -2.30 -17.65
C TYR B 697 -31.92 -3.61 -18.43
N VAL B 698 -31.50 -3.59 -19.69
CA VAL B 698 -31.33 -4.84 -20.43
C VAL B 698 -29.98 -5.40 -19.97
N VAL B 699 -29.96 -6.67 -19.54
CA VAL B 699 -28.71 -7.30 -19.12
C VAL B 699 -28.34 -8.38 -20.14
N VAL B 700 -27.07 -8.38 -20.56
CA VAL B 700 -26.55 -9.36 -21.52
C VAL B 700 -25.32 -10.04 -20.93
N VAL B 701 -25.16 -11.32 -21.24
CA VAL B 701 -23.99 -12.11 -20.86
C VAL B 701 -23.64 -13.01 -22.04
N ILE B 702 -22.38 -12.99 -22.48
CA ILE B 702 -21.97 -13.75 -23.66
C ILE B 702 -20.66 -14.50 -23.38
N ASP B 703 -20.65 -15.80 -23.68
CA ASP B 703 -19.42 -16.60 -23.66
C ASP B 703 -18.66 -16.45 -24.98
N ASN B 704 -17.78 -15.45 -25.02
CA ASN B 704 -16.86 -15.25 -26.15
C ASN B 704 -15.87 -16.40 -26.34
N ARG B 705 -15.10 -16.35 -27.43
CA ARG B 705 -14.04 -17.34 -27.69
C ARG B 705 -13.01 -17.33 -26.54
N GLY B 706 -12.57 -18.52 -26.16
CA GLY B 706 -11.65 -18.69 -25.02
C GLY B 706 -12.25 -19.35 -23.78
N SER B 707 -13.56 -19.21 -23.59
CA SER B 707 -14.30 -19.87 -22.52
C SER B 707 -14.37 -21.39 -22.70
N CYS B 708 -14.72 -22.10 -21.63
CA CYS B 708 -14.59 -23.56 -21.57
C CYS B 708 -15.85 -24.32 -22.04
N HIS B 709 -15.72 -25.64 -22.11
CA HIS B 709 -16.78 -26.60 -22.51
C HIS B 709 -17.08 -26.64 -24.01
N ARG B 710 -16.21 -25.99 -24.81
CA ARG B 710 -16.34 -25.95 -26.26
C ARG B 710 -15.12 -26.57 -26.96
N GLY B 711 -14.25 -27.24 -26.20
CA GLY B 711 -13.04 -27.86 -26.75
C GLY B 711 -11.81 -26.96 -26.79
N LEU B 712 -10.67 -27.57 -27.08
CA LEU B 712 -9.38 -26.90 -26.98
C LEU B 712 -9.15 -25.84 -28.07
N LYS B 713 -9.64 -26.11 -29.29
CA LYS B 713 -9.53 -25.15 -30.40
C LYS B 713 -10.29 -23.85 -30.13
N PHE B 714 -11.53 -23.97 -29.67
CA PHE B 714 -12.34 -22.80 -29.24
C PHE B 714 -11.65 -22.03 -28.11
N GLU B 715 -11.07 -22.77 -27.16
CA GLU B 715 -10.38 -22.18 -26.00
C GLU B 715 -9.08 -21.50 -26.43
N GLY B 716 -8.38 -22.11 -27.38
CA GLY B 716 -7.11 -21.59 -27.88
C GLY B 716 -7.13 -20.34 -28.75
N ALA B 717 -8.33 -19.86 -29.11
CA ALA B 717 -8.47 -18.66 -29.96
C ALA B 717 -7.61 -17.49 -29.53
N PHE B 718 -7.45 -17.28 -28.22
CA PHE B 718 -6.64 -16.15 -27.70
C PHE B 718 -5.22 -16.47 -27.23
N LYS B 719 -4.67 -17.63 -27.61
CA LYS B 719 -3.29 -17.96 -27.24
C LYS B 719 -2.34 -16.86 -27.75
N TYR B 720 -1.44 -16.42 -26.87
CA TYR B 720 -0.56 -15.27 -27.12
C TYR B 720 -1.26 -13.92 -27.40
N LYS B 721 -2.59 -13.87 -27.35
CA LYS B 721 -3.37 -12.76 -27.90
C LYS B 721 -4.46 -12.24 -26.95
N MET B 722 -4.29 -12.43 -25.64
CA MET B 722 -5.32 -12.01 -24.68
C MET B 722 -5.61 -10.52 -24.80
N GLY B 723 -6.88 -10.17 -24.65
CA GLY B 723 -7.38 -8.81 -24.86
C GLY B 723 -7.71 -8.39 -26.28
N GLN B 724 -7.28 -9.16 -27.28
CA GLN B 724 -7.38 -8.74 -28.68
C GLN B 724 -8.65 -9.21 -29.41
N ILE B 725 -9.19 -10.38 -29.00
CA ILE B 725 -10.38 -10.95 -29.67
C ILE B 725 -11.68 -10.91 -28.86
N GLU B 726 -11.61 -10.64 -27.56
CA GLU B 726 -12.76 -10.91 -26.67
C GLU B 726 -13.91 -9.92 -26.87
N ILE B 727 -13.58 -8.66 -27.08
CA ILE B 727 -14.60 -7.61 -27.26
C ILE B 727 -15.28 -7.70 -28.64
N ASP B 728 -14.55 -8.15 -29.66
CA ASP B 728 -15.15 -8.41 -30.99
C ASP B 728 -16.34 -9.36 -30.93
N ASP B 729 -16.24 -10.39 -30.10
CA ASP B 729 -17.33 -11.35 -29.91
C ASP B 729 -18.48 -10.72 -29.11
N GLN B 730 -18.14 -9.98 -28.07
CA GLN B 730 -19.14 -9.35 -27.21
C GLN B 730 -19.95 -8.30 -27.98
N VAL B 731 -19.29 -7.55 -28.86
CA VAL B 731 -19.96 -6.54 -29.68
C VAL B 731 -20.85 -7.18 -30.75
N GLU B 732 -20.36 -8.23 -31.40
CA GLU B 732 -21.12 -8.98 -32.41
C GLU B 732 -22.45 -9.50 -31.87
N GLY B 733 -22.38 -10.17 -30.72
CA GLY B 733 -23.58 -10.65 -30.03
C GLY B 733 -24.46 -9.54 -29.50
N LEU B 734 -23.85 -8.43 -29.10
CA LEU B 734 -24.59 -7.25 -28.66
C LEU B 734 -25.36 -6.61 -29.82
N GLN B 735 -24.77 -6.66 -31.02
CA GLN B 735 -25.42 -6.14 -32.24
C GLN B 735 -26.45 -7.10 -32.85
N TYR B 736 -26.22 -8.41 -32.71
CA TYR B 736 -27.24 -9.42 -33.02
C TYR B 736 -28.55 -9.15 -32.27
N LEU B 737 -28.43 -8.93 -30.96
CA LEU B 737 -29.58 -8.65 -30.11
C LEU B 737 -30.26 -7.32 -30.41
N ALA B 738 -29.48 -6.30 -30.78
CA ALA B 738 -30.01 -4.96 -31.09
C ALA B 738 -30.86 -4.97 -32.38
N SER B 739 -30.33 -5.59 -33.44
CA SER B 739 -31.06 -5.70 -34.72
C SER B 739 -32.36 -6.51 -34.57
N ARG B 740 -32.35 -7.50 -33.69
CA ARG B 740 -33.52 -8.32 -33.44
C ARG B 740 -34.51 -7.63 -32.49
N TYR B 741 -34.02 -7.24 -31.32
CA TYR B 741 -34.84 -6.55 -30.30
C TYR B 741 -34.56 -5.05 -30.32
N ASP B 742 -35.55 -4.26 -30.72
CA ASP B 742 -35.40 -2.80 -30.80
C ASP B 742 -35.45 -2.08 -29.43
N PHE B 743 -35.80 -2.79 -28.35
CA PHE B 743 -35.76 -2.20 -27.00
C PHE B 743 -34.37 -1.99 -26.40
N ILE B 744 -33.33 -2.57 -27.02
CA ILE B 744 -31.94 -2.36 -26.61
C ILE B 744 -31.43 -1.02 -27.15
N ASP B 745 -31.16 -0.07 -26.25
CA ASP B 745 -30.60 1.24 -26.63
C ASP B 745 -29.06 1.18 -26.68
N LEU B 746 -28.50 1.11 -27.89
CA LEU B 746 -27.03 1.08 -28.07
C LEU B 746 -26.31 2.39 -27.73
N ASP B 747 -27.03 3.51 -27.63
CA ASP B 747 -26.44 4.78 -27.17
C ASP B 747 -26.13 4.80 -25.67
N ARG B 748 -26.69 3.87 -24.90
CA ARG B 748 -26.45 3.78 -23.45
C ARG B 748 -26.14 2.33 -23.01
N VAL B 749 -24.95 1.85 -23.38
CA VAL B 749 -24.47 0.53 -22.98
C VAL B 749 -23.34 0.64 -21.95
N GLY B 750 -23.51 -0.04 -20.81
CA GLY B 750 -22.47 -0.15 -19.78
C GLY B 750 -21.87 -1.55 -19.77
N ILE B 751 -20.64 -1.66 -19.27
CA ILE B 751 -19.97 -2.96 -19.14
C ILE B 751 -19.37 -3.11 -17.74
N HIS B 752 -19.45 -4.32 -17.18
CA HIS B 752 -18.97 -4.61 -15.82
C HIS B 752 -18.54 -6.06 -15.63
N GLY B 753 -17.34 -6.24 -15.05
CA GLY B 753 -16.82 -7.57 -14.73
C GLY B 753 -15.80 -7.49 -13.61
N TRP B 754 -15.37 -8.66 -13.13
CA TRP B 754 -14.37 -8.77 -12.06
C TRP B 754 -13.24 -9.67 -12.53
N SER B 755 -12.01 -9.31 -12.16
CA SER B 755 -10.80 -10.05 -12.53
C SER B 755 -10.55 -9.99 -14.06
N TYR B 756 -10.75 -11.08 -14.80
CA TYR B 756 -10.64 -11.04 -16.26
C TYR B 756 -11.78 -10.18 -16.84
N GLY B 757 -12.94 -10.22 -16.19
CA GLY B 757 -14.07 -9.36 -16.53
C GLY B 757 -13.76 -7.88 -16.37
N GLY B 758 -13.02 -7.54 -15.32
CA GLY B 758 -12.61 -6.15 -15.08
C GLY B 758 -11.58 -5.70 -16.11
N TYR B 759 -10.70 -6.63 -16.47
CA TYR B 759 -9.72 -6.45 -17.56
C TYR B 759 -10.43 -6.15 -18.87
N LEU B 760 -11.33 -7.05 -19.27
CA LEU B 760 -12.11 -6.88 -20.51
C LEU B 760 -13.00 -5.62 -20.49
N SER B 761 -13.53 -5.27 -19.33
CA SER B 761 -14.28 -4.02 -19.18
C SER B 761 -13.42 -2.79 -19.48
N LEU B 762 -12.15 -2.83 -19.08
CA LEU B 762 -11.21 -1.75 -19.40
C LEU B 762 -10.85 -1.76 -20.88
N MET B 763 -10.60 -2.94 -21.44
CA MET B 763 -10.37 -3.09 -22.88
C MET B 763 -11.53 -2.60 -23.73
N ALA B 764 -12.77 -2.85 -23.26
CA ALA B 764 -13.98 -2.40 -23.95
C ALA B 764 -14.00 -0.88 -24.12
N LEU B 765 -13.86 -0.16 -23.02
CA LEU B 765 -13.87 1.32 -23.05
C LEU B 765 -12.70 1.87 -23.86
N MET B 766 -11.57 1.19 -23.79
CA MET B 766 -10.35 1.61 -24.46
C MET B 766 -10.47 1.38 -25.97
N GLN B 767 -10.81 0.15 -26.35
CA GLN B 767 -10.94 -0.24 -27.77
C GLN B 767 -12.20 0.33 -28.45
N ARG B 768 -13.35 0.24 -27.77
CA ARG B 768 -14.66 0.50 -28.37
C ARG B 768 -15.49 1.51 -27.59
N SER B 769 -14.95 2.73 -27.44
CA SER B 769 -15.68 3.83 -26.79
C SER B 769 -16.95 4.26 -27.56
N ASP B 770 -17.04 3.90 -28.83
CA ASP B 770 -18.27 4.07 -29.61
C ASP B 770 -19.48 3.25 -29.10
N ILE B 771 -19.22 2.03 -28.61
CA ILE B 771 -20.26 1.14 -28.11
C ILE B 771 -20.56 1.35 -26.62
N PHE B 772 -19.50 1.43 -25.79
CA PHE B 772 -19.64 1.39 -24.33
C PHE B 772 -19.50 2.77 -23.70
N ARG B 773 -20.58 3.25 -23.09
CA ARG B 773 -20.58 4.54 -22.40
C ARG B 773 -19.79 4.46 -21.09
N VAL B 774 -20.07 3.44 -20.27
CA VAL B 774 -19.41 3.27 -18.97
C VAL B 774 -18.78 1.88 -18.85
N ALA B 775 -17.61 1.85 -18.19
CA ALA B 775 -16.93 0.60 -17.85
C ALA B 775 -16.62 0.62 -16.37
N ILE B 776 -17.04 -0.44 -15.68
CA ILE B 776 -16.82 -0.58 -14.24
C ILE B 776 -15.95 -1.83 -14.03
N ALA B 777 -14.66 -1.60 -13.76
CA ALA B 777 -13.65 -2.68 -13.74
C ALA B 777 -13.40 -3.20 -12.33
N GLY B 778 -13.70 -4.47 -12.12
CA GLY B 778 -13.73 -5.07 -10.80
C GLY B 778 -12.43 -5.23 -10.05
N ALA B 779 -11.49 -5.96 -10.62
CA ALA B 779 -10.17 -6.13 -10.00
C ALA B 779 -9.27 -6.45 -11.16
N PRO B 780 -8.98 -5.41 -11.96
CA PRO B 780 -8.45 -5.62 -13.29
C PRO B 780 -7.01 -6.09 -13.30
N VAL B 781 -6.72 -7.03 -14.20
CA VAL B 781 -5.35 -7.29 -14.62
C VAL B 781 -5.06 -6.21 -15.66
N THR B 782 -4.35 -5.16 -15.24
CA THR B 782 -3.90 -4.10 -16.15
C THR B 782 -2.53 -4.34 -16.82
N LEU B 783 -1.81 -5.38 -16.41
CA LEU B 783 -0.39 -5.53 -16.75
C LEU B 783 0.10 -6.98 -16.53
N TRP B 784 0.15 -7.76 -17.60
CA TRP B 784 0.40 -9.21 -17.47
C TRP B 784 1.76 -9.59 -16.91
N ILE B 785 2.74 -8.69 -16.97
CA ILE B 785 4.04 -8.95 -16.32
C ILE B 785 3.96 -9.08 -14.79
N PHE B 786 2.92 -8.49 -14.17
CA PHE B 786 2.69 -8.61 -12.71
C PHE B 786 1.98 -9.89 -12.26
N TYR B 787 1.47 -10.70 -13.19
CA TYR B 787 0.68 -11.89 -12.86
C TYR B 787 1.55 -13.16 -12.82
N ASP B 788 1.06 -14.19 -12.12
CA ASP B 788 1.87 -15.37 -11.78
C ASP B 788 2.30 -16.24 -12.96
N THR B 789 3.29 -17.08 -12.71
CA THR B 789 3.85 -18.00 -13.72
C THR B 789 2.81 -18.97 -14.29
N GLY B 790 2.15 -19.72 -13.41
CA GLY B 790 1.26 -20.82 -13.82
C GLY B 790 0.16 -20.43 -14.79
N TYR B 791 -0.48 -19.28 -14.55
CA TYR B 791 -1.56 -18.80 -15.39
C TYR B 791 -1.03 -18.12 -16.64
N THR B 792 -0.35 -16.99 -16.49
CA THR B 792 -0.07 -16.14 -17.66
C THR B 792 0.88 -16.79 -18.67
N GLU B 793 1.80 -17.64 -18.24
CA GLU B 793 2.64 -18.39 -19.19
C GLU B 793 1.85 -19.43 -19.98
N ARG B 794 0.88 -20.08 -19.34
CA ARG B 794 0.02 -21.07 -20.00
C ARG B 794 -0.69 -20.47 -21.23
N TYR B 795 -1.17 -19.24 -21.10
CA TYR B 795 -1.96 -18.60 -22.14
C TYR B 795 -1.17 -17.64 -23.03
N MET B 796 -0.16 -16.98 -22.48
CA MET B 796 0.62 -15.95 -23.20
C MET B 796 2.11 -16.27 -23.41
N GLY B 797 2.56 -17.43 -22.93
CA GLY B 797 3.98 -17.79 -23.00
C GLY B 797 4.91 -16.93 -22.17
N HIS B 798 6.21 -17.14 -22.35
CA HIS B 798 7.25 -16.36 -21.68
C HIS B 798 7.31 -14.95 -22.31
N PRO B 799 7.44 -13.88 -21.49
CA PRO B 799 7.45 -12.49 -22.02
C PRO B 799 8.42 -12.19 -23.18
N ASP B 800 9.62 -12.77 -23.13
CA ASP B 800 10.62 -12.66 -24.22
C ASP B 800 10.22 -13.34 -25.54
N GLN B 801 9.32 -14.33 -25.46
CA GLN B 801 8.77 -15.01 -26.65
C GLN B 801 7.44 -14.41 -27.14
N ASN B 802 6.99 -13.31 -26.53
CA ASN B 802 5.74 -12.67 -26.91
C ASN B 802 5.71 -11.22 -26.42
N GLU B 803 6.68 -10.44 -26.88
CA GLU B 803 6.78 -9.04 -26.49
C GLU B 803 5.56 -8.23 -26.95
N GLN B 804 5.11 -8.51 -28.18
CA GLN B 804 3.92 -7.88 -28.77
C GLN B 804 2.64 -8.14 -27.97
N GLY B 805 2.35 -9.42 -27.72
CA GLY B 805 1.10 -9.82 -27.05
C GLY B 805 0.94 -9.29 -25.63
N TYR B 806 2.04 -9.28 -24.89
CA TYR B 806 2.07 -8.68 -23.56
C TYR B 806 1.80 -7.17 -23.60
N TYR B 807 2.45 -6.45 -24.51
CA TYR B 807 2.20 -5.01 -24.65
C TYR B 807 0.73 -4.76 -24.99
N LEU B 808 0.24 -5.39 -26.06
CA LEU B 808 -1.13 -5.19 -26.52
C LEU B 808 -2.18 -5.71 -25.54
N GLY B 809 -1.86 -6.80 -24.83
CA GLY B 809 -2.75 -7.34 -23.81
C GLY B 809 -2.76 -6.62 -22.48
N SER B 810 -1.94 -5.57 -22.33
CA SER B 810 -1.78 -4.88 -21.06
C SER B 810 -2.36 -3.47 -21.14
N VAL B 811 -3.43 -3.23 -20.39
CA VAL B 811 -4.21 -2.00 -20.55
C VAL B 811 -3.48 -0.79 -19.97
N ALA B 812 -2.55 -1.02 -19.05
CA ALA B 812 -1.78 0.07 -18.43
C ALA B 812 -0.81 0.73 -19.41
N MET B 813 -0.29 -0.07 -20.35
CA MET B 813 0.60 0.46 -21.40
C MET B 813 -0.13 1.33 -22.44
N GLN B 814 -1.47 1.30 -22.44
CA GLN B 814 -2.28 1.96 -23.45
C GLN B 814 -3.25 2.97 -22.81
N ALA B 815 -2.73 3.75 -21.87
CA ALA B 815 -3.55 4.68 -21.08
C ALA B 815 -4.10 5.85 -21.90
N GLU B 816 -3.28 6.33 -22.84
CA GLU B 816 -3.67 7.42 -23.74
C GLU B 816 -4.94 7.14 -24.56
N LYS B 817 -5.20 5.86 -24.82
CA LYS B 817 -6.41 5.43 -25.55
C LYS B 817 -7.72 5.48 -24.75
N PHE B 818 -7.66 5.79 -23.45
CA PHE B 818 -8.87 5.93 -22.63
C PHE B 818 -9.56 7.27 -22.93
N PRO B 819 -10.90 7.35 -22.70
CA PRO B 819 -11.66 8.59 -22.87
C PRO B 819 -11.09 9.79 -22.12
N SER B 820 -11.16 10.97 -22.75
CA SER B 820 -10.84 12.25 -22.08
C SER B 820 -12.10 12.94 -21.56
N GLU B 821 -13.11 12.17 -21.17
CA GLU B 821 -14.34 12.71 -20.60
C GLU B 821 -14.75 11.87 -19.38
N PRO B 822 -15.20 12.53 -18.29
CA PRO B 822 -15.42 11.83 -17.03
C PRO B 822 -16.73 11.03 -16.99
N ASN B 823 -16.99 10.39 -15.85
CA ASN B 823 -18.20 9.59 -15.60
C ASN B 823 -18.32 8.33 -16.49
N ARG B 824 -17.19 7.85 -17.04
CA ARG B 824 -17.17 6.67 -17.90
C ARG B 824 -16.29 5.51 -17.40
N LEU B 825 -15.34 5.79 -16.51
CA LEU B 825 -14.42 4.79 -16.00
C LEU B 825 -14.54 4.68 -14.47
N LEU B 826 -14.78 3.46 -13.98
CA LEU B 826 -14.85 3.19 -12.54
C LEU B 826 -13.99 1.99 -12.18
N LEU B 827 -12.98 2.22 -11.35
CA LEU B 827 -12.12 1.15 -10.86
C LEU B 827 -12.55 0.73 -9.46
N LEU B 828 -12.72 -0.58 -9.28
CA LEU B 828 -13.00 -1.20 -7.99
C LEU B 828 -11.80 -2.07 -7.67
N HIS B 829 -11.46 -2.20 -6.38
CA HIS B 829 -10.40 -3.14 -5.98
C HIS B 829 -10.39 -3.43 -4.48
N GLY B 830 -10.20 -4.70 -4.13
CA GLY B 830 -9.87 -5.07 -2.75
C GLY B 830 -8.42 -4.70 -2.46
N PHE B 831 -8.22 -3.83 -1.48
CA PHE B 831 -6.89 -3.25 -1.19
C PHE B 831 -5.83 -4.29 -0.82
N LEU B 832 -6.27 -5.39 -0.20
CA LEU B 832 -5.38 -6.44 0.32
C LEU B 832 -5.31 -7.68 -0.60
N ASP B 833 -5.55 -7.49 -1.89
CA ASP B 833 -5.66 -8.58 -2.87
C ASP B 833 -4.28 -9.23 -3.09
N GLU B 834 -4.26 -10.56 -2.99
CA GLU B 834 -3.04 -11.37 -3.15
C GLU B 834 -2.85 -11.91 -4.58
N ASN B 835 -3.93 -12.13 -5.33
CA ASN B 835 -3.85 -12.56 -6.73
C ASN B 835 -3.61 -11.39 -7.67
N VAL B 836 -4.57 -10.47 -7.70
CA VAL B 836 -4.50 -9.30 -8.54
C VAL B 836 -4.13 -8.14 -7.63
N HIS B 837 -2.84 -7.98 -7.42
CA HIS B 837 -2.28 -7.01 -6.48
C HIS B 837 -2.78 -5.60 -6.83
N PHE B 838 -3.07 -4.80 -5.80
CA PHE B 838 -3.61 -3.44 -5.99
C PHE B 838 -2.81 -2.59 -6.98
N ALA B 839 -1.49 -2.81 -7.00
CA ALA B 839 -0.54 -2.28 -8.00
C ALA B 839 -1.08 -2.19 -9.43
N HIS B 840 -1.77 -3.23 -9.89
CA HIS B 840 -2.44 -3.20 -11.20
C HIS B 840 -3.28 -1.93 -11.34
N THR B 841 -4.12 -1.66 -10.34
CA THR B 841 -4.93 -0.44 -10.32
C THR B 841 -4.06 0.79 -10.10
N SER B 842 -3.19 0.78 -9.09
CA SER B 842 -2.38 1.97 -8.76
C SER B 842 -1.46 2.39 -9.91
N ILE B 843 -0.90 1.44 -10.65
CA ILE B 843 -0.03 1.76 -11.76
C ILE B 843 -0.83 2.25 -12.97
N LEU B 844 -2.03 1.70 -13.20
CA LEU B 844 -2.93 2.22 -14.24
C LEU B 844 -3.27 3.67 -13.97
N LEU B 845 -3.65 3.95 -12.74
CA LEU B 845 -3.95 5.32 -12.31
C LEU B 845 -2.76 6.24 -12.57
N SER B 846 -1.56 5.76 -12.27
CA SER B 846 -0.34 6.54 -12.49
C SER B 846 -0.23 7.02 -13.92
N PHE B 847 -0.48 6.11 -14.86
CA PHE B 847 -0.48 6.43 -16.30
C PHE B 847 -1.66 7.31 -16.71
N LEU B 848 -2.87 6.99 -16.23
CA LEU B 848 -4.04 7.83 -16.48
C LEU B 848 -3.81 9.27 -16.01
N VAL B 849 -3.12 9.45 -14.89
CA VAL B 849 -2.79 10.77 -14.36
C VAL B 849 -1.77 11.48 -15.25
N ARG B 850 -0.75 10.75 -15.73
CA ARG B 850 0.21 11.29 -16.72
C ARG B 850 -0.50 11.79 -17.97
N ALA B 851 -1.39 10.95 -18.50
CA ALA B 851 -2.10 11.25 -19.74
C ALA B 851 -3.31 12.19 -19.61
N GLY B 852 -3.49 12.81 -18.43
CA GLY B 852 -4.59 13.76 -18.21
C GLY B 852 -5.99 13.18 -18.24
N LYS B 853 -6.13 11.89 -17.98
CA LYS B 853 -7.40 11.17 -18.11
C LYS B 853 -8.17 11.13 -16.78
N PRO B 854 -9.53 11.19 -16.84
CA PRO B 854 -10.34 11.12 -15.64
C PRO B 854 -10.68 9.68 -15.26
N TYR B 855 -10.87 9.45 -13.96
CA TYR B 855 -11.28 8.13 -13.43
C TYR B 855 -12.08 8.32 -12.14
N ASP B 856 -12.86 7.30 -11.80
CA ASP B 856 -13.49 7.21 -10.49
C ASP B 856 -12.95 5.93 -9.83
N LEU B 857 -12.81 5.98 -8.50
CA LEU B 857 -12.15 4.90 -7.75
C LEU B 857 -12.91 4.54 -6.48
N GLN B 858 -13.11 3.24 -6.28
CA GLN B 858 -13.57 2.70 -4.98
C GLN B 858 -12.58 1.63 -4.52
N ILE B 859 -12.17 1.72 -3.26
CA ILE B 859 -11.30 0.75 -2.63
C ILE B 859 -12.09 0.05 -1.52
N TYR B 860 -11.88 -1.26 -1.37
CA TYR B 860 -12.46 -2.03 -0.28
C TYR B 860 -11.33 -2.45 0.68
N PRO B 861 -11.00 -1.57 1.65
CA PRO B 861 -9.76 -1.70 2.44
C PRO B 861 -9.54 -2.99 3.21
N GLN B 862 -10.61 -3.69 3.59
CA GLN B 862 -10.51 -4.91 4.38
C GLN B 862 -10.86 -6.14 3.56
N GLU B 863 -10.36 -6.21 2.34
CA GLU B 863 -10.84 -7.18 1.37
C GLU B 863 -9.75 -7.63 0.42
N ARG B 864 -9.75 -8.93 0.10
CA ARG B 864 -8.76 -9.53 -0.78
C ARG B 864 -9.37 -9.58 -2.20
N HIS B 865 -9.32 -10.69 -2.91
CA HIS B 865 -9.88 -10.75 -4.27
C HIS B 865 -11.41 -10.83 -4.24
N SER B 866 -11.93 -11.79 -3.48
CA SER B 866 -13.37 -11.89 -3.20
C SER B 866 -13.77 -10.96 -2.06
N ILE B 867 -15.07 -10.72 -1.93
CA ILE B 867 -15.62 -9.85 -0.89
C ILE B 867 -16.29 -10.74 0.16
N ARG B 868 -15.59 -10.96 1.28
CA ARG B 868 -16.03 -11.87 2.35
C ARG B 868 -16.83 -11.17 3.48
N VAL B 869 -16.50 -9.91 3.76
CA VAL B 869 -17.19 -9.14 4.81
C VAL B 869 -18.52 -8.62 4.23
N PRO B 870 -19.66 -8.89 4.93
CA PRO B 870 -20.99 -8.48 4.42
C PRO B 870 -21.13 -7.00 4.04
N GLU B 871 -20.61 -6.11 4.88
CA GLU B 871 -20.80 -4.65 4.73
C GLU B 871 -20.14 -4.11 3.47
N SER B 872 -18.99 -4.67 3.13
CA SER B 872 -18.28 -4.35 1.88
C SER B 872 -19.10 -4.75 0.66
N GLY B 873 -19.69 -5.95 0.70
CA GLY B 873 -20.55 -6.45 -0.37
C GLY B 873 -21.78 -5.59 -0.59
N GLU B 874 -22.37 -5.10 0.51
CA GLU B 874 -23.50 -4.19 0.44
C GLU B 874 -23.12 -2.85 -0.20
N HIS B 875 -21.93 -2.36 0.17
CA HIS B 875 -21.40 -1.10 -0.36
C HIS B 875 -21.04 -1.19 -1.85
N TYR B 876 -20.55 -2.33 -2.27
CA TYR B 876 -20.31 -2.60 -3.69
C TYR B 876 -21.60 -2.50 -4.48
N GLU B 877 -22.61 -3.25 -4.03
CA GLU B 877 -23.92 -3.31 -4.70
C GLU B 877 -24.59 -1.95 -4.73
N LEU B 878 -24.56 -1.25 -3.59
CA LEU B 878 -25.14 0.08 -3.48
C LEU B 878 -24.47 1.07 -4.46
N HIS B 879 -23.15 1.18 -4.37
CA HIS B 879 -22.38 2.09 -5.23
C HIS B 879 -22.51 1.75 -6.71
N LEU B 880 -22.53 0.45 -7.03
CA LEU B 880 -22.66 0.00 -8.42
C LEU B 880 -24.00 0.42 -9.02
N LEU B 881 -25.06 0.22 -8.25
CA LEU B 881 -26.43 0.53 -8.67
C LEU B 881 -26.65 2.04 -8.83
N HIS B 882 -26.09 2.80 -7.88
CA HIS B 882 -26.11 4.26 -7.94
C HIS B 882 -25.22 4.85 -9.07
N TYR B 883 -24.12 4.19 -9.40
CA TYR B 883 -23.23 4.64 -10.47
C TYR B 883 -23.86 4.45 -11.84
N LEU B 884 -24.44 3.26 -12.07
CA LEU B 884 -25.15 2.95 -13.32
C LEU B 884 -26.34 3.91 -13.53
N GLN B 885 -27.10 4.11 -12.45
CA GLN B 885 -28.17 5.09 -12.42
C GLN B 885 -27.69 6.47 -12.87
N GLU B 886 -26.76 7.06 -12.11
CA GLU B 886 -26.35 8.45 -12.32
C GLU B 886 -25.50 8.70 -13.57
N ASN B 887 -24.98 7.66 -14.21
CA ASN B 887 -24.13 7.82 -15.40
C ASN B 887 -24.51 6.99 -16.63
N LEU B 888 -25.60 6.23 -16.57
CA LEU B 888 -26.07 5.45 -17.71
C LEU B 888 -27.58 5.49 -17.86
N GLY B 889 -28.30 4.95 -16.88
CA GLY B 889 -29.74 4.70 -17.00
C GLY B 889 -30.68 5.89 -16.85
N SER B 890 -30.40 6.77 -15.88
CA SER B 890 -31.37 7.78 -15.45
C SER B 890 -31.52 8.97 -16.40
N ARG B 891 -32.45 9.85 -16.06
CA ARG B 891 -32.71 11.11 -16.74
C ARG B 891 -31.51 12.05 -16.64
N ILE B 892 -30.93 12.14 -15.45
CA ILE B 892 -29.77 13.02 -15.18
C ILE B 892 -28.53 12.54 -15.95
N ALA B 893 -28.43 11.24 -16.21
CA ALA B 893 -27.30 10.66 -16.95
C ALA B 893 -27.18 11.23 -18.36
N ALA B 894 -28.28 11.19 -19.11
CA ALA B 894 -28.32 11.73 -20.48
C ALA B 894 -28.13 13.26 -20.53
N LEU B 895 -28.54 13.96 -19.47
CA LEU B 895 -28.31 15.42 -19.34
C LEU B 895 -26.82 15.83 -19.32
N LYS B 896 -25.96 14.98 -18.77
CA LYS B 896 -24.54 15.30 -18.60
C LYS B 896 -23.75 15.35 -19.92
N VAL B 897 -23.91 14.32 -20.76
CA VAL B 897 -23.17 14.15 -22.04
C VAL B 897 -21.68 14.58 -22.00
CAA TMO C . 3.01 -2.81 0.14
NAC TMO C . 2.49 -2.44 -1.18
CAD TMO C . 2.06 -1.04 -1.17
CAB TMO C . 3.53 -2.64 -2.21
OAE TMO C . 1.51 -3.19 -1.41
C1 QXQ D . 1.02 18.81 8.36
C2 QXQ D . 1.68 17.63 7.60
C3 QXQ D . 3.19 17.59 7.64
C4 QXQ D . 0.62 18.40 9.79
C5 QXQ D . -0.55 17.45 9.91
C6 QXQ D . 1.88 20.07 8.39
N7 QXQ D . 2.32 20.58 7.21
C8 QXQ D . 3.09 21.70 7.03
C9 QXQ D . 3.54 22.56 8.06
C10 QXQ D . 4.33 23.67 7.78
C11 QXQ D . 4.67 24.00 6.47
C12 QXQ D . 4.24 23.16 5.44
C13 QXQ D . 3.47 22.03 5.73
C14 QXQ D . 4.76 24.55 8.93
N15 QXQ D . 6.01 24.13 9.61
C16 QXQ D . 6.31 25.20 10.57
C17 QXQ D . 7.46 24.89 11.50
C18 QXQ D . 7.86 23.46 11.71
C19 QXQ D . 7.14 22.34 10.99
C20 QXQ D . 5.85 22.82 10.31
C21 QXQ D . -0.28 19.24 7.70
O22 QXQ D . 2.10 20.59 9.47
O23 QXQ D . -0.77 20.34 7.93
C7 QXQ D . 8.13 25.92 12.18
C15 QXQ D . 9.18 25.58 13.03
C22 QXQ D . 9.57 24.19 13.23
C23 QXQ D . 8.93 23.15 12.58
O24 QXQ D . 10.00 26.36 13.80
O25 QXQ D . 10.62 24.17 14.11
C26 QXQ D . 10.94 25.52 14.49
CAA TMO E . 0.94 20.72 -2.97
NAC TMO E . -0.52 20.85 -3.14
CAD TMO E . -0.80 21.99 -4.02
CAB TMO E . -1.08 19.62 -3.71
OAE TMO E . -1.04 21.03 -2.01
C1 GOL F . 6.22 36.06 0.88
O1 GOL F . 7.04 36.03 2.04
C2 GOL F . 5.22 34.90 0.83
O2 GOL F . 4.66 34.70 2.14
C3 GOL F . 4.09 35.18 -0.17
O3 GOL F . 2.94 34.36 0.09
C1 GOL G . 40.99 29.80 14.89
O1 GOL G . 41.84 29.84 16.03
C2 GOL G . 40.58 31.19 14.41
O2 GOL G . 41.72 31.89 13.88
C3 GOL G . 39.52 31.07 13.31
O3 GOL G . 39.24 32.35 12.74
P PO4 H . 25.76 32.50 5.17
O1 PO4 H . 25.22 33.09 3.88
O2 PO4 H . 27.08 31.81 4.90
O3 PO4 H . 25.98 33.59 6.19
O4 PO4 H . 24.78 31.50 5.72
P PO4 I . 33.78 27.07 36.05
O1 PO4 I . 34.87 26.05 35.78
O2 PO4 I . 32.74 27.00 34.96
O3 PO4 I . 34.41 28.44 36.06
O4 PO4 I . 33.14 26.78 37.38
P PO4 J . 10.62 47.73 27.87
O1 PO4 J . 11.62 47.84 26.75
O2 PO4 J . 11.35 47.33 29.14
O3 PO4 J . 9.92 49.06 28.08
O4 PO4 J . 9.60 46.68 27.53
P PO4 K . 17.88 9.63 9.55
O1 PO4 K . 17.93 8.64 8.40
O2 PO4 K . 17.57 11.02 9.02
O3 PO4 K . 19.23 9.65 10.24
O4 PO4 K . 16.81 9.22 10.53
C2 QXT L . 0.82 27.08 3.63
C3 QXT L . 0.75 25.68 2.99
C4 QXT L . 1.64 24.60 3.60
C5 QXT L . 2.02 23.48 2.65
C6 QXT L . -0.65 25.16 2.81
C9 QXT L . -1.43 25.42 -0.82
C10 QXT L . -2.32 25.03 -1.83
C11 QXT L . -3.27 24.02 -1.56
C12 QXT L . -3.32 23.42 -0.31
C13 QXT L . -2.43 23.82 0.70
C14 QXT L . -2.26 25.68 -3.21
C21 QXT L . -6.48 24.79 -7.67
C22 QXT L . -7.61 25.18 -6.83
O25 QXT L . -8.75 25.03 -7.58
C1 QXT L . 2.03 27.86 3.19
N7 QXT L . -0.58 25.19 1.48
C8 QXT L . 0.66 25.68 1.49
C7 QXT L . -1.48 24.82 0.45
N15 QXT L . -3.58 25.54 -3.85
C16 QXT L . -4.48 26.65 -3.50
C17 QXT L . -5.90 26.09 -3.61
C18 QXT L . -6.13 25.64 -5.02
C19 QXT L . -4.95 25.25 -5.87
C20 QXT L . -3.54 25.29 -5.32
O21 QXT L . -1.50 24.82 3.61
O22 QXT L . 1.47 25.99 0.64
C15 QXT L . -5.16 24.83 -7.19
C23 QXT L . -7.44 25.59 -5.53
O24 QXT L . -6.97 24.42 -8.90
C26 QXT L . -8.41 24.58 -8.91
CL CL M . 28.13 43.89 25.42
CAA TMO N . 2.80 0.08 2.55
NAC TMO N . 1.57 -0.23 3.28
CAD TMO N . 0.41 0.15 2.45
CAB TMO N . 1.51 -1.64 3.63
OAE TMO N . 1.56 0.41 4.36
C1 QXQ O . -8.49 -14.42 -12.10
C2 QXQ O . -7.39 -14.47 -13.19
C3 QXQ O . -6.90 -13.12 -13.69
C4 QXQ O . -7.91 -13.96 -10.73
C5 QXQ O . -7.48 -15.07 -9.79
C6 QXQ O . -9.22 -15.76 -12.03
N7 QXQ O . -10.20 -15.90 -11.10
C8 QXQ O . -10.99 -17.00 -10.90
C9 QXQ O . -10.93 -18.19 -11.64
C10 QXQ O . -11.76 -19.27 -11.36
C11 QXQ O . -12.69 -19.21 -10.33
C12 QXQ O . -12.77 -18.04 -9.58
C13 QXQ O . -11.93 -16.95 -9.85
C14 QXQ O . -11.63 -20.51 -12.22
N15 QXQ O . -10.55 -21.44 -11.79
C16 QXQ O . -10.69 -22.64 -12.65
C17 QXQ O . -9.56 -23.63 -12.49
C18 QXQ O . -8.27 -23.19 -11.88
C19 QXQ O . -8.09 -21.77 -11.41
C20 QXQ O . -9.20 -20.85 -11.90
C21 QXQ O . -9.50 -13.44 -12.62
O22 QXQ O . -8.93 -16.62 -12.85
O23 QXQ O . -10.26 -13.75 -13.53
C7 QXQ O . -9.72 -24.96 -12.92
C15 QXQ O . -8.64 -25.84 -12.77
C22 QXQ O . -7.38 -25.40 -12.17
C23 QXQ O . -7.21 -24.09 -11.73
O24 QXQ O . -8.52 -27.16 -13.09
O25 QXQ O . -6.53 -26.46 -12.15
C26 QXQ O . -7.19 -27.61 -12.72
CAA TMO P . -16.15 -10.31 -5.10
NAC TMO P . -17.27 -10.10 -6.02
CAD TMO P . -18.51 -10.59 -5.40
CAB TMO P . -17.40 -8.66 -6.31
OAE TMO P . -17.02 -10.73 -7.06
C1 GOL Q . -24.51 -24.76 -10.00
O1 GOL Q . -23.37 -25.60 -10.16
C2 GOL Q . -24.19 -23.34 -10.45
O2 GOL Q . -23.99 -23.31 -11.87
C3 GOL Q . -25.33 -22.40 -10.07
O3 GOL Q . -24.98 -21.04 -10.34
C1 GOL R . -3.25 -52.47 4.18
O1 GOL R . -2.49 -53.67 3.96
C2 GOL R . -4.76 -52.74 4.14
O2 GOL R . -5.24 -52.93 5.47
C3 GOL R . -5.53 -51.59 3.45
O3 GOL R . -6.70 -51.23 4.20
P PO4 S . -14.75 -39.24 0.62
O1 PO4 S . -14.21 -39.49 -0.77
O2 PO4 S . -13.66 -39.56 1.63
O3 PO4 S . -15.19 -37.80 0.77
O4 PO4 S . -15.94 -40.14 0.87
P PO4 T . 10.65 -53.45 -13.23
O1 PO4 T . 10.66 -52.75 -14.57
O2 PO4 T . 12.06 -53.77 -12.79
O3 PO4 T . 10.01 -52.53 -12.20
O4 PO4 T . 9.86 -54.73 -13.32
P PO4 U . -15.26 -45.02 -30.21
O1 PO4 U . -16.16 -45.68 -31.23
O2 PO4 U . -13.91 -45.69 -30.21
O3 PO4 U . -15.88 -45.13 -28.84
O4 PO4 U . -15.11 -43.55 -30.56
P PO4 V . 3.05 -21.93 1.35
O1 PO4 V . 3.80 -21.58 0.09
O2 PO4 V . 3.68 -23.13 2.02
O3 PO4 V . 3.08 -20.75 2.31
O4 PO4 V . 1.61 -22.27 0.98
C2 QXT W . -15.59 -16.21 -10.74
C3 QXT W . -16.90 -15.76 -11.43
C4 QXT W . -17.49 -16.74 -12.46
C5 QXT W . -17.76 -18.13 -11.92
C6 QXT W . -17.95 -15.27 -10.46
C9 QXT W . -19.75 -12.76 -9.92
C10 QXT W . -20.33 -11.54 -9.56
C11 QXT W . -19.66 -10.34 -9.85
C12 QXT W . -18.42 -10.37 -10.46
C13 QXT W . -17.84 -11.58 -10.81
C14 QXT W . -21.69 -11.47 -8.88
C21 QXT W . -24.82 -6.17 -8.16
C22 QXT W . -24.84 -5.85 -9.58
O25 QXT W . -25.47 -4.65 -9.74
C1 QXT W . -15.14 -15.37 -9.54
N7 QXT W . -17.87 -14.01 -10.92
C8 QXT W . -16.94 -14.31 -11.83
C7 QXT W . -18.50 -12.80 -10.55
N15 QXT W . -22.28 -10.16 -9.22
C16 QXT W . -23.08 -10.23 -10.46
C17 QXT W . -23.06 -8.82 -11.06
C18 QXT W . -23.68 -7.87 -10.07
C19 QXT W . -23.66 -8.21 -8.60
C20 QXT W . -23.03 -9.50 -8.11
O21 QXT W . -18.58 -15.85 -9.60
O22 QXT W . -16.33 -13.67 -12.66
C15 QXT W . -24.24 -7.34 -7.67
C23 QXT W . -24.27 -6.69 -10.52
O24 QXT W . -25.45 -5.15 -7.49
C26 QXT W . -25.88 -4.16 -8.45
CL CL X . -9.72 -54.84 -16.16
#